data_1A4S
#
_entry.id   1A4S
#
_cell.length_a   84.170
_cell.length_b   86.220
_cell.length_c   88.330
_cell.angle_alpha   105.20
_cell.angle_beta   115.13
_cell.angle_gamma   100.02
#
_symmetry.space_group_name_H-M   'P 1'
#
loop_
_entity.id
_entity.type
_entity.pdbx_description
1 polymer 'BETAINE ALDEHYDE DEHYDROGENASE'
2 water water
#
_entity_poly.entity_id   1
_entity_poly.type   'polypeptide(L)'
_entity_poly.pdbx_seq_one_letter_code
;AQLVDSMPSASTGSVVVTDDLNYWGGRRIKSKDGATTEPVFEPATGRVLCQMVPCGAEEVDQAVQSAQAAYLKWSKMAGI
ERSRVMLEAARIIRERRDNIAKLEVINNGKTITEAEYDIDAAWQCIEYYAGLAPTLSGQHIQLPGGAFAYTRREPLGVCA
GILAWNYPFMIAAWKCAPALACGNAVVFKPSPMTPVTGVILAEIFHEAGVPVGLVNVVQGGAETGSLLCHHPNVAKVSFT
GSVPTGKKVMEMSAKTVKHVTLELGGKSPLLIFKDCELENAVRGALMANFLTQGQVCTNGTRVFVQREIMPQFLEEVVKR
TKAIVVGDPLLTETRMGGLISKPQLDKVLGFVAQAKKEGARVLCGGEPLTPSDPKLKNGYFMSPCVLDNCRDDMTCVKEE
IFGPVMSVLPFDTEEEVLQRANNTTFGLASGVFTRDISRAHRVAANLEAGTCYINTYSISPVEVPFGGYKMSGFGRENGQ
ATVDYYSQLKTVIVEMGDVDSLF
;
_entity_poly.pdbx_strand_id   A,B,C,D
#
# COMPACT_ATOMS: atom_id res chain seq x y z
N ALA A 1 -4.28 14.86 39.45
CA ALA A 1 -2.91 15.25 39.03
C ALA A 1 -2.00 15.41 40.25
N GLN A 2 -2.56 16.03 41.28
CA GLN A 2 -1.89 16.12 42.57
C GLN A 2 -1.95 14.74 43.22
N LEU A 3 -3.05 14.00 43.00
CA LEU A 3 -3.10 12.61 43.42
C LEU A 3 -2.04 11.77 42.73
N VAL A 4 -1.82 12.00 41.43
CA VAL A 4 -0.81 11.21 40.70
C VAL A 4 0.59 11.55 41.24
N ASP A 5 0.85 12.83 41.50
CA ASP A 5 2.16 13.22 42.03
C ASP A 5 2.41 12.72 43.44
N SER A 6 1.40 12.36 44.20
CA SER A 6 1.50 11.80 45.53
C SER A 6 1.63 10.30 45.59
N MET A 7 1.75 9.61 44.46
CA MET A 7 1.81 8.17 44.43
C MET A 7 3.05 7.56 45.04
N PRO A 8 4.23 8.15 44.95
CA PRO A 8 5.46 7.58 45.44
C PRO A 8 5.41 7.27 46.93
N SER A 9 4.63 8.01 47.71
CA SER A 9 4.46 7.74 49.14
C SER A 9 3.14 7.03 49.45
N ALA A 10 2.43 6.55 48.44
CA ALA A 10 1.16 5.86 48.69
C ALA A 10 1.41 4.37 48.82
N SER A 11 0.39 3.68 49.35
CA SER A 11 0.47 2.25 49.53
C SER A 11 -0.90 1.61 49.68
N THR A 12 -0.98 0.28 49.62
CA THR A 12 -2.30 -0.36 49.59
C THR A 12 -3.07 0.05 50.83
N GLY A 13 -4.36 0.37 50.70
CA GLY A 13 -5.17 0.77 51.86
C GLY A 13 -5.03 2.20 52.30
N SER A 14 -4.18 3.04 51.71
CA SER A 14 -3.98 4.40 52.16
C SER A 14 -4.73 5.46 51.37
N VAL A 15 -5.06 5.20 50.10
CA VAL A 15 -5.61 6.22 49.24
C VAL A 15 -7.11 6.43 49.39
N VAL A 16 -7.51 7.67 49.21
CA VAL A 16 -8.89 8.09 48.97
C VAL A 16 -8.91 9.02 47.75
N VAL A 17 -9.91 8.92 46.87
CA VAL A 17 -9.90 9.80 45.66
C VAL A 17 -10.89 10.93 45.89
N THR A 18 -10.50 12.19 45.78
CA THR A 18 -11.41 13.30 46.07
C THR A 18 -11.71 14.15 44.83
N ASP A 19 -11.19 13.78 43.67
CA ASP A 19 -11.32 14.64 42.48
C ASP A 19 -12.69 14.48 41.84
N ASP A 20 -13.13 15.50 41.09
CA ASP A 20 -14.32 15.29 40.24
C ASP A 20 -13.89 14.45 39.06
N LEU A 21 -14.67 13.43 38.69
CA LEU A 21 -14.26 12.55 37.60
C LEU A 21 -14.91 12.78 36.24
N ASN A 22 -15.84 13.74 36.12
CA ASN A 22 -16.40 14.03 34.80
C ASN A 22 -15.55 15.14 34.19
N TYR A 23 -15.33 15.13 32.87
CA TYR A 23 -14.34 16.02 32.28
C TYR A 23 -14.66 16.40 30.85
N TRP A 24 -15.02 17.67 30.61
CA TRP A 24 -15.21 18.19 29.27
C TRP A 24 -14.97 19.68 29.22
N GLY A 25 -14.69 20.21 28.03
CA GLY A 25 -14.31 21.63 27.96
C GLY A 25 -12.97 21.87 28.63
N GLY A 26 -12.12 20.85 28.69
CA GLY A 26 -10.78 20.98 29.25
C GLY A 26 -10.81 21.12 30.77
N ARG A 27 -11.87 20.65 31.47
CA ARG A 27 -11.83 20.76 32.91
C ARG A 27 -12.74 19.80 33.65
N ARG A 28 -12.38 19.38 34.86
CA ARG A 28 -13.19 18.48 35.67
C ARG A 28 -14.47 19.18 36.14
N ILE A 29 -15.58 18.49 36.04
CA ILE A 29 -16.90 19.03 36.26
C ILE A 29 -17.41 18.68 37.65
N LYS A 30 -17.78 19.73 38.40
CA LYS A 30 -18.35 19.56 39.73
C LYS A 30 -19.72 18.91 39.65
N SER A 31 -19.82 17.72 40.20
CA SER A 31 -21.10 17.00 40.20
C SER A 31 -22.14 17.82 40.95
N LYS A 32 -23.38 17.52 40.62
CA LYS A 32 -24.52 18.21 41.21
C LYS A 32 -25.75 17.38 40.90
N ASP A 33 -26.94 17.90 41.20
CA ASP A 33 -28.19 17.18 40.99
C ASP A 33 -28.52 16.24 42.15
N GLY A 34 -27.50 15.73 42.82
CA GLY A 34 -27.58 14.62 43.73
C GLY A 34 -27.96 13.35 42.97
N ALA A 35 -27.40 13.14 41.79
CA ALA A 35 -27.69 11.91 41.04
C ALA A 35 -27.31 10.73 41.93
N THR A 36 -28.06 9.63 41.85
CA THR A 36 -27.68 8.47 42.66
C THR A 36 -26.26 8.06 42.29
N THR A 37 -25.34 8.05 43.24
CA THR A 37 -23.97 7.66 42.94
C THR A 37 -23.73 6.18 43.13
N GLU A 38 -22.51 5.72 42.78
CA GLU A 38 -22.12 4.34 42.99
C GLU A 38 -20.71 4.27 43.59
N PRO A 39 -20.48 3.32 44.50
CA PRO A 39 -19.17 3.13 45.09
C PRO A 39 -18.10 2.59 44.15
N VAL A 40 -16.85 3.07 44.37
CA VAL A 40 -15.73 2.56 43.56
C VAL A 40 -14.69 2.03 44.55
N PHE A 41 -14.33 0.77 44.41
CA PHE A 41 -13.57 0.01 45.39
C PHE A 41 -12.10 -0.19 45.05
N GLU A 42 -11.32 -0.48 46.10
CA GLU A 42 -9.92 -0.92 45.97
C GLU A 42 -9.96 -2.43 46.14
N PRO A 43 -9.67 -3.19 45.08
CA PRO A 43 -9.84 -4.62 45.09
C PRO A 43 -9.06 -5.37 46.14
N ALA A 44 -7.82 -4.98 46.45
CA ALA A 44 -6.97 -5.68 47.41
C ALA A 44 -7.52 -5.62 48.84
N THR A 45 -8.28 -4.57 49.19
CA THR A 45 -8.72 -4.31 50.54
C THR A 45 -10.23 -4.20 50.72
N GLY A 46 -11.01 -3.89 49.68
CA GLY A 46 -12.46 -3.81 49.89
C GLY A 46 -12.90 -2.41 50.27
N ARG A 47 -11.96 -1.47 50.43
CA ARG A 47 -12.33 -0.11 50.83
C ARG A 47 -13.02 0.61 49.69
N VAL A 48 -13.70 1.71 50.01
CA VAL A 48 -14.37 2.56 49.06
C VAL A 48 -13.42 3.73 48.76
N LEU A 49 -13.09 3.93 47.49
CA LEU A 49 -12.09 4.98 47.20
C LEU A 49 -12.79 6.31 46.96
N CYS A 50 -14.05 6.22 46.49
CA CYS A 50 -14.86 7.36 46.14
C CYS A 50 -16.20 6.89 45.57
N GLN A 51 -17.08 7.85 45.29
CA GLN A 51 -18.35 7.52 44.64
C GLN A 51 -18.30 8.03 43.20
N MET A 52 -18.83 7.23 42.28
CA MET A 52 -18.89 7.67 40.89
C MET A 52 -20.24 8.33 40.61
N VAL A 53 -20.24 9.51 39.97
CA VAL A 53 -21.50 10.18 39.66
C VAL A 53 -21.77 10.18 38.15
N PRO A 54 -22.66 9.28 37.74
CA PRO A 54 -23.03 9.02 36.36
C PRO A 54 -23.70 10.15 35.59
N CYS A 55 -23.43 10.23 34.28
CA CYS A 55 -23.94 11.35 33.49
C CYS A 55 -25.30 11.00 32.87
N GLY A 56 -26.17 12.01 32.78
CA GLY A 56 -27.44 11.82 32.10
C GLY A 56 -27.35 12.52 30.74
N ALA A 57 -28.51 12.69 30.10
CA ALA A 57 -28.61 13.19 28.73
C ALA A 57 -27.97 14.55 28.51
N GLU A 58 -28.19 15.46 29.42
CA GLU A 58 -27.67 16.81 29.45
C GLU A 58 -26.15 16.82 29.51
N GLU A 59 -25.61 15.91 30.31
CA GLU A 59 -24.16 15.86 30.50
C GLU A 59 -23.47 15.31 29.25
N VAL A 60 -24.06 14.25 28.70
CA VAL A 60 -23.50 13.64 27.50
C VAL A 60 -23.48 14.62 26.35
N ASP A 61 -24.59 15.36 26.18
CA ASP A 61 -24.66 16.36 25.12
C ASP A 61 -23.64 17.45 25.30
N GLN A 62 -23.33 17.88 26.54
CA GLN A 62 -22.30 18.91 26.76
C GLN A 62 -20.93 18.41 26.32
N ALA A 63 -20.65 17.16 26.67
CA ALA A 63 -19.43 16.45 26.32
C ALA A 63 -19.25 16.39 24.81
N VAL A 64 -20.32 16.00 24.12
CA VAL A 64 -20.27 15.90 22.65
C VAL A 64 -20.10 17.27 21.99
N GLN A 65 -20.84 18.27 22.44
CA GLN A 65 -20.66 19.63 21.96
C GLN A 65 -19.23 20.12 22.15
N SER A 66 -18.58 19.83 23.27
CA SER A 66 -17.19 20.25 23.49
C SER A 66 -16.22 19.56 22.52
N ALA A 67 -16.47 18.27 22.32
CA ALA A 67 -15.76 17.48 21.31
C ALA A 67 -15.93 18.01 19.91
N GLN A 68 -17.14 18.44 19.53
CA GLN A 68 -17.39 18.99 18.20
C GLN A 68 -16.62 20.25 17.92
N ALA A 69 -16.62 21.25 18.83
CA ALA A 69 -15.87 22.48 18.56
C ALA A 69 -14.37 22.19 18.48
N ALA A 70 -13.81 21.29 19.29
CA ALA A 70 -12.36 21.01 19.14
C ALA A 70 -12.08 20.30 17.81
N TYR A 71 -12.99 19.43 17.39
CA TYR A 71 -12.89 18.74 16.12
C TYR A 71 -12.76 19.69 14.94
N LEU A 72 -13.55 20.76 14.95
CA LEU A 72 -13.42 21.79 13.90
C LEU A 72 -12.00 22.29 13.77
N LYS A 73 -11.27 22.45 14.87
CA LYS A 73 -9.89 22.93 14.79
C LYS A 73 -8.91 21.82 14.44
N TRP A 74 -8.96 20.69 15.15
CA TRP A 74 -7.96 19.62 14.99
C TRP A 74 -7.96 19.04 13.59
N SER A 75 -9.15 18.90 13.00
CA SER A 75 -9.27 18.31 11.67
C SER A 75 -8.72 19.23 10.59
N LYS A 76 -8.47 20.49 10.91
CA LYS A 76 -7.78 21.37 9.98
C LYS A 76 -6.27 21.35 10.18
N MET A 77 -5.75 20.63 11.17
CA MET A 77 -4.29 20.51 11.27
C MET A 77 -3.86 19.31 10.42
N ALA A 78 -2.77 19.48 9.70
CA ALA A 78 -2.20 18.38 8.92
C ALA A 78 -1.60 17.28 9.79
N GLY A 79 -1.26 16.14 9.21
CA GLY A 79 -0.72 14.99 9.92
C GLY A 79 0.51 15.27 10.77
N ILE A 80 1.40 16.07 10.17
CA ILE A 80 2.61 16.49 10.83
C ILE A 80 2.35 17.46 11.96
N GLU A 81 1.24 18.22 11.93
CA GLU A 81 0.90 19.09 13.06
C GLU A 81 0.21 18.32 14.17
N ARG A 82 -0.60 17.34 13.89
CA ARG A 82 -1.15 16.48 14.95
C ARG A 82 -0.09 15.62 15.61
N SER A 83 0.82 15.08 14.82
CA SER A 83 1.92 14.24 15.28
C SER A 83 2.71 14.88 16.44
N ARG A 84 3.07 16.14 16.26
CA ARG A 84 3.94 16.86 17.20
C ARG A 84 3.27 16.93 18.57
N VAL A 85 1.95 17.14 18.61
CA VAL A 85 1.22 17.18 19.86
C VAL A 85 1.13 15.82 20.49
N MET A 86 0.76 14.83 19.66
CA MET A 86 0.68 13.43 20.19
C MET A 86 2.01 12.97 20.78
N LEU A 87 3.14 13.33 20.21
CA LEU A 87 4.47 12.98 20.66
C LEU A 87 4.79 13.60 22.04
N GLU A 88 4.41 14.86 22.27
CA GLU A 88 4.46 15.43 23.60
C GLU A 88 3.57 14.72 24.59
N ALA A 89 2.38 14.23 24.19
CA ALA A 89 1.58 13.47 25.14
C ALA A 89 2.33 12.24 25.61
N ALA A 90 2.83 11.44 24.66
CA ALA A 90 3.55 10.22 24.98
C ALA A 90 4.78 10.52 25.84
N ARG A 91 5.50 11.61 25.58
CA ARG A 91 6.58 12.05 26.46
C ARG A 91 6.09 12.29 27.89
N ILE A 92 4.92 12.89 28.10
CA ILE A 92 4.46 13.17 29.46
C ILE A 92 4.04 11.89 30.18
N ILE A 93 3.43 10.94 29.48
CA ILE A 93 3.06 9.67 30.13
C ILE A 93 4.33 8.91 30.54
N ARG A 94 5.33 8.92 29.66
CA ARG A 94 6.61 8.31 29.95
C ARG A 94 7.18 8.81 31.29
N GLU A 95 7.31 10.13 31.42
CA GLU A 95 7.84 10.75 32.61
C GLU A 95 7.05 10.35 33.85
N ARG A 96 5.73 10.16 33.80
CA ARG A 96 4.91 9.91 34.98
C ARG A 96 4.45 8.46 35.06
N ARG A 97 5.22 7.60 34.39
CA ARG A 97 4.87 6.20 34.19
C ARG A 97 4.60 5.47 35.49
N ASP A 98 5.61 5.50 36.39
CA ASP A 98 5.49 4.77 37.66
C ASP A 98 4.35 5.31 38.50
N ASN A 99 4.14 6.63 38.58
CA ASN A 99 3.02 7.11 39.41
C ASN A 99 1.67 6.69 38.85
N ILE A 100 1.53 6.85 37.52
CA ILE A 100 0.27 6.41 36.88
C ILE A 100 0.03 4.94 37.09
N ALA A 101 1.06 4.08 36.96
CA ALA A 101 0.86 2.64 37.12
C ALA A 101 0.34 2.30 38.51
N LYS A 102 0.97 2.89 39.53
CA LYS A 102 0.59 2.69 40.92
C LYS A 102 -0.88 2.98 41.11
N LEU A 103 -1.35 4.16 40.69
CA LEU A 103 -2.79 4.49 40.84
C LEU A 103 -3.66 3.51 40.04
N GLU A 104 -3.14 3.03 38.89
CA GLU A 104 -3.93 2.06 38.09
C GLU A 104 -4.10 0.78 38.90
N VAL A 105 -3.05 0.36 39.62
CA VAL A 105 -3.18 -0.85 40.47
C VAL A 105 -4.19 -0.65 41.58
N ILE A 106 -4.21 0.51 42.23
CA ILE A 106 -5.09 0.72 43.38
C ILE A 106 -6.56 0.58 43.01
N ASN A 107 -6.96 1.14 41.85
CA ASN A 107 -8.34 1.00 41.42
C ASN A 107 -8.68 -0.36 40.85
N ASN A 108 -7.81 -0.93 40.01
CA ASN A 108 -8.14 -2.12 39.23
C ASN A 108 -7.72 -3.41 39.89
N GLY A 109 -6.61 -3.38 40.67
CA GLY A 109 -6.26 -4.57 41.42
C GLY A 109 -5.16 -5.42 40.83
N LYS A 110 -4.67 -5.10 39.65
CA LYS A 110 -3.66 -5.98 39.05
C LYS A 110 -2.32 -5.69 39.67
N THR A 111 -1.27 -6.52 39.47
CA THR A 111 0.04 -6.25 40.08
C THR A 111 0.75 -5.09 39.43
N ILE A 112 1.71 -4.42 40.13
CA ILE A 112 2.44 -3.34 39.51
C ILE A 112 3.34 -3.96 38.43
N THR A 113 3.78 -5.21 38.57
CA THR A 113 4.60 -5.79 37.53
C THR A 113 3.87 -5.72 36.19
N GLU A 114 2.61 -6.17 36.18
CA GLU A 114 1.79 -6.04 34.96
C GLU A 114 1.49 -4.59 34.68
N ALA A 115 1.10 -3.80 35.66
CA ALA A 115 0.67 -2.44 35.38
C ALA A 115 1.71 -1.60 34.65
N GLU A 116 3.00 -1.78 34.93
CA GLU A 116 4.04 -1.04 34.26
C GLU A 116 4.05 -1.36 32.77
N TYR A 117 3.82 -2.61 32.39
CA TYR A 117 3.68 -2.96 30.97
C TYR A 117 2.46 -2.36 30.30
N ASP A 118 1.33 -2.25 31.03
CA ASP A 118 0.13 -1.61 30.54
C ASP A 118 0.46 -0.16 30.19
N ILE A 119 1.17 0.53 31.07
CA ILE A 119 1.27 1.98 30.93
C ILE A 119 2.26 2.27 29.82
N ASP A 120 3.27 1.41 29.69
CA ASP A 120 4.23 1.53 28.59
C ASP A 120 3.51 1.28 27.27
N ALA A 121 2.69 0.23 27.15
CA ALA A 121 1.84 0.02 25.98
C ALA A 121 0.99 1.25 25.65
N ALA A 122 0.44 1.94 26.64
CA ALA A 122 -0.33 3.14 26.35
C ALA A 122 0.50 4.25 25.72
N TRP A 123 1.66 4.62 26.24
CA TRP A 123 2.44 5.67 25.57
C TRP A 123 3.03 5.15 24.25
N GLN A 124 3.36 3.88 24.10
CA GLN A 124 3.90 3.40 22.82
C GLN A 124 2.81 3.43 21.73
N CYS A 125 1.55 3.18 22.10
CA CYS A 125 0.47 3.22 21.12
C CYS A 125 0.25 4.65 20.62
N ILE A 126 0.35 5.65 21.49
CA ILE A 126 0.19 7.04 21.11
C ILE A 126 1.37 7.47 20.26
N GLU A 127 2.59 7.02 20.59
CA GLU A 127 3.72 7.37 19.74
C GLU A 127 3.64 6.70 18.37
N TYR A 128 3.21 5.44 18.31
CA TYR A 128 2.99 4.74 17.06
C TYR A 128 1.96 5.39 16.13
N TYR A 129 0.88 5.97 16.67
CA TYR A 129 -0.14 6.58 15.79
C TYR A 129 0.23 7.98 15.38
N ALA A 130 1.00 8.67 16.23
CA ALA A 130 1.66 9.91 15.90
C ALA A 130 2.52 9.78 14.66
N GLY A 131 3.34 8.71 14.65
CA GLY A 131 4.20 8.38 13.54
C GLY A 131 3.44 8.09 12.23
N LEU A 132 2.28 7.46 12.31
CA LEU A 132 1.41 7.25 11.15
C LEU A 132 0.64 8.46 10.63
N ALA A 133 0.37 9.46 11.47
CA ALA A 133 -0.31 10.67 11.11
C ALA A 133 0.15 11.38 9.85
N PRO A 134 1.44 11.66 9.66
CA PRO A 134 1.94 12.32 8.46
C PRO A 134 1.98 11.45 7.21
N THR A 135 1.62 10.20 7.36
CA THR A 135 1.68 9.15 6.34
C THR A 135 0.31 8.95 5.74
N LEU A 136 -0.74 9.35 6.45
CA LEU A 136 -2.13 9.21 6.07
C LEU A 136 -2.39 9.74 4.66
N SER A 137 -2.98 8.94 3.79
CA SER A 137 -3.26 9.46 2.46
C SER A 137 -4.26 8.62 1.64
N GLY A 138 -4.71 9.22 0.56
CA GLY A 138 -5.60 8.56 -0.40
C GLY A 138 -4.82 8.29 -1.66
N GLN A 139 -5.49 8.15 -2.79
CA GLN A 139 -4.83 7.79 -4.06
C GLN A 139 -4.96 8.86 -5.13
N HIS A 140 -4.16 8.73 -6.17
CA HIS A 140 -4.35 9.47 -7.42
C HIS A 140 -4.38 8.49 -8.57
N ILE A 141 -5.49 8.49 -9.32
CA ILE A 141 -5.64 7.48 -10.37
C ILE A 141 -5.96 8.09 -11.72
N GLN A 142 -5.23 7.67 -12.76
CA GLN A 142 -5.51 8.19 -14.10
C GLN A 142 -6.60 7.41 -14.85
N LEU A 143 -7.63 8.13 -15.38
CA LEU A 143 -8.84 7.47 -15.90
C LEU A 143 -8.95 7.63 -17.42
N PRO A 144 -9.75 6.80 -18.07
CA PRO A 144 -9.86 6.82 -19.50
C PRO A 144 -10.17 8.21 -20.03
N GLY A 145 -9.44 8.59 -21.08
CA GLY A 145 -9.73 9.79 -21.83
C GLY A 145 -9.43 11.08 -21.10
N GLY A 146 -8.36 11.11 -20.31
CA GLY A 146 -7.89 12.33 -19.68
C GLY A 146 -8.48 12.71 -18.35
N ALA A 147 -9.66 12.23 -17.93
CA ALA A 147 -10.12 12.54 -16.59
C ALA A 147 -9.17 11.94 -15.53
N PHE A 148 -9.28 12.36 -14.26
CA PHE A 148 -8.51 11.66 -13.21
C PHE A 148 -9.31 11.67 -11.92
N ALA A 149 -9.11 10.77 -11.00
CA ALA A 149 -9.75 10.77 -9.70
C ALA A 149 -8.69 10.83 -8.56
N TYR A 150 -9.15 11.26 -7.37
CA TYR A 150 -8.22 11.24 -6.22
C TYR A 150 -9.09 10.93 -5.02
N THR A 151 -8.58 10.23 -4.01
CA THR A 151 -9.38 10.06 -2.81
C THR A 151 -8.76 10.90 -1.69
N ARG A 152 -9.55 11.51 -0.82
CA ARG A 152 -9.03 12.23 0.32
C ARG A 152 -9.31 11.30 1.52
N ARG A 153 -8.34 11.02 2.37
CA ARG A 153 -8.64 10.31 3.62
C ARG A 153 -9.04 11.35 4.65
N GLU A 154 -10.23 11.29 5.21
CA GLU A 154 -10.80 12.29 6.09
C GLU A 154 -11.17 11.66 7.43
N PRO A 155 -11.22 12.48 8.49
CA PRO A 155 -11.75 12.08 9.76
C PRO A 155 -13.23 11.80 9.71
N LEU A 156 -13.74 11.16 10.75
CA LEU A 156 -15.15 10.87 10.91
C LEU A 156 -15.88 12.02 11.63
N GLY A 157 -15.34 12.44 12.78
CA GLY A 157 -16.08 13.50 13.55
C GLY A 157 -15.87 13.25 15.05
N VAL A 158 -16.96 13.12 15.81
CA VAL A 158 -16.82 12.81 17.23
C VAL A 158 -16.96 11.30 17.38
N CYS A 159 -15.91 10.62 17.88
CA CYS A 159 -15.97 9.19 18.10
C CYS A 159 -16.19 8.93 19.58
N ALA A 160 -17.01 7.96 19.90
CA ALA A 160 -17.29 7.61 21.28
C ALA A 160 -16.60 6.27 21.56
N GLY A 161 -15.97 6.13 22.72
CA GLY A 161 -15.47 4.81 23.11
C GLY A 161 -16.13 4.41 24.42
N ILE A 162 -16.49 3.13 24.51
CA ILE A 162 -17.08 2.61 25.74
C ILE A 162 -16.12 1.51 26.19
N LEU A 163 -15.57 1.65 27.39
CA LEU A 163 -14.39 0.86 27.75
C LEU A 163 -14.70 -0.16 28.82
N ALA A 164 -13.74 -1.08 29.01
CA ALA A 164 -13.88 -2.13 30.02
C ALA A 164 -12.94 -1.84 31.20
N TRP A 165 -13.09 -2.63 32.26
CA TRP A 165 -12.38 -2.33 33.50
C TRP A 165 -11.10 -3.12 33.68
N ASN A 166 -10.79 -4.02 32.74
CA ASN A 166 -9.62 -4.87 32.99
C ASN A 166 -8.31 -4.26 32.62
N TYR A 167 -8.25 -3.26 31.72
CA TYR A 167 -7.05 -2.53 31.34
C TYR A 167 -7.44 -1.07 31.11
N PRO A 168 -7.74 -0.35 32.19
CA PRO A 168 -8.35 0.96 32.10
C PRO A 168 -7.59 2.00 31.33
N PHE A 169 -6.34 2.27 31.69
CA PHE A 169 -5.61 3.37 31.07
C PHE A 169 -5.21 2.97 29.66
N MET A 170 -4.76 1.73 29.50
CA MET A 170 -4.26 1.23 28.22
C MET A 170 -5.39 1.16 27.17
N ILE A 171 -6.57 0.63 27.53
CA ILE A 171 -7.69 0.66 26.59
C ILE A 171 -8.17 2.08 26.29
N ALA A 172 -8.09 3.06 27.20
CA ALA A 172 -8.48 4.40 26.85
C ALA A 172 -7.59 4.86 25.68
N ALA A 173 -6.29 4.61 25.85
CA ALA A 173 -5.25 5.06 24.96
C ALA A 173 -5.35 4.37 23.60
N TRP A 174 -5.56 3.06 23.60
CA TRP A 174 -5.79 2.33 22.36
C TRP A 174 -6.99 2.87 21.54
N LYS A 175 -7.98 3.51 22.13
CA LYS A 175 -9.04 4.13 21.31
C LYS A 175 -8.72 5.58 21.04
N CYS A 176 -8.08 6.29 21.99
CA CYS A 176 -7.73 7.68 21.65
C CYS A 176 -6.70 7.83 20.56
N ALA A 177 -5.71 6.93 20.50
CA ALA A 177 -4.53 7.18 19.66
C ALA A 177 -4.87 7.19 18.19
N PRO A 178 -5.43 6.11 17.63
CA PRO A 178 -5.86 6.09 16.24
C PRO A 178 -6.92 7.14 15.91
N ALA A 179 -7.84 7.44 16.82
CA ALA A 179 -8.88 8.45 16.60
C ALA A 179 -8.31 9.84 16.39
N LEU A 180 -7.37 10.21 17.26
CA LEU A 180 -6.71 11.50 17.19
C LEU A 180 -5.77 11.62 16.02
N ALA A 181 -4.98 10.56 15.75
CA ALA A 181 -4.05 10.66 14.62
C ALA A 181 -4.82 10.87 13.31
N CYS A 182 -5.96 10.21 13.16
CA CYS A 182 -6.82 10.46 11.97
C CYS A 182 -7.57 11.77 11.94
N GLY A 183 -7.52 12.60 13.00
CA GLY A 183 -8.13 13.91 12.98
C GLY A 183 -9.48 14.00 13.65
N ASN A 184 -9.89 13.01 14.47
CA ASN A 184 -11.16 13.06 15.14
C ASN A 184 -11.08 13.68 16.55
N ALA A 185 -12.24 13.93 17.14
CA ALA A 185 -12.35 14.34 18.53
C ALA A 185 -12.87 13.09 19.27
N VAL A 186 -12.71 12.98 20.60
CA VAL A 186 -13.17 11.80 21.30
C VAL A 186 -13.92 12.09 22.61
N VAL A 187 -14.96 11.30 22.86
CA VAL A 187 -15.68 11.26 24.13
C VAL A 187 -15.63 9.82 24.61
N PHE A 188 -15.04 9.52 25.76
CA PHE A 188 -15.05 8.12 26.23
C PHE A 188 -15.67 7.98 27.62
N LYS A 189 -16.09 6.75 27.92
CA LYS A 189 -16.77 6.40 29.14
C LYS A 189 -16.07 5.22 29.82
N PRO A 190 -15.34 5.47 30.89
CA PRO A 190 -14.69 4.35 31.59
C PRO A 190 -15.71 3.40 32.15
N SER A 191 -15.39 2.12 32.34
CA SER A 191 -16.23 1.32 33.24
C SER A 191 -16.43 2.08 34.54
N PRO A 192 -17.62 2.03 35.12
CA PRO A 192 -17.93 2.72 36.37
C PRO A 192 -17.20 2.14 37.58
N MET A 193 -16.54 1.00 37.45
CA MET A 193 -15.75 0.37 38.48
C MET A 193 -14.32 0.89 38.48
N THR A 194 -13.89 1.42 37.32
CA THR A 194 -12.57 2.00 37.15
C THR A 194 -12.60 3.33 36.41
N PRO A 195 -13.12 4.36 37.06
CA PRO A 195 -13.27 5.68 36.46
C PRO A 195 -12.10 6.60 36.56
N VAL A 196 -11.06 6.34 37.37
CA VAL A 196 -10.17 7.44 37.73
C VAL A 196 -8.98 7.61 36.84
N THR A 197 -8.28 6.59 36.34
CA THR A 197 -7.08 6.89 35.52
C THR A 197 -7.40 7.41 34.13
N GLY A 198 -8.62 7.14 33.67
CA GLY A 198 -9.10 7.73 32.42
C GLY A 198 -8.98 9.24 32.29
N VAL A 199 -9.30 9.98 33.35
CA VAL A 199 -9.27 11.44 33.21
C VAL A 199 -7.87 11.97 33.26
N ILE A 200 -6.90 11.20 33.78
CA ILE A 200 -5.49 11.60 33.69
C ILE A 200 -5.03 11.62 32.24
N LEU A 201 -5.36 10.56 31.49
CA LEU A 201 -5.05 10.57 30.05
C LEU A 201 -5.60 11.83 29.36
N ALA A 202 -6.87 12.10 29.65
CA ALA A 202 -7.49 13.29 29.03
C ALA A 202 -6.82 14.57 29.43
N GLU A 203 -6.37 14.71 30.68
CA GLU A 203 -5.64 15.94 31.06
C GLU A 203 -4.30 16.04 30.38
N ILE A 204 -3.63 14.87 30.19
CA ILE A 204 -2.29 14.93 29.57
C ILE A 204 -2.35 15.34 28.11
N PHE A 205 -3.43 14.98 27.36
CA PHE A 205 -3.55 15.44 25.97
C PHE A 205 -3.67 16.95 25.90
N HIS A 206 -4.44 17.52 26.84
CA HIS A 206 -4.58 18.97 26.93
C HIS A 206 -3.28 19.66 27.29
N GLU A 207 -2.55 19.08 28.26
CA GLU A 207 -1.20 19.58 28.56
C GLU A 207 -0.31 19.56 27.32
N ALA A 208 -0.43 18.45 26.54
CA ALA A 208 0.39 18.37 25.33
C ALA A 208 0.03 19.36 24.24
N GLY A 209 -1.17 19.96 24.24
CA GLY A 209 -1.45 21.02 23.30
C GLY A 209 -2.66 20.78 22.43
N VAL A 210 -3.48 19.78 22.75
CA VAL A 210 -4.71 19.54 21.93
C VAL A 210 -5.68 20.70 22.07
N PRO A 211 -6.38 21.07 20.99
CA PRO A 211 -7.43 22.08 21.06
C PRO A 211 -8.37 21.74 22.20
N VAL A 212 -8.71 22.74 23.03
CA VAL A 212 -9.55 22.51 24.20
C VAL A 212 -10.85 21.79 23.89
N GLY A 213 -11.07 20.67 24.57
CA GLY A 213 -12.29 19.91 24.44
C GLY A 213 -12.06 18.70 23.54
N LEU A 214 -10.86 18.52 22.97
CA LEU A 214 -10.67 17.40 22.05
C LEU A 214 -10.89 16.03 22.67
N VAL A 215 -10.46 15.80 23.92
CA VAL A 215 -10.64 14.50 24.58
C VAL A 215 -11.49 14.68 25.83
N ASN A 216 -12.65 14.06 25.92
CA ASN A 216 -13.63 14.23 26.98
C ASN A 216 -13.95 12.97 27.71
N VAL A 217 -14.39 13.04 28.97
CA VAL A 217 -14.67 11.83 29.73
C VAL A 217 -16.03 11.95 30.42
N VAL A 218 -16.91 10.96 30.20
CA VAL A 218 -18.21 10.96 30.86
C VAL A 218 -18.29 9.62 31.59
N GLN A 219 -18.64 9.68 32.87
CA GLN A 219 -18.72 8.46 33.66
C GLN A 219 -20.17 7.99 33.71
N GLY A 220 -20.44 6.72 33.98
CA GLY A 220 -21.81 6.24 34.14
C GLY A 220 -21.80 4.75 33.80
N GLY A 221 -22.94 4.08 33.85
CA GLY A 221 -23.08 2.71 33.40
C GLY A 221 -23.87 2.59 32.08
N ALA A 222 -24.76 1.62 31.97
CA ALA A 222 -25.46 1.28 30.75
C ALA A 222 -26.25 2.46 30.18
N GLU A 223 -26.99 3.22 30.97
CA GLU A 223 -27.74 4.38 30.51
C GLU A 223 -26.85 5.45 29.91
N THR A 224 -25.74 5.78 30.56
CA THR A 224 -24.76 6.71 30.01
C THR A 224 -24.24 6.17 28.68
N GLY A 225 -24.00 4.87 28.62
CA GLY A 225 -23.48 4.22 27.40
C GLY A 225 -24.49 4.23 26.27
N SER A 226 -25.77 4.02 26.63
CA SER A 226 -26.85 4.19 25.66
C SER A 226 -26.96 5.60 25.14
N LEU A 227 -26.87 6.64 25.99
CA LEU A 227 -26.96 8.00 25.43
C LEU A 227 -25.91 8.23 24.34
N LEU A 228 -24.69 7.75 24.52
CA LEU A 228 -23.66 7.91 23.52
C LEU A 228 -24.03 7.24 22.20
N CYS A 229 -24.52 5.99 22.29
CA CYS A 229 -24.94 5.24 21.11
C CYS A 229 -26.09 5.88 20.34
N HIS A 230 -26.97 6.59 21.03
CA HIS A 230 -28.12 7.29 20.47
C HIS A 230 -27.82 8.72 20.08
N HIS A 231 -26.69 9.30 20.51
CA HIS A 231 -26.51 10.74 20.25
C HIS A 231 -26.40 11.00 18.76
N PRO A 232 -27.19 11.93 18.21
CA PRO A 232 -27.24 12.24 16.79
C PRO A 232 -26.00 12.85 16.22
N ASN A 233 -25.09 13.39 17.03
CA ASN A 233 -23.90 14.05 16.56
C ASN A 233 -22.61 13.29 16.90
N VAL A 234 -22.75 12.03 17.26
CA VAL A 234 -21.59 11.12 17.39
C VAL A 234 -21.44 10.33 16.11
N ALA A 235 -20.28 10.32 15.45
CA ALA A 235 -20.19 9.62 14.16
C ALA A 235 -19.85 8.14 14.20
N LYS A 236 -19.25 7.70 15.30
CA LYS A 236 -18.77 6.35 15.45
C LYS A 236 -18.76 5.94 16.91
N VAL A 237 -19.04 4.68 17.21
CA VAL A 237 -18.91 4.15 18.56
C VAL A 237 -17.90 2.99 18.50
N SER A 238 -16.98 2.91 19.46
CA SER A 238 -16.11 1.73 19.56
C SER A 238 -16.31 1.14 20.96
N PHE A 239 -16.69 -0.13 21.05
CA PHE A 239 -17.09 -0.73 22.31
C PHE A 239 -16.15 -1.88 22.66
N THR A 240 -15.84 -2.06 23.92
CA THR A 240 -15.13 -3.26 24.39
C THR A 240 -15.98 -3.82 25.55
N GLY A 241 -16.23 -5.10 25.57
CA GLY A 241 -17.11 -5.68 26.57
C GLY A 241 -17.63 -7.05 26.21
N SER A 242 -18.74 -7.42 26.83
CA SER A 242 -19.38 -8.71 26.61
C SER A 242 -20.21 -8.81 25.33
N VAL A 243 -20.54 -10.04 24.94
CA VAL A 243 -21.25 -10.37 23.73
C VAL A 243 -22.64 -9.76 23.69
N PRO A 244 -23.38 -10.02 24.77
CA PRO A 244 -24.73 -9.52 24.90
C PRO A 244 -24.79 -8.00 24.91
N THR A 245 -23.84 -7.33 25.56
CA THR A 245 -23.89 -5.87 25.54
C THR A 245 -23.47 -5.36 24.17
N GLY A 246 -22.56 -6.04 23.49
CA GLY A 246 -22.08 -5.57 22.18
C GLY A 246 -23.19 -5.65 21.13
N LYS A 247 -23.99 -6.71 21.18
CA LYS A 247 -25.19 -6.85 20.37
C LYS A 247 -26.13 -5.66 20.50
N LYS A 248 -26.42 -5.24 21.73
CA LYS A 248 -27.30 -4.11 21.97
C LYS A 248 -26.70 -2.81 21.49
N VAL A 249 -25.39 -2.64 21.68
CA VAL A 249 -24.72 -1.44 21.15
C VAL A 249 -24.94 -1.30 19.65
N MET A 250 -24.79 -2.43 18.95
CA MET A 250 -24.90 -2.46 17.50
C MET A 250 -26.30 -2.15 17.03
N GLU A 251 -27.31 -2.70 17.66
CA GLU A 251 -28.71 -2.31 17.56
C GLU A 251 -28.97 -0.85 17.86
N MET A 252 -28.52 -0.27 18.96
CA MET A 252 -28.81 1.12 19.26
C MET A 252 -28.16 2.02 18.22
N SER A 253 -26.99 1.61 17.73
CA SER A 253 -26.20 2.38 16.78
C SER A 253 -26.80 2.37 15.38
N ALA A 254 -27.63 1.40 15.07
CA ALA A 254 -28.37 1.31 13.83
C ALA A 254 -29.37 2.44 13.62
N LYS A 255 -29.91 3.07 14.66
CA LYS A 255 -30.84 4.18 14.53
C LYS A 255 -30.27 5.41 13.83
N THR A 256 -28.98 5.65 13.93
CA THR A 256 -28.35 6.76 13.23
C THR A 256 -27.29 6.30 12.26
N VAL A 257 -27.35 5.04 11.85
CA VAL A 257 -26.43 4.49 10.86
C VAL A 257 -24.96 4.72 11.23
N LYS A 258 -24.59 4.52 12.50
CA LYS A 258 -23.28 4.85 13.02
C LYS A 258 -22.21 3.85 12.57
N HIS A 259 -20.98 4.33 12.38
CA HIS A 259 -19.85 3.38 12.33
C HIS A 259 -19.70 2.68 13.68
N VAL A 260 -19.55 1.36 13.66
CA VAL A 260 -19.41 0.56 14.87
C VAL A 260 -18.20 -0.37 14.86
N THR A 261 -17.41 -0.42 15.95
CA THR A 261 -16.43 -1.51 16.04
C THR A 261 -16.68 -2.24 17.36
N LEU A 262 -16.60 -3.56 17.41
CA LEU A 262 -16.88 -4.33 18.60
C LEU A 262 -15.70 -5.26 18.92
N GLU A 263 -15.24 -5.23 20.16
CA GLU A 263 -14.20 -6.14 20.66
C GLU A 263 -14.79 -6.94 21.81
N LEU A 264 -15.32 -8.12 21.52
CA LEU A 264 -16.12 -8.84 22.54
C LEU A 264 -15.27 -9.89 23.24
N GLY A 265 -15.84 -10.85 23.97
CA GLY A 265 -14.90 -11.66 24.79
C GLY A 265 -14.43 -12.88 23.96
N GLY A 266 -14.12 -13.97 24.71
CA GLY A 266 -13.71 -15.17 23.97
C GLY A 266 -13.77 -16.43 24.80
N LYS A 267 -13.48 -17.54 24.15
CA LYS A 267 -13.24 -18.83 24.78
C LYS A 267 -12.09 -19.47 23.99
N SER A 268 -10.95 -18.76 23.96
CA SER A 268 -9.88 -19.11 23.03
C SER A 268 -9.20 -20.44 23.36
N PRO A 269 -8.83 -21.17 22.30
CA PRO A 269 -8.22 -22.49 22.49
C PRO A 269 -6.70 -22.43 22.37
N LEU A 270 -6.05 -23.30 23.18
CA LEU A 270 -4.58 -23.38 23.10
C LEU A 270 -4.20 -24.82 22.85
N LEU A 271 -3.61 -25.10 21.68
CA LEU A 271 -3.33 -26.49 21.31
C LEU A 271 -1.84 -26.84 21.52
N ILE A 272 -1.63 -27.89 22.30
CA ILE A 272 -0.30 -28.29 22.75
C ILE A 272 -0.04 -29.69 22.22
N PHE A 273 0.77 -29.82 21.19
CA PHE A 273 1.08 -31.10 20.59
C PHE A 273 2.22 -31.80 21.34
N LYS A 274 2.36 -33.10 21.04
CA LYS A 274 3.34 -33.90 21.80
C LYS A 274 4.77 -33.55 21.45
N ASP A 275 5.04 -33.00 20.27
CA ASP A 275 6.39 -32.59 19.92
C ASP A 275 6.72 -31.21 20.43
N CYS A 276 6.01 -30.54 21.32
CA CYS A 276 6.38 -29.23 21.80
C CYS A 276 7.61 -29.26 22.69
N GLU A 277 8.14 -28.08 23.05
CA GLU A 277 9.05 -27.99 24.20
C GLU A 277 8.21 -27.81 25.46
N LEU A 278 8.10 -28.81 26.31
CA LEU A 278 7.16 -28.81 27.43
C LEU A 278 7.20 -27.59 28.34
N GLU A 279 8.38 -27.15 28.75
CA GLU A 279 8.46 -25.99 29.66
C GLU A 279 7.90 -24.74 28.97
N ASN A 280 8.16 -24.56 27.67
CA ASN A 280 7.63 -23.38 26.95
C ASN A 280 6.13 -23.51 26.81
N ALA A 281 5.59 -24.72 26.53
CA ALA A 281 4.14 -24.88 26.61
C ALA A 281 3.58 -24.58 28.00
N VAL A 282 4.21 -25.03 29.08
CA VAL A 282 3.75 -24.74 30.44
C VAL A 282 3.72 -23.23 30.66
N ARG A 283 4.83 -22.53 30.38
CA ARG A 283 4.79 -21.06 30.44
C ARG A 283 3.62 -20.51 29.60
N GLY A 284 3.47 -20.98 28.35
CA GLY A 284 2.37 -20.52 27.50
C GLY A 284 1.03 -20.65 28.19
N ALA A 285 0.67 -21.85 28.68
CA ALA A 285 -0.65 -22.03 29.31
C ALA A 285 -0.86 -21.12 30.52
N LEU A 286 0.19 -20.90 31.31
CA LEU A 286 0.12 -20.05 32.49
C LEU A 286 -0.09 -18.61 32.05
N MET A 287 0.69 -18.15 31.08
CA MET A 287 0.53 -16.78 30.58
C MET A 287 -0.79 -16.62 29.80
N ALA A 288 -1.39 -17.72 29.38
CA ALA A 288 -2.67 -17.71 28.68
C ALA A 288 -3.85 -17.64 29.63
N ASN A 289 -3.63 -17.83 30.94
CA ASN A 289 -4.81 -17.91 31.81
C ASN A 289 -4.78 -17.03 33.04
N PHE A 290 -3.58 -16.72 33.56
CA PHE A 290 -3.54 -15.99 34.83
C PHE A 290 -3.06 -14.57 34.91
N LEU A 291 -2.85 -13.84 33.80
CA LEU A 291 -2.54 -12.44 33.90
C LEU A 291 -3.74 -11.67 34.40
N THR A 292 -3.52 -10.56 35.11
CA THR A 292 -4.66 -9.75 35.56
C THR A 292 -5.78 -10.55 36.17
N GLN A 293 -5.40 -11.50 37.07
CA GLN A 293 -6.35 -12.32 37.82
C GLN A 293 -7.27 -13.13 36.93
N GLY A 294 -6.82 -13.51 35.73
CA GLY A 294 -7.66 -14.25 34.81
C GLY A 294 -8.71 -13.38 34.15
N GLN A 295 -8.62 -12.06 34.16
CA GLN A 295 -9.68 -11.19 33.63
C GLN A 295 -9.23 -10.55 32.30
N VAL A 296 -8.94 -11.39 31.29
CA VAL A 296 -8.35 -11.01 30.02
C VAL A 296 -9.11 -11.67 28.86
N CYS A 297 -9.45 -10.86 27.86
CA CYS A 297 -10.33 -11.28 26.75
C CYS A 297 -9.76 -12.33 25.86
N THR A 298 -8.45 -12.31 25.56
CA THR A 298 -7.83 -13.33 24.71
C THR A 298 -7.40 -14.61 25.40
N ASN A 299 -7.55 -14.70 26.72
CA ASN A 299 -7.01 -15.84 27.47
C ASN A 299 -7.32 -17.17 26.80
N GLY A 300 -6.35 -18.09 26.74
CA GLY A 300 -6.58 -19.44 26.15
C GLY A 300 -7.09 -20.34 27.28
N THR A 301 -8.41 -20.27 27.48
CA THR A 301 -9.05 -20.88 28.65
C THR A 301 -9.52 -22.28 28.37
N ARG A 302 -9.33 -22.77 27.16
CA ARG A 302 -9.54 -24.18 26.84
C ARG A 302 -8.19 -24.73 26.40
N VAL A 303 -7.51 -25.44 27.32
CA VAL A 303 -6.16 -25.93 26.97
C VAL A 303 -6.19 -27.37 26.51
N PHE A 304 -5.93 -27.57 25.21
CA PHE A 304 -6.09 -28.92 24.64
C PHE A 304 -4.70 -29.56 24.64
N VAL A 305 -4.52 -30.66 25.37
CA VAL A 305 -3.13 -31.20 25.41
C VAL A 305 -3.07 -32.63 24.89
N GLN A 306 -2.22 -32.93 23.90
CA GLN A 306 -2.18 -34.26 23.31
C GLN A 306 -1.99 -35.33 24.37
N ARG A 307 -2.84 -36.34 24.37
CA ARG A 307 -2.97 -37.35 25.38
C ARG A 307 -1.66 -37.89 25.97
N GLU A 308 -0.65 -38.22 25.18
CA GLU A 308 0.61 -38.74 25.64
C GLU A 308 1.33 -37.86 26.66
N ILE A 309 1.30 -36.52 26.52
CA ILE A 309 2.09 -35.68 27.40
C ILE A 309 1.22 -35.02 28.46
N MET A 310 -0.04 -35.41 28.54
CA MET A 310 -0.97 -34.80 29.47
C MET A 310 -0.53 -34.91 30.92
N PRO A 311 -0.18 -36.10 31.39
CA PRO A 311 0.27 -36.28 32.78
C PRO A 311 1.41 -35.37 33.15
N GLN A 312 2.52 -35.34 32.39
CA GLN A 312 3.61 -34.43 32.70
C GLN A 312 3.23 -32.97 32.53
N PHE A 313 2.29 -32.63 31.63
CA PHE A 313 1.91 -31.21 31.51
C PHE A 313 1.19 -30.76 32.78
N LEU A 314 0.26 -31.56 33.24
CA LEU A 314 -0.59 -31.36 34.40
C LEU A 314 0.18 -31.27 35.70
N GLU A 315 1.20 -32.15 35.82
CA GLU A 315 2.05 -32.17 37.01
C GLU A 315 2.71 -30.81 37.21
N GLU A 316 3.38 -30.34 36.13
CA GLU A 316 4.07 -29.07 36.24
C GLU A 316 3.11 -27.90 36.28
N VAL A 317 1.96 -27.99 35.56
CA VAL A 317 1.14 -26.77 35.50
C VAL A 317 0.40 -26.55 36.82
N VAL A 318 0.02 -27.65 37.50
CA VAL A 318 -0.56 -27.50 38.83
C VAL A 318 0.42 -26.99 39.88
N LYS A 319 1.68 -27.42 39.84
CA LYS A 319 2.67 -26.95 40.83
C LYS A 319 2.98 -25.47 40.65
N ARG A 320 3.14 -25.07 39.37
CA ARG A 320 3.30 -23.64 39.06
C ARG A 320 2.10 -22.78 39.44
N THR A 321 0.87 -23.26 39.29
CA THR A 321 -0.29 -22.44 39.64
C THR A 321 -0.40 -22.25 41.14
N LYS A 322 -0.24 -23.34 41.89
CA LYS A 322 -0.20 -23.24 43.35
C LYS A 322 0.93 -22.37 43.86
N ALA A 323 2.05 -22.23 43.14
CA ALA A 323 3.14 -21.38 43.60
C ALA A 323 2.82 -19.91 43.40
N ILE A 324 1.81 -19.55 42.59
CA ILE A 324 1.54 -18.13 42.32
C ILE A 324 1.32 -17.34 43.59
N VAL A 325 2.05 -16.25 43.83
CA VAL A 325 1.88 -15.45 45.03
C VAL A 325 0.69 -14.50 44.89
N VAL A 326 -0.30 -14.68 45.78
CA VAL A 326 -1.52 -13.91 45.76
C VAL A 326 -1.51 -13.00 46.98
N GLY A 327 -1.65 -11.69 46.83
CA GLY A 327 -1.62 -10.76 47.93
C GLY A 327 -1.55 -9.32 47.45
N ASP A 328 -0.79 -8.48 48.10
CA ASP A 328 -0.74 -7.05 47.84
C ASP A 328 -0.08 -6.79 46.49
N PRO A 329 -0.83 -6.23 45.54
CA PRO A 329 -0.41 -6.00 44.18
C PRO A 329 0.68 -4.98 44.06
N LEU A 330 0.83 -4.15 45.06
CA LEU A 330 1.90 -3.13 45.08
C LEU A 330 3.26 -3.68 45.46
N LEU A 331 3.36 -4.98 45.81
CA LEU A 331 4.67 -5.57 46.03
C LEU A 331 5.18 -6.17 44.72
N THR A 332 6.48 -6.02 44.42
CA THR A 332 7.03 -6.51 43.16
C THR A 332 6.96 -8.01 42.99
N GLU A 333 6.88 -8.76 44.09
CA GLU A 333 6.89 -10.23 43.95
C GLU A 333 5.51 -10.83 44.05
N THR A 334 4.47 -10.01 44.27
CA THR A 334 3.10 -10.53 44.09
C THR A 334 2.81 -10.85 42.62
N ARG A 335 1.98 -11.86 42.35
CA ARG A 335 1.75 -12.27 40.97
C ARG A 335 0.25 -12.36 40.67
N MET A 336 -0.58 -12.22 41.72
CA MET A 336 -2.02 -12.15 41.54
C MET A 336 -2.65 -11.31 42.64
N GLY A 337 -3.54 -10.39 42.27
CA GLY A 337 -4.12 -9.46 43.25
C GLY A 337 -5.57 -9.90 43.49
N GLY A 338 -6.42 -8.98 43.93
CA GLY A 338 -7.85 -9.38 44.04
C GLY A 338 -8.60 -9.13 42.71
N LEU A 339 -9.69 -9.86 42.52
CA LEU A 339 -10.51 -9.66 41.32
C LEU A 339 -11.23 -8.32 41.50
N ILE A 340 -11.88 -7.82 40.44
CA ILE A 340 -12.28 -6.41 40.40
C ILE A 340 -13.37 -6.04 41.38
N SER A 341 -14.30 -6.92 41.69
CA SER A 341 -15.44 -6.59 42.53
C SER A 341 -15.92 -7.88 43.23
N LYS A 342 -16.82 -7.71 44.20
CA LYS A 342 -17.37 -8.85 44.94
C LYS A 342 -18.29 -9.73 44.10
N PRO A 343 -19.21 -9.11 43.37
CA PRO A 343 -20.08 -9.84 42.45
C PRO A 343 -19.27 -10.62 41.43
N GLN A 344 -18.16 -10.07 40.89
CA GLN A 344 -17.37 -10.82 39.90
C GLN A 344 -16.74 -12.04 40.59
N LEU A 345 -16.15 -11.84 41.75
CA LEU A 345 -15.55 -12.94 42.50
C LEU A 345 -16.57 -14.05 42.75
N ASP A 346 -17.73 -13.69 43.27
CA ASP A 346 -18.84 -14.64 43.46
C ASP A 346 -19.23 -15.37 42.20
N LYS A 347 -19.39 -14.65 41.07
CA LYS A 347 -19.75 -15.34 39.83
C LYS A 347 -18.64 -16.31 39.43
N VAL A 348 -17.38 -15.86 39.53
CA VAL A 348 -16.27 -16.75 39.18
C VAL A 348 -16.27 -17.98 40.09
N LEU A 349 -16.50 -17.79 41.40
CA LEU A 349 -16.60 -18.93 42.33
C LEU A 349 -17.79 -19.82 42.07
N GLY A 350 -18.93 -19.22 41.69
CA GLY A 350 -20.04 -19.96 41.15
C GLY A 350 -19.75 -20.85 39.96
N PHE A 351 -18.92 -20.42 39.01
CA PHE A 351 -18.58 -21.29 37.88
C PHE A 351 -17.80 -22.51 38.38
N VAL A 352 -16.87 -22.34 39.33
CA VAL A 352 -16.07 -23.48 39.79
C VAL A 352 -16.92 -24.45 40.58
N ALA A 353 -17.85 -23.94 41.40
CA ALA A 353 -18.80 -24.86 42.05
C ALA A 353 -19.68 -25.57 41.05
N GLN A 354 -20.20 -24.86 40.04
CA GLN A 354 -21.01 -25.50 39.00
C GLN A 354 -20.27 -26.55 38.21
N ALA A 355 -18.97 -26.28 37.93
CA ALA A 355 -18.19 -27.27 37.19
C ALA A 355 -18.08 -28.57 37.99
N LYS A 356 -17.85 -28.46 39.31
CA LYS A 356 -17.69 -29.72 40.06
C LYS A 356 -19.02 -30.47 40.12
N LYS A 357 -20.15 -29.77 40.10
CA LYS A 357 -21.46 -30.41 39.94
C LYS A 357 -21.69 -31.10 38.61
N GLU A 358 -21.07 -30.63 37.52
CA GLU A 358 -21.27 -31.26 36.23
C GLU A 358 -20.28 -32.41 36.04
N GLY A 359 -19.26 -32.49 36.92
CA GLY A 359 -18.33 -33.63 36.81
C GLY A 359 -16.88 -33.20 36.90
N ALA A 360 -16.60 -31.89 36.77
CA ALA A 360 -15.23 -31.47 36.63
C ALA A 360 -14.41 -31.77 37.89
N ARG A 361 -13.12 -31.96 37.67
CA ARG A 361 -12.17 -32.22 38.74
C ARG A 361 -11.29 -31.01 39.05
N VAL A 362 -11.41 -30.51 40.27
CA VAL A 362 -10.55 -29.41 40.71
C VAL A 362 -9.17 -29.94 41.07
N LEU A 363 -8.12 -29.53 40.34
CA LEU A 363 -6.76 -29.96 40.64
C LEU A 363 -6.12 -28.99 41.62
N CYS A 364 -6.61 -27.77 41.69
CA CYS A 364 -6.13 -26.79 42.64
C CYS A 364 -6.98 -25.52 42.58
N GLY A 365 -6.93 -24.77 43.69
CA GLY A 365 -7.54 -23.47 43.79
C GLY A 365 -9.04 -23.54 43.55
N GLY A 366 -9.63 -22.41 43.17
CA GLY A 366 -11.08 -22.44 42.91
C GLY A 366 -11.85 -22.13 44.18
N GLU A 367 -11.20 -21.47 45.14
CA GLU A 367 -11.84 -21.15 46.41
C GLU A 367 -11.50 -19.75 46.89
N PRO A 368 -12.36 -19.21 47.77
CA PRO A 368 -12.12 -17.95 48.40
C PRO A 368 -10.78 -18.02 49.12
N LEU A 369 -10.12 -16.88 49.33
CA LEU A 369 -8.80 -16.93 49.96
C LEU A 369 -8.60 -15.66 50.81
N THR A 370 -8.01 -15.83 51.99
CA THR A 370 -7.71 -14.69 52.85
C THR A 370 -6.20 -14.66 53.10
N PRO A 371 -5.53 -13.69 52.51
CA PRO A 371 -4.09 -13.56 52.62
C PRO A 371 -3.68 -13.32 54.06
N SER A 372 -2.44 -13.61 54.41
CA SER A 372 -1.94 -13.36 55.77
C SER A 372 -2.08 -11.90 56.19
N ASP A 373 -1.61 -10.98 55.37
CA ASP A 373 -1.59 -9.56 55.67
C ASP A 373 -2.99 -9.06 55.98
N PRO A 374 -3.16 -8.54 57.21
CA PRO A 374 -4.44 -8.08 57.72
C PRO A 374 -5.12 -6.95 57.00
N LYS A 375 -4.42 -6.14 56.20
CA LYS A 375 -5.14 -5.02 55.56
C LYS A 375 -5.89 -5.55 54.35
N LEU A 376 -5.64 -6.78 53.96
CA LEU A 376 -6.08 -7.43 52.75
C LEU A 376 -7.26 -8.34 53.01
N LYS A 377 -7.73 -8.39 54.25
CA LYS A 377 -8.74 -9.33 54.66
C LYS A 377 -10.09 -9.25 53.98
N ASN A 378 -10.53 -8.06 53.62
CA ASN A 378 -11.79 -7.92 52.90
C ASN A 378 -11.59 -7.76 51.38
N GLY A 379 -10.40 -8.15 50.88
CA GLY A 379 -10.15 -7.97 49.46
C GLY A 379 -10.83 -9.07 48.67
N TYR A 380 -10.88 -8.95 47.35
CA TYR A 380 -11.67 -9.92 46.58
C TYR A 380 -10.81 -11.04 46.04
N PHE A 381 -10.20 -11.88 46.88
CA PHE A 381 -9.19 -12.84 46.56
C PHE A 381 -9.74 -14.25 46.46
N MET A 382 -9.12 -15.01 45.57
CA MET A 382 -9.38 -16.43 45.38
C MET A 382 -8.06 -17.07 44.94
N SER A 383 -7.97 -18.39 45.02
CA SER A 383 -6.76 -19.05 44.56
C SER A 383 -6.96 -19.46 43.10
N PRO A 384 -5.94 -19.27 42.28
CA PRO A 384 -6.00 -19.55 40.85
C PRO A 384 -6.32 -21.03 40.63
N CYS A 385 -7.09 -21.38 39.60
CA CYS A 385 -7.70 -22.70 39.58
C CYS A 385 -7.43 -23.44 38.29
N VAL A 386 -7.10 -24.74 38.44
CA VAL A 386 -6.94 -25.61 37.28
C VAL A 386 -7.95 -26.75 37.37
N LEU A 387 -8.71 -26.97 36.32
CA LEU A 387 -9.74 -27.96 36.22
C LEU A 387 -9.31 -29.04 35.21
N ASP A 388 -9.68 -30.25 35.57
CA ASP A 388 -9.43 -31.46 34.87
C ASP A 388 -10.69 -32.28 34.63
N ASN A 389 -10.62 -33.32 33.79
CA ASN A 389 -11.79 -34.16 33.56
C ASN A 389 -12.94 -33.40 32.92
N CYS A 390 -12.65 -32.55 31.95
CA CYS A 390 -13.60 -31.56 31.47
C CYS A 390 -14.22 -32.10 30.19
N ARG A 391 -15.37 -31.58 29.79
CA ARG A 391 -15.95 -32.03 28.51
C ARG A 391 -16.36 -30.83 27.67
N ASP A 392 -16.48 -31.03 26.37
CA ASP A 392 -16.92 -30.01 25.44
C ASP A 392 -18.33 -29.49 25.71
N ASP A 393 -19.18 -30.29 26.37
CA ASP A 393 -20.54 -29.82 26.64
C ASP A 393 -20.66 -29.13 27.98
N MET A 394 -19.61 -29.12 28.80
CA MET A 394 -19.69 -28.49 30.11
C MET A 394 -19.82 -26.98 30.05
N THR A 395 -20.46 -26.39 31.06
CA THR A 395 -20.70 -24.97 31.13
C THR A 395 -19.38 -24.21 31.16
N CYS A 396 -18.39 -24.77 31.89
CA CYS A 396 -17.13 -24.08 32.10
C CYS A 396 -16.27 -24.15 30.84
N VAL A 397 -16.51 -25.10 29.95
CA VAL A 397 -15.79 -25.20 28.69
C VAL A 397 -16.41 -24.33 27.58
N LYS A 398 -17.71 -24.06 27.65
CA LYS A 398 -18.39 -23.22 26.67
C LYS A 398 -18.44 -21.75 27.01
N GLU A 399 -18.50 -21.33 28.26
CA GLU A 399 -18.75 -19.94 28.62
C GLU A 399 -17.52 -19.15 29.04
N GLU A 400 -17.46 -17.86 28.72
CA GLU A 400 -16.34 -17.05 29.19
C GLU A 400 -16.47 -16.80 30.69
N ILE A 401 -15.48 -17.22 31.48
CA ILE A 401 -15.55 -17.14 32.93
C ILE A 401 -14.99 -15.83 33.44
N PHE A 402 -13.87 -15.39 32.91
CA PHE A 402 -13.31 -14.09 33.28
C PHE A 402 -12.82 -14.08 34.72
N GLY A 403 -12.23 -15.18 35.14
CA GLY A 403 -11.47 -15.34 36.39
C GLY A 403 -10.38 -16.38 36.10
N PRO A 404 -9.53 -16.67 37.06
CA PRO A 404 -8.39 -17.55 36.86
C PRO A 404 -8.72 -19.02 36.94
N VAL A 405 -9.32 -19.55 35.88
CA VAL A 405 -9.79 -20.93 35.81
C VAL A 405 -9.37 -21.54 34.48
N MET A 406 -8.35 -22.41 34.52
CA MET A 406 -7.93 -23.10 33.29
C MET A 406 -8.75 -24.35 33.12
N SER A 407 -9.33 -24.64 31.95
CA SER A 407 -9.92 -25.94 31.72
C SER A 407 -9.01 -26.74 30.83
N VAL A 408 -8.65 -27.97 31.22
CA VAL A 408 -7.70 -28.74 30.45
C VAL A 408 -8.34 -30.00 29.88
N LEU A 409 -8.07 -30.36 28.63
CA LEU A 409 -8.75 -31.45 27.96
C LEU A 409 -7.76 -32.18 27.07
N PRO A 410 -7.89 -33.50 26.97
CA PRO A 410 -7.01 -34.30 26.16
C PRO A 410 -7.45 -34.29 24.71
N PHE A 411 -6.54 -34.64 23.81
CA PHE A 411 -6.98 -34.82 22.41
C PHE A 411 -6.10 -35.87 21.77
N ASP A 412 -6.54 -36.54 20.71
CA ASP A 412 -5.64 -37.50 20.06
C ASP A 412 -5.12 -37.04 18.72
N THR A 413 -5.89 -36.35 17.84
CA THR A 413 -5.37 -36.03 16.51
C THR A 413 -5.55 -34.56 16.18
N GLU A 414 -4.78 -34.08 15.21
CA GLU A 414 -4.86 -32.70 14.76
C GLU A 414 -6.24 -32.38 14.15
N GLU A 415 -6.76 -33.28 13.32
CA GLU A 415 -8.07 -33.06 12.68
C GLU A 415 -9.17 -33.01 13.74
N GLU A 416 -9.03 -33.80 14.81
CA GLU A 416 -9.95 -33.77 15.92
C GLU A 416 -9.89 -32.48 16.68
N VAL A 417 -8.73 -32.06 17.20
CA VAL A 417 -8.63 -30.88 18.00
C VAL A 417 -9.12 -29.63 17.22
N LEU A 418 -8.70 -29.53 15.97
CA LEU A 418 -9.14 -28.39 15.16
C LEU A 418 -10.66 -28.26 15.10
N GLN A 419 -11.41 -29.37 14.98
CA GLN A 419 -12.86 -29.22 14.98
C GLN A 419 -13.38 -28.82 16.36
N ARG A 420 -12.81 -29.34 17.46
CA ARG A 420 -13.32 -28.97 18.78
C ARG A 420 -12.91 -27.57 19.13
N ALA A 421 -11.72 -27.15 18.65
CA ALA A 421 -11.32 -25.76 18.92
C ALA A 421 -12.23 -24.78 18.19
N ASN A 422 -12.65 -25.02 16.97
CA ASN A 422 -13.46 -24.11 16.15
C ASN A 422 -14.97 -24.17 16.38
N ASN A 423 -15.45 -25.21 17.06
CA ASN A 423 -16.86 -25.44 17.34
C ASN A 423 -17.32 -24.53 18.45
N THR A 424 -17.42 -23.24 18.15
CA THR A 424 -17.80 -22.24 19.12
C THR A 424 -18.23 -21.01 18.30
N THR A 425 -18.92 -20.09 18.95
CA THR A 425 -19.36 -18.87 18.27
C THR A 425 -18.43 -17.70 18.53
N PHE A 426 -17.50 -17.97 19.44
CA PHE A 426 -16.41 -17.03 19.77
C PHE A 426 -15.30 -17.24 18.76
N GLY A 427 -14.46 -16.23 18.60
CA GLY A 427 -13.32 -16.33 17.67
C GLY A 427 -12.37 -15.16 17.93
N LEU A 428 -11.96 -14.94 19.20
CA LEU A 428 -11.00 -13.85 19.44
C LEU A 428 -9.59 -14.28 19.15
N ALA A 429 -9.07 -15.26 19.90
CA ALA A 429 -7.65 -15.63 19.75
C ALA A 429 -7.51 -17.14 19.90
N SER A 430 -6.28 -17.64 19.83
CA SER A 430 -5.98 -19.05 19.93
C SER A 430 -4.46 -19.20 20.12
N GLY A 431 -4.00 -20.45 20.15
CA GLY A 431 -2.50 -20.60 20.21
C GLY A 431 -2.12 -22.01 19.79
N VAL A 432 -0.86 -22.22 19.40
CA VAL A 432 -0.39 -23.59 19.14
C VAL A 432 1.06 -23.78 19.58
N PHE A 433 1.35 -24.90 20.30
CA PHE A 433 2.74 -25.23 20.60
C PHE A 433 3.12 -26.52 19.89
N THR A 434 4.10 -26.42 19.01
CA THR A 434 4.57 -27.55 18.24
C THR A 434 5.92 -27.12 17.60
N ARG A 435 6.75 -28.05 17.22
CA ARG A 435 8.03 -27.74 16.61
C ARG A 435 8.05 -27.93 15.09
N ASP A 436 7.18 -28.77 14.55
CA ASP A 436 7.16 -28.97 13.10
C ASP A 436 6.66 -27.73 12.35
N ILE A 437 7.38 -27.25 11.35
CA ILE A 437 7.09 -26.02 10.66
C ILE A 437 5.80 -26.04 9.87
N SER A 438 5.49 -27.11 9.13
CA SER A 438 4.18 -27.16 8.46
C SER A 438 3.04 -27.22 9.47
N ARG A 439 3.12 -28.08 10.48
CA ARG A 439 2.06 -28.17 11.47
C ARG A 439 1.75 -26.79 12.05
N ALA A 440 2.76 -26.06 12.54
CA ALA A 440 2.57 -24.75 13.09
C ALA A 440 1.75 -23.87 12.13
N HIS A 441 2.17 -23.68 10.88
CA HIS A 441 1.50 -22.73 10.02
C HIS A 441 0.11 -23.24 9.59
N ARG A 442 -0.04 -24.53 9.41
CA ARG A 442 -1.27 -25.17 9.02
C ARG A 442 -2.33 -25.07 10.10
N VAL A 443 -1.92 -25.31 11.35
CA VAL A 443 -2.90 -25.17 12.46
C VAL A 443 -3.32 -23.72 12.55
N ALA A 444 -2.36 -22.78 12.42
CA ALA A 444 -2.69 -21.37 12.57
C ALA A 444 -3.66 -20.91 11.46
N ALA A 445 -3.47 -21.51 10.25
CA ALA A 445 -4.34 -21.19 9.13
C ALA A 445 -5.75 -21.75 9.32
N ASN A 446 -5.92 -22.89 9.98
CA ASN A 446 -7.21 -23.56 10.13
C ASN A 446 -7.99 -23.14 11.37
N LEU A 447 -7.33 -22.43 12.28
CA LEU A 447 -7.96 -21.95 13.51
C LEU A 447 -8.80 -20.71 13.19
N GLU A 448 -10.09 -20.73 13.57
CA GLU A 448 -10.98 -19.63 13.19
C GLU A 448 -10.96 -18.47 14.18
N ALA A 449 -9.93 -17.61 14.16
CA ALA A 449 -9.88 -16.58 15.20
C ALA A 449 -9.07 -15.40 14.72
N GLY A 450 -9.22 -14.24 15.31
CA GLY A 450 -8.49 -13.05 14.80
C GLY A 450 -6.98 -13.14 15.01
N THR A 451 -6.54 -13.84 16.05
CA THR A 451 -5.15 -13.95 16.41
C THR A 451 -4.73 -15.40 16.65
N CYS A 452 -3.56 -15.78 16.13
CA CYS A 452 -2.98 -17.05 16.60
C CYS A 452 -1.54 -16.84 17.10
N TYR A 453 -1.24 -17.38 18.29
CA TYR A 453 0.15 -17.28 18.80
C TYR A 453 0.86 -18.59 18.49
N ILE A 454 2.05 -18.54 17.92
CA ILE A 454 2.81 -19.75 17.68
C ILE A 454 3.99 -19.84 18.65
N ASN A 455 3.93 -20.83 19.53
CA ASN A 455 4.97 -21.10 20.53
C ASN A 455 5.10 -19.98 21.54
N THR A 456 4.00 -19.31 21.86
CA THR A 456 3.98 -18.28 22.91
C THR A 456 2.50 -17.98 23.19
N TYR A 457 2.19 -17.00 23.99
CA TYR A 457 0.81 -16.59 24.25
C TYR A 457 0.78 -15.22 24.86
N SER A 458 -0.23 -14.39 24.65
CA SER A 458 -0.36 -13.08 25.25
C SER A 458 0.60 -12.01 24.85
N ILE A 459 1.31 -12.07 23.72
CA ILE A 459 2.04 -10.90 23.22
C ILE A 459 1.02 -9.88 22.67
N SER A 460 1.30 -8.58 22.81
CA SER A 460 0.46 -7.54 22.25
C SER A 460 1.24 -6.45 21.54
N PRO A 461 1.75 -6.71 20.36
CA PRO A 461 2.59 -5.72 19.66
C PRO A 461 1.73 -4.56 19.19
N VAL A 462 2.11 -3.28 19.33
CA VAL A 462 1.42 -2.21 18.63
C VAL A 462 1.54 -2.32 17.11
N GLU A 463 2.54 -2.98 16.57
CA GLU A 463 2.86 -2.99 15.15
C GLU A 463 1.85 -3.72 14.27
N VAL A 464 1.06 -4.61 14.85
CA VAL A 464 0.11 -5.45 14.16
C VAL A 464 -1.32 -5.30 14.70
N PRO A 465 -2.32 -5.59 13.85
CA PRO A 465 -3.72 -5.40 14.19
C PRO A 465 -4.22 -6.45 15.15
N PHE A 466 -5.27 -6.11 15.90
CA PHE A 466 -5.90 -7.01 16.86
C PHE A 466 -7.42 -6.85 16.86
N GLY A 467 -8.18 -7.95 16.75
CA GLY A 467 -9.64 -7.89 16.81
C GLY A 467 -10.25 -9.28 16.64
N GLY A 468 -11.57 -9.39 16.77
CA GLY A 468 -12.25 -10.67 16.70
C GLY A 468 -12.63 -11.16 15.32
N TYR A 469 -12.91 -12.45 15.22
CA TYR A 469 -13.67 -13.10 14.19
C TYR A 469 -15.03 -13.49 14.80
N LYS A 470 -15.96 -13.90 13.94
CA LYS A 470 -17.28 -14.34 14.36
C LYS A 470 -17.95 -13.52 15.43
N MET A 471 -18.46 -14.17 16.49
CA MET A 471 -19.16 -13.40 17.52
C MET A 471 -18.24 -12.73 18.53
N SER A 472 -16.91 -12.71 18.34
CA SER A 472 -16.02 -11.97 19.22
C SER A 472 -15.85 -10.54 18.69
N GLY A 473 -16.55 -10.15 17.61
CA GLY A 473 -16.66 -8.77 17.18
C GLY A 473 -16.00 -8.49 15.84
N PHE A 474 -15.83 -7.21 15.49
CA PHE A 474 -15.23 -6.85 14.21
C PHE A 474 -14.56 -5.50 14.37
N GLY A 475 -13.72 -5.10 13.42
CA GLY A 475 -12.93 -3.88 13.66
C GLY A 475 -11.59 -4.32 14.26
N ARG A 476 -10.60 -3.45 14.22
CA ARG A 476 -9.25 -3.75 14.70
C ARG A 476 -8.77 -2.56 15.56
N GLU A 477 -7.81 -2.84 16.43
CA GLU A 477 -7.00 -1.92 17.19
C GLU A 477 -5.52 -2.25 16.93
N ASN A 478 -4.64 -1.26 16.99
CA ASN A 478 -3.22 -1.43 16.78
C ASN A 478 -2.95 -1.74 15.32
N GLY A 479 -1.68 -1.59 14.90
CA GLY A 479 -1.32 -1.85 13.52
C GLY A 479 -1.80 -0.78 12.53
N GLN A 480 -1.48 -0.98 11.27
CA GLN A 480 -1.87 -0.02 10.23
C GLN A 480 -3.32 -0.17 9.72
N ALA A 481 -3.96 -1.32 9.89
CA ALA A 481 -5.33 -1.55 9.47
C ALA A 481 -6.33 -0.66 10.22
N THR A 482 -6.07 -0.40 11.49
CA THR A 482 -6.95 0.38 12.37
C THR A 482 -7.23 1.78 11.90
N VAL A 483 -6.33 2.40 11.13
CA VAL A 483 -6.59 3.73 10.63
C VAL A 483 -7.86 3.80 9.76
N ASP A 484 -8.19 2.76 9.02
CA ASP A 484 -9.38 2.64 8.21
C ASP A 484 -10.70 2.64 8.98
N TYR A 485 -10.73 2.27 10.24
CA TYR A 485 -11.90 2.36 11.09
C TYR A 485 -11.97 3.71 11.80
N TYR A 486 -11.10 4.66 11.62
CA TYR A 486 -11.20 6.00 12.23
C TYR A 486 -11.04 7.10 11.19
N SER A 487 -11.04 6.73 9.91
CA SER A 487 -11.08 7.63 8.77
C SER A 487 -11.86 7.01 7.59
N GLN A 488 -12.16 7.86 6.61
CA GLN A 488 -13.08 7.48 5.52
C GLN A 488 -12.62 8.17 4.24
N LEU A 489 -12.76 7.46 3.12
CA LEU A 489 -12.32 7.96 1.85
C LEU A 489 -13.42 8.71 1.08
N LYS A 490 -13.07 9.89 0.55
CA LYS A 490 -13.96 10.62 -0.32
C LYS A 490 -13.40 10.55 -1.75
N THR A 491 -14.24 10.12 -2.70
CA THR A 491 -13.77 9.95 -4.08
C THR A 491 -14.12 11.23 -4.82
N VAL A 492 -13.15 11.87 -5.43
CA VAL A 492 -13.28 13.10 -6.18
C VAL A 492 -12.89 12.82 -7.63
N ILE A 493 -13.84 13.03 -8.54
CA ILE A 493 -13.66 12.65 -9.95
C ILE A 493 -13.53 13.91 -10.75
N VAL A 494 -12.41 14.15 -11.41
CA VAL A 494 -12.27 15.38 -12.17
C VAL A 494 -12.28 15.26 -13.67
N GLU A 495 -13.29 15.93 -14.29
CA GLU A 495 -13.50 15.92 -15.72
C GLU A 495 -12.62 17.01 -16.36
N MET A 496 -11.72 16.65 -17.27
CA MET A 496 -10.73 17.60 -17.75
C MET A 496 -11.20 18.33 -19.00
N GLY A 497 -12.29 17.86 -19.64
CA GLY A 497 -12.75 18.50 -20.87
C GLY A 497 -14.25 18.84 -20.74
N ASP A 498 -15.02 18.51 -21.78
CA ASP A 498 -16.46 18.74 -21.76
C ASP A 498 -17.24 17.54 -21.25
N VAL A 499 -18.48 17.75 -20.83
CA VAL A 499 -19.22 16.62 -20.22
C VAL A 499 -19.81 15.72 -21.27
N ASP A 500 -19.77 14.42 -21.05
CA ASP A 500 -20.45 13.45 -21.89
C ASP A 500 -21.91 13.37 -21.42
N SER A 501 -22.82 13.78 -22.33
CA SER A 501 -24.23 13.83 -21.98
C SER A 501 -25.16 13.10 -22.94
N LEU A 502 -26.21 12.47 -22.40
CA LEU A 502 -27.22 11.82 -23.24
C LEU A 502 -28.35 12.84 -23.50
N PHE A 503 -28.26 14.03 -22.92
CA PHE A 503 -29.38 14.96 -22.83
C PHE A 503 -28.98 16.36 -23.29
N ALA B 1 -31.70 -18.50 -20.58
CA ALA B 1 -30.51 -18.62 -21.48
C ALA B 1 -30.91 -18.72 -22.95
N GLN B 2 -31.93 -19.56 -23.19
CA GLN B 2 -32.66 -19.55 -24.46
C GLN B 2 -33.42 -18.24 -24.62
N LEU B 3 -34.00 -17.70 -23.56
CA LEU B 3 -34.60 -16.36 -23.64
C LEU B 3 -33.58 -15.29 -24.02
N VAL B 4 -32.38 -15.33 -23.41
CA VAL B 4 -31.31 -14.41 -23.76
C VAL B 4 -30.91 -14.51 -25.23
N ASP B 5 -30.76 -15.73 -25.74
CA ASP B 5 -30.42 -15.94 -27.15
C ASP B 5 -31.51 -15.49 -28.12
N SER B 6 -32.74 -15.37 -27.70
CA SER B 6 -33.86 -14.94 -28.50
C SER B 6 -34.08 -13.44 -28.55
N MET B 7 -33.22 -12.67 -27.86
CA MET B 7 -33.37 -11.23 -27.76
C MET B 7 -33.24 -10.44 -29.04
N PRO B 8 -32.40 -10.82 -29.99
CA PRO B 8 -32.26 -10.09 -31.25
C PRO B 8 -33.55 -9.94 -32.05
N SER B 9 -34.53 -10.82 -31.91
CA SER B 9 -35.81 -10.71 -32.57
C SER B 9 -36.90 -10.21 -31.62
N ALA B 10 -36.53 -9.78 -30.40
CA ALA B 10 -37.54 -9.34 -29.45
C ALA B 10 -37.79 -7.84 -29.57
N SER B 11 -38.91 -7.42 -29.01
CA SER B 11 -39.27 -6.00 -29.02
C SER B 11 -40.20 -5.69 -27.86
N THR B 12 -40.39 -4.38 -27.62
CA THR B 12 -41.28 -3.99 -26.50
C THR B 12 -42.68 -4.54 -26.68
N GLY B 13 -43.30 -5.09 -25.66
CA GLY B 13 -44.57 -5.75 -25.68
C GLY B 13 -44.61 -7.20 -26.17
N SER B 14 -43.53 -7.85 -26.56
CA SER B 14 -43.53 -9.16 -27.16
C SER B 14 -43.10 -10.30 -26.24
N VAL B 15 -42.35 -10.04 -25.19
CA VAL B 15 -41.75 -11.05 -24.36
C VAL B 15 -42.64 -11.52 -23.23
N VAL B 16 -42.51 -12.79 -22.90
CA VAL B 16 -43.07 -13.41 -21.72
C VAL B 16 -41.91 -14.21 -21.08
N VAL B 17 -41.78 -14.25 -19.76
CA VAL B 17 -40.71 -15.01 -19.14
C VAL B 17 -41.23 -16.32 -18.58
N THR B 18 -40.68 -17.48 -18.99
CA THR B 18 -41.26 -18.74 -18.52
C THR B 18 -40.29 -19.55 -17.66
N ASP B 19 -39.11 -19.02 -17.39
CA ASP B 19 -38.09 -19.78 -16.64
C ASP B 19 -38.34 -19.78 -15.14
N ASP B 20 -37.83 -20.76 -14.43
CA ASP B 20 -37.84 -20.74 -12.96
C ASP B 20 -36.75 -19.74 -12.55
N LEU B 21 -37.05 -18.88 -11.59
CA LEU B 21 -36.11 -17.84 -11.21
C LEU B 21 -35.34 -18.06 -9.90
N ASN B 22 -35.67 -19.08 -9.14
CA ASN B 22 -34.86 -19.46 -7.97
C ASN B 22 -33.69 -20.31 -8.44
N TYR B 23 -32.49 -20.16 -7.88
CA TYR B 23 -31.32 -20.85 -8.42
C TYR B 23 -30.27 -21.18 -7.35
N TRP B 24 -30.09 -22.46 -7.07
CA TRP B 24 -29.01 -22.88 -6.17
C TRP B 24 -28.59 -24.32 -6.53
N GLY B 25 -27.41 -24.73 -6.09
CA GLY B 25 -26.88 -26.05 -6.45
C GLY B 25 -26.52 -26.07 -7.92
N GLY B 26 -26.27 -24.94 -8.54
CA GLY B 26 -26.01 -24.85 -9.97
C GLY B 26 -27.23 -25.05 -10.86
N ARG B 27 -28.45 -24.86 -10.40
CA ARG B 27 -29.61 -25.06 -11.26
C ARG B 27 -30.88 -24.33 -10.82
N ARG B 28 -31.74 -24.04 -11.80
CA ARG B 28 -33.01 -23.34 -11.54
C ARG B 28 -33.94 -24.28 -10.80
N ILE B 29 -34.63 -23.78 -9.79
CA ILE B 29 -35.46 -24.58 -8.90
C ILE B 29 -36.93 -24.46 -9.29
N LYS B 30 -37.58 -25.60 -9.47
CA LYS B 30 -39.01 -25.61 -9.75
C LYS B 30 -39.83 -25.21 -8.54
N SER B 31 -40.55 -24.11 -8.68
CA SER B 31 -41.39 -23.61 -7.60
C SER B 31 -42.45 -24.65 -7.22
N LYS B 32 -42.84 -24.58 -5.95
CA LYS B 32 -43.86 -25.47 -5.41
C LYS B 32 -44.45 -24.83 -4.17
N ASP B 33 -45.31 -25.54 -3.44
CA ASP B 33 -45.96 -25.05 -2.24
C ASP B 33 -47.21 -24.22 -2.53
N GLY B 34 -47.26 -23.63 -3.71
CA GLY B 34 -48.25 -22.67 -4.14
C GLY B 34 -48.06 -21.40 -3.31
N ALA B 35 -46.80 -21.02 -3.07
CA ALA B 35 -46.58 -19.81 -2.26
C ALA B 35 -47.28 -18.66 -2.97
N THR B 36 -47.81 -17.71 -2.21
CA THR B 36 -48.43 -16.56 -2.86
C THR B 36 -47.40 -15.89 -3.76
N THR B 37 -47.63 -15.86 -5.05
CA THR B 37 -46.73 -15.21 -5.99
C THR B 37 -47.03 -13.73 -6.16
N GLU B 38 -46.16 -13.02 -6.86
CA GLU B 38 -46.31 -11.60 -7.16
C GLU B 38 -46.02 -11.35 -8.63
N PRO B 39 -46.74 -10.42 -9.25
CA PRO B 39 -46.54 -10.09 -10.65
C PRO B 39 -45.23 -9.32 -10.89
N VAL B 40 -44.64 -9.56 -12.06
CA VAL B 40 -43.45 -8.82 -12.46
C VAL B 40 -43.78 -8.17 -13.80
N PHE B 41 -43.59 -6.86 -13.91
CA PHE B 41 -44.12 -6.06 -15.01
C PHE B 41 -43.05 -5.59 -15.98
N GLU B 42 -43.47 -5.24 -17.18
CA GLU B 42 -42.72 -4.53 -18.19
C GLU B 42 -43.15 -3.07 -18.11
N PRO B 43 -42.26 -2.20 -17.61
CA PRO B 43 -42.54 -0.81 -17.35
C PRO B 43 -43.01 0.00 -18.55
N ALA B 44 -42.50 -0.23 -19.75
CA ALA B 44 -42.94 0.52 -20.94
C ALA B 44 -44.39 0.23 -21.36
N THR B 45 -45.03 -0.84 -20.93
CA THR B 45 -46.30 -1.32 -21.43
C THR B 45 -47.30 -1.68 -20.34
N GLY B 46 -46.87 -2.00 -19.12
CA GLY B 46 -47.71 -2.47 -18.06
C GLY B 46 -48.05 -3.95 -18.11
N ARG B 47 -47.55 -4.70 -19.07
CA ARG B 47 -47.82 -6.13 -19.18
C ARG B 47 -47.18 -6.93 -18.03
N VAL B 48 -47.76 -8.09 -17.73
CA VAL B 48 -47.19 -9.02 -16.77
C VAL B 48 -46.19 -9.91 -17.49
N LEU B 49 -44.92 -9.90 -17.06
CA LEU B 49 -43.93 -10.73 -17.72
C LEU B 49 -43.93 -12.17 -17.19
N CYS B 50 -44.21 -12.34 -15.90
CA CYS B 50 -44.19 -13.58 -15.18
C CYS B 50 -44.57 -13.33 -13.72
N GLN B 51 -44.66 -14.41 -12.94
CA GLN B 51 -44.95 -14.25 -11.52
C GLN B 51 -43.67 -14.58 -10.74
N MET B 52 -43.37 -13.83 -9.69
CA MET B 52 -42.19 -14.15 -8.87
C MET B 52 -42.66 -15.04 -7.71
N VAL B 53 -41.93 -16.13 -7.47
CA VAL B 53 -42.26 -17.00 -6.31
C VAL B 53 -41.20 -16.88 -5.22
N PRO B 54 -41.55 -16.22 -4.13
CA PRO B 54 -40.66 -15.89 -3.03
C PRO B 54 -40.20 -17.04 -2.16
N CYS B 55 -39.01 -16.91 -1.57
CA CYS B 55 -38.40 -18.01 -0.81
C CYS B 55 -38.70 -17.89 0.67
N GLY B 56 -39.04 -19.02 1.30
CA GLY B 56 -39.23 -19.02 2.76
C GLY B 56 -37.97 -19.64 3.41
N ALA B 57 -38.05 -19.94 4.68
CA ALA B 57 -36.92 -20.35 5.52
C ALA B 57 -36.10 -21.52 5.01
N GLU B 58 -36.81 -22.58 4.62
CA GLU B 58 -36.32 -23.80 4.01
C GLU B 58 -35.54 -23.52 2.71
N GLU B 59 -36.05 -22.59 1.90
CA GLU B 59 -35.44 -22.28 0.62
C GLU B 59 -34.10 -21.54 0.84
N VAL B 60 -34.13 -20.52 1.70
CA VAL B 60 -32.94 -19.74 1.98
C VAL B 60 -31.85 -20.64 2.58
N ASP B 61 -32.24 -21.57 3.46
CA ASP B 61 -31.29 -22.49 4.09
C ASP B 61 -30.64 -23.40 3.07
N GLN B 62 -31.37 -23.83 2.06
CA GLN B 62 -30.82 -24.66 1.02
C GLN B 62 -29.80 -23.88 0.19
N ALA B 63 -30.13 -22.64 -0.12
CA ALA B 63 -29.28 -21.72 -0.86
C ALA B 63 -27.94 -21.51 -0.13
N VAL B 64 -28.00 -21.27 1.16
CA VAL B 64 -26.84 -21.03 2.01
C VAL B 64 -25.97 -22.28 2.19
N GLN B 65 -26.62 -23.43 2.36
CA GLN B 65 -25.88 -24.69 2.41
C GLN B 65 -25.14 -24.94 1.10
N SER B 66 -25.76 -24.61 -0.04
CA SER B 66 -25.11 -24.83 -1.34
C SER B 66 -23.87 -23.95 -1.47
N ALA B 67 -24.05 -22.70 -1.14
CA ALA B 67 -22.98 -21.70 -1.06
C ALA B 67 -21.85 -22.14 -0.12
N GLN B 68 -22.09 -22.60 1.08
CA GLN B 68 -21.06 -23.15 1.98
C GLN B 68 -20.22 -24.25 1.39
N ALA B 69 -20.80 -25.25 0.71
CA ALA B 69 -20.04 -26.32 0.12
C ALA B 69 -19.18 -25.84 -1.04
N ALA B 70 -19.64 -24.82 -1.80
CA ALA B 70 -18.76 -24.34 -2.87
C ALA B 70 -17.62 -23.51 -2.26
N TYR B 71 -17.89 -22.82 -1.17
CA TYR B 71 -16.94 -21.99 -0.47
C TYR B 71 -15.76 -22.81 0.04
N LEU B 72 -16.03 -24.03 0.48
CA LEU B 72 -14.97 -24.94 0.96
C LEU B 72 -14.00 -25.24 -0.17
N LYS B 73 -14.45 -25.24 -1.42
CA LYS B 73 -13.54 -25.46 -2.54
C LYS B 73 -12.88 -24.19 -3.01
N TRP B 74 -13.68 -23.13 -3.27
CA TRP B 74 -13.18 -21.91 -3.91
C TRP B 74 -12.18 -21.19 -3.04
N SER B 75 -12.39 -21.26 -1.71
CA SER B 75 -11.46 -20.59 -0.81
C SER B 75 -10.12 -21.34 -0.73
N LYS B 76 -10.00 -22.53 -1.29
CA LYS B 76 -8.72 -23.22 -1.34
C LYS B 76 -8.00 -22.95 -2.65
N MET B 77 -8.63 -22.25 -3.58
CA MET B 77 -7.99 -21.86 -4.83
C MET B 77 -7.26 -20.54 -4.63
N ALA B 78 -6.08 -20.42 -5.21
CA ALA B 78 -5.27 -19.21 -5.03
C ALA B 78 -5.85 -18.07 -5.85
N GLY B 79 -5.34 -16.87 -5.71
CA GLY B 79 -5.75 -15.69 -6.42
C GLY B 79 -5.74 -15.85 -7.93
N ILE B 80 -4.62 -16.38 -8.40
CA ILE B 80 -4.37 -16.65 -9.80
C ILE B 80 -5.30 -17.72 -10.36
N GLU B 81 -5.74 -18.68 -9.57
CA GLU B 81 -6.71 -19.68 -10.02
C GLU B 81 -8.13 -19.08 -10.02
N ARG B 82 -8.50 -18.22 -9.10
CA ARG B 82 -9.82 -17.62 -9.14
C ARG B 82 -9.94 -16.60 -10.28
N SER B 83 -8.93 -15.81 -10.51
CA SER B 83 -8.78 -14.88 -11.58
C SER B 83 -9.14 -15.45 -12.97
N ARG B 84 -8.60 -16.59 -13.31
CA ARG B 84 -8.76 -17.25 -14.59
C ARG B 84 -10.26 -17.47 -14.81
N VAL B 85 -10.95 -18.03 -13.83
CA VAL B 85 -12.37 -18.29 -13.97
C VAL B 85 -13.18 -17.00 -14.10
N MET B 86 -12.84 -16.01 -13.27
CA MET B 86 -13.50 -14.71 -13.34
C MET B 86 -13.30 -14.04 -14.69
N LEU B 87 -12.14 -14.16 -15.31
CA LEU B 87 -11.87 -13.61 -16.64
C LEU B 87 -12.73 -14.27 -17.73
N GLU B 88 -12.89 -15.57 -17.68
CA GLU B 88 -13.84 -16.28 -18.55
C GLU B 88 -15.27 -15.78 -18.37
N ALA B 89 -15.76 -15.51 -17.15
CA ALA B 89 -17.09 -14.99 -16.93
C ALA B 89 -17.25 -13.66 -17.62
N ALA B 90 -16.34 -12.73 -17.43
CA ALA B 90 -16.32 -11.46 -18.13
C ALA B 90 -16.38 -11.65 -19.64
N ARG B 91 -15.55 -12.55 -20.18
CA ARG B 91 -15.52 -12.84 -21.60
C ARG B 91 -16.94 -13.22 -22.09
N ILE B 92 -17.67 -14.04 -21.34
CA ILE B 92 -18.96 -14.53 -21.78
C ILE B 92 -19.99 -13.40 -21.72
N ILE B 93 -19.95 -12.54 -20.68
CA ILE B 93 -20.90 -11.41 -20.65
C ILE B 93 -20.65 -10.45 -21.82
N ARG B 94 -19.37 -10.19 -22.12
CA ARG B 94 -19.00 -9.41 -23.29
C ARG B 94 -19.63 -9.93 -24.59
N GLU B 95 -19.45 -11.22 -24.87
CA GLU B 95 -20.01 -11.85 -26.05
C GLU B 95 -21.54 -11.68 -26.11
N ARG B 96 -22.27 -11.71 -25.01
CA ARG B 96 -23.71 -11.68 -24.95
C ARG B 96 -24.29 -10.32 -24.57
N ARG B 97 -23.47 -9.29 -24.72
CA ARG B 97 -23.68 -7.97 -24.17
C ARG B 97 -25.00 -7.34 -24.62
N ASP B 98 -25.14 -7.29 -25.95
CA ASP B 98 -26.36 -6.75 -26.52
C ASP B 98 -27.60 -7.55 -26.16
N ASN B 99 -27.57 -8.87 -26.11
CA ASN B 99 -28.77 -9.60 -25.71
C ASN B 99 -29.16 -9.36 -24.26
N ILE B 100 -28.14 -9.34 -23.36
CA ILE B 100 -28.41 -9.13 -21.94
C ILE B 100 -28.98 -7.74 -21.70
N ALA B 101 -28.47 -6.73 -22.39
CA ALA B 101 -28.88 -5.36 -22.24
C ALA B 101 -30.35 -5.18 -22.64
N LYS B 102 -30.77 -5.80 -23.73
CA LYS B 102 -32.16 -5.83 -24.17
C LYS B 102 -33.07 -6.42 -23.11
N LEU B 103 -32.77 -7.61 -22.58
CA LEU B 103 -33.64 -8.21 -21.56
C LEU B 103 -33.68 -7.33 -20.31
N GLU B 104 -32.54 -6.66 -20.01
CA GLU B 104 -32.45 -5.77 -18.89
C GLU B 104 -33.49 -4.67 -19.08
N VAL B 105 -33.46 -4.02 -20.23
CA VAL B 105 -34.44 -2.97 -20.56
C VAL B 105 -35.89 -3.44 -20.35
N ILE B 106 -36.24 -4.59 -20.91
CA ILE B 106 -37.58 -5.13 -20.81
C ILE B 106 -38.10 -5.19 -19.40
N ASN B 107 -37.31 -5.72 -18.45
CA ASN B 107 -37.80 -5.77 -17.04
C ASN B 107 -37.76 -4.45 -16.29
N ASN B 108 -36.68 -3.70 -16.50
CA ASN B 108 -36.41 -2.49 -15.71
C ASN B 108 -36.99 -1.22 -16.29
N GLY B 109 -37.02 -1.04 -17.62
CA GLY B 109 -37.65 0.18 -18.17
C GLY B 109 -36.67 1.22 -18.66
N LYS B 110 -35.39 1.13 -18.31
CA LYS B 110 -34.42 2.13 -18.76
C LYS B 110 -34.12 1.97 -20.26
N THR B 111 -33.58 2.98 -20.93
CA THR B 111 -33.23 2.90 -22.33
C THR B 111 -32.11 1.93 -22.68
N ILE B 112 -32.08 1.35 -23.90
CA ILE B 112 -30.99 0.48 -24.28
C ILE B 112 -29.72 1.36 -24.32
N THR B 113 -29.81 2.63 -24.76
CA THR B 113 -28.63 3.49 -24.70
C THR B 113 -27.90 3.40 -23.33
N GLU B 114 -28.62 3.53 -22.23
CA GLU B 114 -28.07 3.38 -20.90
C GLU B 114 -27.76 1.92 -20.59
N ALA B 115 -28.63 0.98 -20.92
CA ALA B 115 -28.44 -0.40 -20.53
C ALA B 115 -27.13 -1.02 -21.06
N GLU B 116 -26.70 -0.64 -22.24
CA GLU B 116 -25.45 -1.09 -22.80
C GLU B 116 -24.26 -0.63 -21.95
N TYR B 117 -24.31 0.61 -21.43
CA TYR B 117 -23.30 1.01 -20.43
C TYR B 117 -23.36 0.21 -19.13
N ASP B 118 -24.55 -0.08 -18.61
CA ASP B 118 -24.67 -0.89 -17.40
C ASP B 118 -23.99 -2.26 -17.58
N ILE B 119 -24.29 -2.91 -18.71
CA ILE B 119 -23.79 -4.28 -18.92
C ILE B 119 -22.27 -4.28 -19.15
N ASP B 120 -21.76 -3.28 -19.83
CA ASP B 120 -20.32 -3.05 -19.94
C ASP B 120 -19.67 -2.84 -18.58
N ALA B 121 -20.31 -2.05 -17.71
CA ALA B 121 -19.78 -1.81 -16.36
C ALA B 121 -19.76 -3.12 -15.58
N ALA B 122 -20.77 -3.99 -15.81
CA ALA B 122 -20.81 -5.27 -15.12
C ALA B 122 -19.62 -6.16 -15.49
N TRP B 123 -19.31 -6.32 -16.77
CA TRP B 123 -18.20 -7.19 -17.13
C TRP B 123 -16.86 -6.53 -16.77
N GLN B 124 -16.71 -5.21 -16.90
CA GLN B 124 -15.49 -4.53 -16.50
C GLN B 124 -15.23 -4.65 -15.00
N CYS B 125 -16.21 -4.64 -14.13
CA CYS B 125 -16.06 -4.80 -12.71
C CYS B 125 -15.56 -6.22 -12.42
N ILE B 126 -16.09 -7.26 -12.99
CA ILE B 126 -15.61 -8.63 -12.86
C ILE B 126 -14.18 -8.77 -13.35
N GLU B 127 -13.84 -8.15 -14.49
CA GLU B 127 -12.46 -8.22 -14.99
C GLU B 127 -11.50 -7.46 -14.08
N TYR B 128 -11.93 -6.33 -13.51
CA TYR B 128 -11.18 -5.55 -12.54
C TYR B 128 -10.82 -6.34 -11.27
N TYR B 129 -11.72 -7.06 -10.64
CA TYR B 129 -11.50 -7.79 -9.42
C TYR B 129 -10.78 -9.11 -9.67
N ALA B 130 -11.01 -9.70 -10.87
CA ALA B 130 -10.17 -10.77 -11.33
C ALA B 130 -8.68 -10.37 -11.28
N GLY B 131 -8.39 -9.22 -11.86
CA GLY B 131 -7.11 -8.56 -11.90
C GLY B 131 -6.47 -8.33 -10.51
N LEU B 132 -7.29 -7.98 -9.53
CA LEU B 132 -6.82 -7.84 -8.15
C LEU B 132 -6.62 -9.14 -7.39
N ALA B 133 -7.29 -10.22 -7.72
CA ALA B 133 -7.23 -11.48 -6.99
C ALA B 133 -5.83 -12.00 -6.72
N PRO B 134 -4.89 -12.12 -7.65
CA PRO B 134 -3.52 -12.51 -7.42
C PRO B 134 -2.63 -11.54 -6.65
N THR B 135 -3.16 -10.37 -6.36
CA THR B 135 -2.48 -9.25 -5.69
C THR B 135 -2.81 -9.24 -4.22
N LEU B 136 -3.90 -9.89 -3.80
CA LEU B 136 -4.38 -9.96 -2.44
C LEU B 136 -3.31 -10.48 -1.48
N SER B 137 -3.08 -9.76 -0.39
CA SER B 137 -2.04 -10.21 0.57
C SER B 137 -2.14 -9.49 1.91
N GLY B 138 -1.39 -10.04 2.88
CA GLY B 138 -1.24 -9.48 4.21
C GLY B 138 0.19 -8.91 4.29
N GLN B 139 0.66 -8.83 5.52
CA GLN B 139 2.00 -8.21 5.72
C GLN B 139 2.98 -9.17 6.38
N HIS B 140 4.24 -8.80 6.38
CA HIS B 140 5.26 -9.54 7.15
C HIS B 140 6.04 -8.44 7.92
N ILE B 141 6.04 -8.56 9.25
CA ILE B 141 6.71 -7.51 10.03
C ILE B 141 7.72 -8.06 11.04
N GLN B 142 8.88 -7.43 11.11
CA GLN B 142 9.91 -7.94 12.06
C GLN B 142 9.67 -7.34 13.42
N LEU B 143 9.55 -8.15 14.49
CA LEU B 143 9.34 -7.64 15.82
C LEU B 143 10.59 -7.65 16.70
N PRO B 144 10.56 -6.95 17.83
CA PRO B 144 11.67 -6.88 18.76
C PRO B 144 12.15 -8.25 19.22
N GLY B 145 13.46 -8.45 19.25
CA GLY B 145 14.03 -9.65 19.83
C GLY B 145 13.90 -10.89 18.97
N GLY B 146 13.91 -10.76 17.66
CA GLY B 146 13.84 -11.90 16.78
C GLY B 146 12.48 -12.46 16.45
N ALA B 147 11.42 -12.14 17.17
CA ALA B 147 10.08 -12.66 16.82
C ALA B 147 9.61 -11.99 15.53
N PHE B 148 8.59 -12.56 14.84
CA PHE B 148 8.07 -11.85 13.66
C PHE B 148 6.57 -12.14 13.60
N ALA B 149 5.79 -11.27 12.99
CA ALA B 149 4.40 -11.57 12.70
C ALA B 149 4.08 -11.53 11.22
N TYR B 150 2.94 -12.16 10.85
CA TYR B 150 2.47 -12.06 9.46
C TYR B 150 0.96 -11.99 9.54
N THR B 151 0.33 -11.26 8.61
CA THR B 151 -1.13 -11.34 8.54
C THR B 151 -1.57 -12.10 7.27
N ARG B 152 -2.57 -12.95 7.42
CA ARG B 152 -3.12 -13.67 6.24
C ARG B 152 -4.43 -12.96 5.81
N ARG B 153 -4.56 -12.60 4.56
CA ARG B 153 -5.85 -12.01 4.11
C ARG B 153 -6.79 -13.16 3.72
N GLU B 154 -7.76 -13.44 4.57
CA GLU B 154 -8.69 -14.54 4.37
C GLU B 154 -10.08 -14.11 3.92
N PRO B 155 -10.86 -15.03 3.34
CA PRO B 155 -12.24 -14.79 2.99
C PRO B 155 -13.11 -14.73 4.25
N LEU B 156 -14.37 -14.33 4.07
CA LEU B 156 -15.35 -14.29 5.14
C LEU B 156 -16.15 -15.57 5.24
N GLY B 157 -16.67 -16.05 4.11
CA GLY B 157 -17.51 -17.21 4.14
C GLY B 157 -18.64 -17.07 3.11
N VAL B 158 -19.88 -17.22 3.56
CA VAL B 158 -21.02 -16.98 2.68
C VAL B 158 -21.47 -15.51 2.84
N CYS B 159 -21.46 -14.73 1.78
CA CYS B 159 -21.88 -13.34 1.83
C CYS B 159 -23.25 -13.21 1.16
N ALA B 160 -24.15 -12.46 1.77
CA ALA B 160 -25.49 -12.26 1.24
C ALA B 160 -25.60 -10.87 0.67
N GLY B 161 -26.12 -10.74 -0.55
CA GLY B 161 -26.35 -9.36 -1.08
C GLY B 161 -27.84 -9.15 -1.37
N ILE B 162 -28.38 -8.05 -0.88
CA ILE B 162 -29.77 -7.66 -1.05
C ILE B 162 -29.80 -6.46 -1.99
N LEU B 163 -30.35 -6.66 -3.19
CA LEU B 163 -30.18 -5.71 -4.29
C LEU B 163 -31.38 -4.80 -4.55
N ALA B 164 -31.13 -3.70 -5.25
CA ALA B 164 -32.16 -2.78 -5.70
C ALA B 164 -32.57 -3.02 -7.16
N TRP B 165 -33.65 -2.37 -7.57
CA TRP B 165 -34.24 -2.57 -8.90
C TRP B 165 -33.82 -1.57 -9.98
N ASN B 166 -33.00 -0.59 -9.63
CA ASN B 166 -32.66 0.42 -10.64
C ASN B 166 -31.52 0.04 -11.55
N TYR B 167 -30.61 -0.86 -11.19
CA TYR B 167 -29.46 -1.31 -11.98
C TYR B 167 -29.25 -2.81 -11.72
N PRO B 168 -30.24 -3.65 -12.02
CA PRO B 168 -30.29 -5.03 -11.62
C PRO B 168 -29.09 -5.88 -11.92
N PHE B 169 -28.65 -5.97 -13.16
CA PHE B 169 -27.53 -6.81 -13.54
C PHE B 169 -26.20 -6.23 -13.03
N MET B 170 -26.07 -4.90 -13.21
CA MET B 170 -24.84 -4.23 -12.77
C MET B 170 -24.62 -4.31 -11.24
N ILE B 171 -25.63 -4.07 -10.44
CA ILE B 171 -25.44 -4.20 -9.00
C ILE B 171 -25.23 -5.65 -8.54
N ALA B 172 -25.89 -6.65 -9.14
CA ALA B 172 -25.54 -8.04 -8.87
C ALA B 172 -24.03 -8.27 -9.08
N ALA B 173 -23.48 -7.81 -10.20
CA ALA B 173 -22.09 -7.92 -10.53
C ALA B 173 -21.18 -7.14 -9.54
N TRP B 174 -21.48 -5.90 -9.23
CA TRP B 174 -20.74 -5.15 -8.24
C TRP B 174 -20.67 -5.80 -6.87
N LYS B 175 -21.61 -6.61 -6.39
CA LYS B 175 -21.42 -7.36 -5.17
C LYS B 175 -20.79 -8.74 -5.39
N CYS B 176 -21.03 -9.40 -6.52
CA CYS B 176 -20.39 -10.70 -6.77
C CYS B 176 -18.88 -10.55 -7.01
N ALA B 177 -18.43 -9.53 -7.73
CA ALA B 177 -17.09 -9.44 -8.22
C ALA B 177 -16.04 -9.38 -7.09
N PRO B 178 -16.12 -8.41 -6.19
CA PRO B 178 -15.22 -8.35 -5.04
C PRO B 178 -15.38 -9.53 -4.12
N ALA B 179 -16.59 -10.01 -3.88
CA ALA B 179 -16.75 -11.17 -2.99
C ALA B 179 -16.00 -12.40 -3.48
N LEU B 180 -16.21 -12.69 -4.79
CA LEU B 180 -15.58 -13.86 -5.40
C LEU B 180 -14.08 -13.72 -5.43
N ALA B 181 -13.56 -12.59 -5.90
CA ALA B 181 -12.12 -12.36 -5.96
C ALA B 181 -11.46 -12.65 -4.60
N CYS B 182 -12.11 -12.31 -3.49
CA CYS B 182 -11.62 -12.53 -2.16
C CYS B 182 -11.82 -13.95 -1.65
N GLY B 183 -12.45 -14.83 -2.43
CA GLY B 183 -12.57 -16.24 -2.11
C GLY B 183 -13.82 -16.53 -1.28
N ASN B 184 -14.87 -15.71 -1.39
CA ASN B 184 -16.14 -16.02 -0.73
C ASN B 184 -17.14 -16.72 -1.67
N ALA B 185 -18.19 -17.30 -1.09
CA ALA B 185 -19.33 -17.74 -1.90
C ALA B 185 -20.44 -16.69 -1.72
N VAL B 186 -21.42 -16.66 -2.62
CA VAL B 186 -22.47 -15.65 -2.58
C VAL B 186 -23.88 -16.16 -2.79
N VAL B 187 -24.82 -15.61 -2.01
CA VAL B 187 -26.24 -15.80 -2.11
C VAL B 187 -26.79 -14.35 -2.28
N PHE B 188 -27.43 -14.02 -3.39
CA PHE B 188 -28.07 -12.71 -3.52
C PHE B 188 -29.57 -12.82 -3.89
N LYS B 189 -30.29 -11.75 -3.51
CA LYS B 189 -31.73 -11.62 -3.66
C LYS B 189 -32.09 -10.38 -4.48
N PRO B 190 -32.44 -10.55 -5.73
CA PRO B 190 -32.88 -9.45 -6.58
C PRO B 190 -34.08 -8.74 -5.96
N SER B 191 -34.23 -7.45 -6.25
CA SER B 191 -35.55 -6.84 -5.96
C SER B 191 -36.59 -7.72 -6.65
N PRO B 192 -37.72 -7.99 -6.00
CA PRO B 192 -38.79 -8.78 -6.56
C PRO B 192 -39.46 -8.16 -7.78
N MET B 193 -39.23 -6.89 -8.08
CA MET B 193 -39.69 -6.25 -9.30
C MET B 193 -38.82 -6.54 -10.49
N THR B 194 -37.55 -6.94 -10.24
CA THR B 194 -36.56 -7.20 -11.27
C THR B 194 -35.74 -8.48 -11.03
N PRO B 195 -36.41 -9.62 -11.05
CA PRO B 195 -35.81 -10.87 -10.67
C PRO B 195 -35.08 -11.60 -11.79
N VAL B 196 -35.27 -11.23 -13.06
CA VAL B 196 -34.83 -12.14 -14.12
C VAL B 196 -33.37 -12.03 -14.54
N THR B 197 -32.74 -10.87 -14.77
CA THR B 197 -31.38 -10.88 -15.30
C THR B 197 -30.34 -11.37 -14.29
N GLY B 198 -30.63 -11.28 -13.00
CA GLY B 198 -29.78 -11.82 -11.95
C GLY B 198 -29.41 -13.29 -12.11
N VAL B 199 -30.33 -14.16 -12.54
CA VAL B 199 -29.99 -15.58 -12.62
C VAL B 199 -29.16 -15.87 -13.85
N ILE B 200 -29.20 -14.97 -14.85
CA ILE B 200 -28.25 -15.08 -15.97
C ILE B 200 -26.81 -14.89 -15.49
N LEU B 201 -26.57 -13.91 -14.64
CA LEU B 201 -25.22 -13.71 -14.10
C LEU B 201 -24.76 -15.00 -13.39
N ALA B 202 -25.60 -15.55 -12.51
CA ALA B 202 -25.25 -16.75 -11.77
C ALA B 202 -24.97 -17.95 -12.66
N GLU B 203 -25.65 -18.13 -13.76
CA GLU B 203 -25.45 -19.16 -14.73
C GLU B 203 -24.14 -18.95 -15.46
N ILE B 204 -23.83 -17.69 -15.81
CA ILE B 204 -22.58 -17.44 -16.51
C ILE B 204 -21.35 -17.74 -15.62
N PHE B 205 -21.40 -17.50 -14.32
CA PHE B 205 -20.24 -17.87 -13.45
C PHE B 205 -20.05 -19.40 -13.43
N HIS B 206 -21.15 -20.15 -13.40
CA HIS B 206 -21.10 -21.61 -13.52
C HIS B 206 -20.54 -22.04 -14.87
N GLU B 207 -20.94 -21.39 -15.95
CA GLU B 207 -20.39 -21.70 -17.26
C GLU B 207 -18.88 -21.47 -17.31
N ALA B 208 -18.46 -20.39 -16.66
CA ALA B 208 -17.07 -20.02 -16.59
C ALA B 208 -16.22 -20.99 -15.75
N GLY B 209 -16.78 -21.83 -14.88
CA GLY B 209 -15.97 -22.76 -14.13
C GLY B 209 -15.98 -22.67 -12.63
N VAL B 210 -16.85 -21.90 -12.03
CA VAL B 210 -16.97 -21.78 -10.56
C VAL B 210 -17.42 -23.09 -9.96
N PRO B 211 -16.84 -23.54 -8.85
CA PRO B 211 -17.37 -24.67 -8.10
C PRO B 211 -18.87 -24.59 -7.95
N VAL B 212 -19.58 -25.66 -8.34
CA VAL B 212 -21.03 -25.70 -8.27
C VAL B 212 -21.57 -25.21 -6.94
N GLY B 213 -22.49 -24.25 -7.09
CA GLY B 213 -23.19 -23.69 -5.94
C GLY B 213 -22.52 -22.42 -5.46
N LEU B 214 -21.50 -21.91 -6.15
CA LEU B 214 -20.76 -20.76 -5.60
C LEU B 214 -21.66 -19.51 -5.57
N VAL B 215 -22.44 -19.29 -6.66
CA VAL B 215 -23.25 -18.09 -6.77
C VAL B 215 -24.73 -18.50 -6.84
N ASN B 216 -25.53 -18.13 -5.86
CA ASN B 216 -26.91 -18.55 -5.72
C ASN B 216 -27.91 -17.39 -5.69
N VAL B 217 -29.15 -17.66 -6.10
CA VAL B 217 -30.15 -16.60 -6.24
C VAL B 217 -31.45 -16.97 -5.55
N VAL B 218 -31.87 -16.20 -4.55
CA VAL B 218 -33.15 -16.47 -3.91
C VAL B 218 -34.00 -15.21 -4.13
N GLN B 219 -35.20 -15.43 -4.69
CA GLN B 219 -36.13 -14.33 -4.96
C GLN B 219 -37.04 -14.10 -3.75
N GLY B 220 -37.62 -12.91 -3.62
CA GLY B 220 -38.56 -12.65 -2.54
C GLY B 220 -38.51 -11.19 -2.10
N GLY B 221 -39.32 -10.80 -1.14
CA GLY B 221 -39.35 -9.45 -0.63
C GLY B 221 -38.70 -9.35 0.75
N ALA B 222 -39.27 -8.56 1.64
CA ALA B 222 -38.75 -8.26 2.96
C ALA B 222 -38.50 -9.49 3.82
N GLU B 223 -39.41 -10.44 3.84
CA GLU B 223 -39.27 -11.65 4.63
C GLU B 223 -38.08 -12.48 4.13
N THR B 224 -37.94 -12.60 2.82
CA THR B 224 -36.84 -13.37 2.26
C THR B 224 -35.51 -12.70 2.64
N GLY B 225 -35.47 -11.37 2.55
CA GLY B 225 -34.35 -10.56 2.95
C GLY B 225 -34.00 -10.67 4.43
N SER B 226 -34.98 -10.71 5.29
CA SER B 226 -34.85 -10.92 6.72
C SER B 226 -34.28 -12.28 7.08
N LEU B 227 -34.74 -13.36 6.47
CA LEU B 227 -34.13 -14.66 6.62
C LEU B 227 -32.62 -14.63 6.35
N LEU B 228 -32.14 -13.89 5.35
CA LEU B 228 -30.72 -13.84 5.02
C LEU B 228 -29.97 -13.14 6.15
N CYS B 229 -30.56 -12.06 6.67
CA CYS B 229 -29.97 -11.29 7.74
C CYS B 229 -29.88 -12.08 9.03
N HIS B 230 -30.77 -13.03 9.26
CA HIS B 230 -30.89 -13.77 10.47
C HIS B 230 -30.19 -15.13 10.35
N HIS B 231 -29.80 -15.53 9.15
CA HIS B 231 -29.24 -16.87 8.98
C HIS B 231 -27.91 -16.97 9.72
N PRO B 232 -27.79 -17.98 10.57
CA PRO B 232 -26.61 -18.21 11.40
C PRO B 232 -25.36 -18.58 10.65
N ASN B 233 -25.41 -19.07 9.43
CA ASN B 233 -24.24 -19.40 8.65
C ASN B 233 -23.92 -18.43 7.51
N VAL B 234 -24.52 -17.25 7.52
CA VAL B 234 -24.11 -16.19 6.61
C VAL B 234 -23.11 -15.33 7.37
N ALA B 235 -21.92 -15.06 6.84
CA ALA B 235 -20.95 -14.23 7.54
C ALA B 235 -21.14 -12.73 7.34
N LYS B 236 -21.71 -12.28 6.21
CA LYS B 236 -21.75 -10.85 5.92
C LYS B 236 -23.00 -10.55 5.08
N VAL B 237 -23.60 -9.37 5.27
CA VAL B 237 -24.73 -8.92 4.44
C VAL B 237 -24.29 -7.64 3.73
N SER B 238 -24.49 -7.50 2.43
CA SER B 238 -24.33 -6.19 1.79
C SER B 238 -25.69 -5.74 1.24
N PHE B 239 -26.15 -4.56 1.63
CA PHE B 239 -27.49 -4.09 1.28
C PHE B 239 -27.48 -2.83 0.44
N THR B 240 -28.28 -2.74 -0.61
CA THR B 240 -28.51 -1.46 -1.31
C THR B 240 -30.01 -1.13 -1.29
N GLY B 241 -30.40 0.11 -1.00
CA GLY B 241 -31.79 0.45 -0.82
C GLY B 241 -32.01 1.72 0.02
N SER B 242 -33.16 1.78 0.69
CA SER B 242 -33.57 2.98 1.41
C SER B 242 -32.96 3.04 2.83
N VAL B 243 -33.03 4.21 3.46
CA VAL B 243 -32.49 4.45 4.79
C VAL B 243 -33.21 3.62 5.83
N PRO B 244 -34.54 3.71 5.85
CA PRO B 244 -35.34 2.97 6.80
C PRO B 244 -35.10 1.47 6.67
N THR B 245 -35.03 0.92 5.46
CA THR B 245 -34.79 -0.54 5.40
C THR B 245 -33.34 -0.88 5.80
N GLY B 246 -32.40 0.00 5.46
CA GLY B 246 -31.00 -0.19 5.80
C GLY B 246 -30.83 -0.27 7.32
N LYS B 247 -31.48 0.61 8.06
CA LYS B 247 -31.49 0.62 9.51
C LYS B 247 -31.96 -0.71 10.07
N LYS B 248 -33.02 -1.26 9.50
CA LYS B 248 -33.54 -2.55 9.95
C LYS B 248 -32.58 -3.69 9.69
N VAL B 249 -31.94 -3.70 8.53
CA VAL B 249 -30.96 -4.68 8.17
C VAL B 249 -29.84 -4.72 9.21
N MET B 250 -29.33 -3.54 9.56
CA MET B 250 -28.25 -3.43 10.53
C MET B 250 -28.65 -4.02 11.89
N GLU B 251 -29.87 -3.73 12.33
CA GLU B 251 -30.46 -4.25 13.54
C GLU B 251 -30.65 -5.77 13.52
N MET B 252 -31.20 -6.31 12.43
CA MET B 252 -31.32 -7.77 12.35
C MET B 252 -29.95 -8.44 12.34
N SER B 253 -28.97 -7.77 11.72
CA SER B 253 -27.64 -8.32 11.54
C SER B 253 -26.85 -8.31 12.85
N ALA B 254 -27.25 -7.49 13.81
CA ALA B 254 -26.68 -7.41 15.13
C ALA B 254 -26.86 -8.66 15.99
N LYS B 255 -27.84 -9.49 15.72
CA LYS B 255 -28.10 -10.71 16.43
C LYS B 255 -27.05 -11.79 16.26
N THR B 256 -26.34 -11.83 15.16
CA THR B 256 -25.24 -12.75 14.93
C THR B 256 -23.92 -12.02 14.73
N VAL B 257 -23.88 -10.72 15.09
CA VAL B 257 -22.64 -9.93 14.96
C VAL B 257 -22.07 -10.02 13.54
N LYS B 258 -22.93 -9.91 12.51
CA LYS B 258 -22.51 -10.00 11.13
C LYS B 258 -21.78 -8.78 10.61
N HIS B 259 -20.85 -8.96 9.67
CA HIS B 259 -20.31 -7.88 8.87
C HIS B 259 -21.43 -7.25 8.02
N VAL B 260 -21.59 -5.94 8.02
CA VAL B 260 -22.59 -5.21 7.28
C VAL B 260 -22.01 -4.10 6.41
N THR B 261 -22.45 -3.96 5.16
CA THR B 261 -22.19 -2.70 4.43
C THR B 261 -23.54 -2.18 3.93
N LEU B 262 -23.71 -0.85 3.95
CA LEU B 262 -24.99 -0.26 3.57
C LEU B 262 -24.76 0.87 2.55
N GLU B 263 -25.48 0.78 1.43
CA GLU B 263 -25.45 1.83 0.41
C GLU B 263 -26.87 2.38 0.31
N LEU B 264 -27.11 3.52 0.96
CA LEU B 264 -28.49 4.02 1.11
C LEU B 264 -28.77 5.16 0.13
N GLY B 265 -29.83 5.93 0.25
CA GLY B 265 -30.06 6.83 -0.93
C GLY B 265 -29.27 8.13 -0.77
N GLY B 266 -29.83 9.22 -1.27
CA GLY B 266 -29.22 10.52 -1.02
C GLY B 266 -30.17 11.68 -1.30
N LYS B 267 -29.63 12.88 -1.14
CA LYS B 267 -30.28 14.11 -1.58
C LYS B 267 -29.11 15.02 -1.95
N SER B 268 -28.30 14.51 -2.88
CA SER B 268 -27.04 15.11 -3.25
C SER B 268 -27.13 16.49 -3.88
N PRO B 269 -26.21 17.37 -3.48
CA PRO B 269 -26.24 18.75 -3.96
C PRO B 269 -25.26 19.00 -5.07
N LEU B 270 -25.65 19.83 -6.05
CA LEU B 270 -24.80 20.17 -7.18
C LEU B 270 -24.62 21.69 -7.16
N LEU B 271 -23.39 22.17 -7.07
CA LEU B 271 -23.17 23.60 -6.87
C LEU B 271 -22.62 24.20 -8.16
N ILE B 272 -23.28 25.21 -8.69
CA ILE B 272 -22.95 25.84 -9.96
C ILE B 272 -22.59 27.30 -9.76
N PHE B 273 -21.32 27.61 -9.81
CA PHE B 273 -20.85 28.99 -9.61
C PHE B 273 -20.95 29.81 -10.88
N LYS B 274 -20.96 31.13 -10.71
CA LYS B 274 -21.10 32.04 -11.85
C LYS B 274 -19.98 31.98 -12.83
N ASP B 275 -18.78 31.52 -12.46
CA ASP B 275 -17.65 31.46 -13.39
C ASP B 275 -17.65 30.15 -14.15
N CYS B 276 -18.68 29.29 -14.08
CA CYS B 276 -18.65 28.02 -14.79
C CYS B 276 -18.72 28.20 -16.29
N GLU B 277 -18.52 27.10 -17.02
CA GLU B 277 -18.84 27.07 -18.46
C GLU B 277 -20.30 26.61 -18.59
N LEU B 278 -21.21 27.52 -18.93
CA LEU B 278 -22.64 27.25 -18.75
C LEU B 278 -23.18 25.98 -19.39
N GLU B 279 -22.79 25.70 -20.62
CA GLU B 279 -23.23 24.52 -21.36
C GLU B 279 -22.75 23.23 -20.67
N ASN B 280 -21.56 23.24 -20.06
CA ASN B 280 -21.12 22.06 -19.29
C ASN B 280 -21.95 21.90 -18.05
N ALA B 281 -22.20 23.00 -17.33
CA ALA B 281 -23.07 22.98 -16.16
C ALA B 281 -24.50 22.54 -16.50
N VAL B 282 -25.04 22.96 -17.66
CA VAL B 282 -26.34 22.46 -18.09
C VAL B 282 -26.30 20.96 -18.32
N ARG B 283 -25.37 20.48 -19.14
CA ARG B 283 -25.17 19.04 -19.27
C ARG B 283 -25.02 18.29 -17.93
N GLY B 284 -24.18 18.81 -17.01
CA GLY B 284 -24.08 18.21 -15.70
C GLY B 284 -25.39 18.12 -14.95
N ALA B 285 -26.16 19.23 -14.91
CA ALA B 285 -27.42 19.12 -14.12
C ALA B 285 -28.40 18.11 -14.73
N LEU B 286 -28.43 18.04 -16.06
CA LEU B 286 -29.28 17.06 -16.78
C LEU B 286 -28.84 15.61 -16.52
N MET B 287 -27.53 15.38 -16.57
CA MET B 287 -26.94 14.07 -16.25
C MET B 287 -27.02 13.77 -14.76
N ALA B 288 -27.20 14.79 -13.91
CA ALA B 288 -27.36 14.57 -12.47
C ALA B 288 -28.77 14.19 -12.08
N ASN B 289 -29.75 14.33 -12.99
CA ASN B 289 -31.15 14.19 -12.56
C ASN B 289 -31.97 13.19 -13.35
N PHE B 290 -31.67 13.01 -14.63
CA PHE B 290 -32.54 12.27 -15.53
C PHE B 290 -32.11 10.95 -16.10
N LEU B 291 -30.99 10.35 -15.65
CA LEU B 291 -30.64 9.02 -16.14
C LEU B 291 -31.59 8.00 -15.49
N THR B 292 -31.94 6.94 -16.20
CA THR B 292 -32.77 5.90 -15.58
C THR B 292 -34.04 6.43 -14.92
N GLN B 293 -34.71 7.34 -15.62
CA GLN B 293 -36.00 7.92 -15.22
C GLN B 293 -35.86 8.62 -13.88
N GLY B 294 -34.75 9.22 -13.56
CA GLY B 294 -34.43 9.82 -12.29
C GLY B 294 -34.36 8.86 -11.11
N GLN B 295 -34.19 7.56 -11.30
CA GLN B 295 -34.24 6.56 -10.23
C GLN B 295 -32.79 6.12 -9.91
N VAL B 296 -31.96 7.08 -9.49
CA VAL B 296 -30.52 6.91 -9.29
C VAL B 296 -30.09 7.48 -7.93
N CYS B 297 -29.40 6.64 -7.13
CA CYS B 297 -29.02 7.00 -5.77
C CYS B 297 -28.18 8.27 -5.63
N THR B 298 -27.22 8.48 -6.52
CA THR B 298 -26.37 9.65 -6.45
C THR B 298 -26.87 10.98 -7.02
N ASN B 299 -28.00 10.97 -7.70
CA ASN B 299 -28.48 12.14 -8.44
C ASN B 299 -28.40 13.43 -7.62
N GLY B 300 -27.83 14.45 -8.23
CA GLY B 300 -27.77 15.79 -7.67
C GLY B 300 -29.08 16.52 -7.82
N THR B 301 -30.02 16.23 -6.93
CA THR B 301 -31.41 16.57 -6.99
C THR B 301 -31.66 17.91 -6.30
N ARG B 302 -30.63 18.45 -5.65
CA ARG B 302 -30.72 19.84 -5.20
C ARG B 302 -29.72 20.66 -6.03
N VAL B 303 -30.17 21.37 -7.04
CA VAL B 303 -29.23 22.14 -7.87
C VAL B 303 -29.15 23.60 -7.42
N PHE B 304 -28.02 23.98 -6.84
CA PHE B 304 -27.82 25.31 -6.30
C PHE B 304 -27.16 26.15 -7.38
N VAL B 305 -27.79 27.24 -7.83
CA VAL B 305 -27.19 28.03 -8.90
C VAL B 305 -26.95 29.47 -8.47
N GLN B 306 -25.77 29.99 -8.68
CA GLN B 306 -25.40 31.31 -8.18
C GLN B 306 -26.32 32.35 -8.83
N ARG B 307 -26.96 33.19 -8.04
CA ARG B 307 -27.99 34.12 -8.44
C ARG B 307 -27.81 34.76 -9.79
N GLU B 308 -26.68 35.34 -10.14
CA GLU B 308 -26.44 36.04 -11.37
C GLU B 308 -26.66 35.25 -12.67
N ILE B 309 -26.39 33.94 -12.67
CA ILE B 309 -26.56 33.15 -13.88
C ILE B 309 -27.79 32.25 -13.87
N MET B 310 -28.62 32.37 -12.85
CA MET B 310 -29.85 31.60 -12.69
C MET B 310 -30.80 31.69 -13.87
N PRO B 311 -31.10 32.88 -14.37
CA PRO B 311 -32.00 33.05 -15.50
C PRO B 311 -31.53 32.30 -16.73
N GLN B 312 -30.30 32.51 -17.18
CA GLN B 312 -29.79 31.79 -18.34
C GLN B 312 -29.60 30.29 -18.10
N PHE B 313 -29.34 29.83 -16.89
CA PHE B 313 -29.26 28.41 -16.56
C PHE B 313 -30.64 27.79 -16.73
N LEU B 314 -31.64 28.37 -16.12
CA LEU B 314 -33.03 27.93 -16.15
C LEU B 314 -33.60 27.84 -17.56
N GLU B 315 -33.34 28.85 -18.37
CA GLU B 315 -33.83 28.92 -19.74
C GLU B 315 -33.37 27.70 -20.53
N GLU B 316 -32.06 27.46 -20.48
CA GLU B 316 -31.50 26.33 -21.23
C GLU B 316 -31.91 24.99 -20.59
N VAL B 317 -31.95 24.93 -19.26
CA VAL B 317 -32.22 23.60 -18.65
C VAL B 317 -33.66 23.16 -18.89
N VAL B 318 -34.60 24.11 -18.87
CA VAL B 318 -36.00 23.78 -19.13
C VAL B 318 -36.24 23.35 -20.56
N LYS B 319 -35.62 24.01 -21.53
CA LYS B 319 -35.73 23.67 -22.93
C LYS B 319 -35.17 22.27 -23.20
N ARG B 320 -34.02 22.00 -22.58
CA ARG B 320 -33.41 20.68 -22.71
C ARG B 320 -34.23 19.58 -22.05
N THR B 321 -34.86 19.82 -20.90
CA THR B 321 -35.68 18.80 -20.26
C THR B 321 -36.93 18.47 -21.07
N LYS B 322 -37.65 19.51 -21.53
CA LYS B 322 -38.77 19.32 -22.45
C LYS B 322 -38.39 18.59 -23.72
N ALA B 323 -37.19 18.78 -24.26
CA ALA B 323 -36.75 18.05 -25.43
C ALA B 323 -36.45 16.58 -25.18
N ILE B 324 -36.35 16.10 -23.95
CA ILE B 324 -36.09 14.66 -23.71
C ILE B 324 -37.14 13.76 -24.35
N VAL B 325 -36.76 12.86 -25.26
CA VAL B 325 -37.70 11.91 -25.86
C VAL B 325 -38.11 10.81 -24.89
N VAL B 326 -39.37 10.78 -24.48
CA VAL B 326 -39.91 9.73 -23.63
C VAL B 326 -40.73 8.75 -24.50
N GLY B 327 -40.44 7.47 -24.41
CA GLY B 327 -41.16 6.47 -25.20
C GLY B 327 -40.60 5.08 -25.03
N ASP B 328 -40.55 4.35 -26.14
CA ASP B 328 -40.05 2.97 -26.16
C ASP B 328 -38.55 2.96 -25.89
N PRO B 329 -38.16 2.35 -24.77
CA PRO B 329 -36.76 2.27 -24.36
C PRO B 329 -35.86 1.44 -25.26
N LEU B 330 -36.45 0.61 -26.13
CA LEU B 330 -35.69 -0.22 -27.07
C LEU B 330 -35.29 0.56 -28.31
N LEU B 331 -35.82 1.77 -28.52
CA LEU B 331 -35.37 2.61 -29.61
C LEU B 331 -34.06 3.32 -29.20
N THR B 332 -33.08 3.39 -30.11
CA THR B 332 -31.83 4.05 -29.79
C THR B 332 -31.96 5.54 -29.46
N GLU B 333 -32.97 6.20 -30.02
CA GLU B 333 -33.10 7.65 -29.81
C GLU B 333 -34.02 8.00 -28.66
N THR B 334 -34.67 7.05 -28.00
CA THR B 334 -35.43 7.34 -26.78
C THR B 334 -34.43 7.74 -25.68
N ARG B 335 -34.83 8.64 -24.77
CA ARG B 335 -33.92 9.08 -23.71
C ARG B 335 -34.53 8.91 -22.31
N MET B 336 -35.81 8.56 -22.24
CA MET B 336 -36.45 8.21 -21.00
C MET B 336 -37.54 7.16 -21.25
N GLY B 337 -37.58 6.09 -20.45
CA GLY B 337 -38.62 5.09 -20.49
C GLY B 337 -39.60 5.23 -19.35
N GLY B 338 -40.32 4.16 -18.99
CA GLY B 338 -41.30 4.25 -17.93
C GLY B 338 -40.62 4.04 -16.56
N LEU B 339 -41.17 4.59 -15.50
CA LEU B 339 -40.65 4.33 -14.17
C LEU B 339 -41.00 2.86 -13.81
N ILE B 340 -40.46 2.37 -12.71
CA ILE B 340 -40.39 0.93 -12.48
C ILE B 340 -41.72 0.24 -12.19
N SER B 341 -42.63 0.95 -11.52
CA SER B 341 -43.92 0.38 -11.15
C SER B 341 -44.98 1.49 -11.06
N LYS B 342 -46.23 1.09 -10.92
CA LYS B 342 -47.33 2.05 -10.78
C LYS B 342 -47.28 2.82 -9.45
N PRO B 343 -47.08 2.11 -8.36
CA PRO B 343 -46.97 2.72 -7.04
C PRO B 343 -45.80 3.68 -6.96
N GLN B 344 -44.69 3.41 -7.64
CA GLN B 344 -43.57 4.34 -7.69
C GLN B 344 -43.93 5.59 -8.48
N LEU B 345 -44.55 5.40 -9.66
CA LEU B 345 -44.99 6.51 -10.47
C LEU B 345 -45.94 7.42 -9.66
N ASP B 346 -46.89 6.81 -8.97
CA ASP B 346 -47.87 7.54 -8.15
C ASP B 346 -47.24 8.29 -6.99
N LYS B 347 -46.27 7.65 -6.33
CA LYS B 347 -45.52 8.34 -5.29
C LYS B 347 -44.71 9.50 -5.83
N VAL B 348 -44.05 9.36 -6.98
CA VAL B 348 -43.31 10.44 -7.56
C VAL B 348 -44.26 11.60 -7.97
N LEU B 349 -45.40 11.29 -8.55
CA LEU B 349 -46.40 12.30 -8.93
C LEU B 349 -46.97 12.98 -7.69
N GLY B 350 -47.21 12.22 -6.63
CA GLY B 350 -47.58 12.70 -5.32
C GLY B 350 -46.60 13.73 -4.75
N PHE B 351 -45.30 13.54 -4.84
CA PHE B 351 -44.33 14.54 -4.49
C PHE B 351 -44.49 15.84 -5.28
N VAL B 352 -44.59 15.83 -6.59
CA VAL B 352 -44.74 17.05 -7.38
C VAL B 352 -46.03 17.77 -6.95
N ALA B 353 -47.13 17.07 -6.68
CA ALA B 353 -48.37 17.70 -6.32
C ALA B 353 -48.21 18.38 -4.97
N GLN B 354 -47.59 17.65 -4.05
CA GLN B 354 -47.28 18.19 -2.74
C GLN B 354 -46.34 19.40 -2.75
N ALA B 355 -45.36 19.39 -3.64
CA ALA B 355 -44.49 20.54 -3.81
C ALA B 355 -45.29 21.76 -4.29
N LYS B 356 -46.23 21.64 -5.25
CA LYS B 356 -46.96 22.83 -5.70
C LYS B 356 -47.82 23.37 -4.54
N LYS B 357 -48.36 22.50 -3.71
CA LYS B 357 -49.10 22.91 -2.53
C LYS B 357 -48.25 23.66 -1.51
N GLU B 358 -46.95 23.34 -1.42
CA GLU B 358 -46.06 24.03 -0.50
C GLU B 358 -45.49 25.30 -1.10
N GLY B 359 -45.75 25.58 -2.37
CA GLY B 359 -45.33 26.84 -2.97
C GLY B 359 -44.33 26.68 -4.09
N ALA B 360 -43.96 25.45 -4.45
CA ALA B 360 -43.05 25.25 -5.56
C ALA B 360 -43.66 25.62 -6.92
N ARG B 361 -42.79 26.07 -7.79
CA ARG B 361 -43.14 26.37 -9.16
C ARG B 361 -42.72 25.28 -10.14
N VAL B 362 -43.69 24.73 -10.86
CA VAL B 362 -43.40 23.74 -11.88
C VAL B 362 -43.02 24.43 -13.19
N LEU B 363 -41.75 24.41 -13.57
CA LEU B 363 -41.33 24.97 -14.83
C LEU B 363 -41.55 24.03 -16.01
N CYS B 364 -41.67 22.74 -15.78
CA CYS B 364 -42.00 21.79 -16.84
C CYS B 364 -42.31 20.43 -16.27
N GLY B 365 -43.07 19.60 -16.99
CA GLY B 365 -43.28 18.22 -16.65
C GLY B 365 -43.90 18.06 -15.27
N GLY B 366 -43.70 16.89 -14.67
CA GLY B 366 -44.31 16.52 -13.42
C GLY B 366 -45.75 16.04 -13.52
N GLU B 367 -46.11 15.52 -14.68
CA GLU B 367 -47.44 14.97 -14.91
C GLU B 367 -47.39 13.61 -15.54
N PRO B 368 -48.46 12.82 -15.38
CA PRO B 368 -48.64 11.58 -16.12
C PRO B 368 -48.57 11.87 -17.62
N LEU B 369 -48.09 10.93 -18.42
CA LEU B 369 -47.93 11.08 -19.85
C LEU B 369 -48.34 9.80 -20.56
N THR B 370 -49.01 9.91 -21.70
CA THR B 370 -49.28 8.77 -22.57
C THR B 370 -48.65 9.05 -23.93
N PRO B 371 -47.61 8.27 -24.24
CA PRO B 371 -46.92 8.37 -25.51
C PRO B 371 -47.87 8.13 -26.68
N SER B 372 -47.45 8.57 -27.87
CA SER B 372 -48.23 8.31 -29.08
C SER B 372 -48.43 6.82 -29.34
N ASP B 373 -47.37 6.04 -29.21
CA ASP B 373 -47.35 4.64 -29.62
C ASP B 373 -48.33 3.83 -28.80
N PRO B 374 -49.31 3.22 -29.45
CA PRO B 374 -50.36 2.47 -28.80
C PRO B 374 -49.97 1.33 -27.87
N LYS B 375 -48.82 0.67 -28.10
CA LYS B 375 -48.46 -0.45 -27.24
C LYS B 375 -47.86 0.02 -25.91
N LEU B 376 -47.61 1.30 -25.77
CA LEU B 376 -47.06 1.94 -24.60
C LEU B 376 -48.10 2.59 -23.70
N LYS B 377 -49.37 2.54 -24.08
CA LYS B 377 -50.45 3.23 -23.40
C LYS B 377 -50.60 2.98 -21.92
N ASN B 378 -50.35 1.76 -21.45
CA ASN B 378 -50.50 1.44 -20.04
C ASN B 378 -49.16 1.45 -19.29
N GLY B 379 -48.10 1.92 -19.94
CA GLY B 379 -46.79 2.00 -19.32
C GLY B 379 -46.77 3.06 -18.20
N TYR B 380 -45.70 3.02 -17.39
CA TYR B 380 -45.64 3.93 -16.23
C TYR B 380 -44.94 5.24 -16.54
N PHE B 381 -45.47 6.08 -17.43
CA PHE B 381 -44.80 7.24 -17.98
C PHE B 381 -45.20 8.56 -17.29
N MET B 382 -44.23 9.46 -17.20
CA MET B 382 -44.39 10.81 -16.72
C MET B 382 -43.42 11.74 -17.46
N SER B 383 -43.68 13.04 -17.48
CA SER B 383 -42.77 13.97 -18.12
C SER B 383 -41.74 14.40 -17.08
N PRO B 384 -40.46 14.44 -17.50
CA PRO B 384 -39.39 14.85 -16.61
C PRO B 384 -39.67 16.26 -16.10
N CYS B 385 -39.34 16.55 -14.86
CA CYS B 385 -39.82 17.72 -14.16
C CYS B 385 -38.73 18.62 -13.62
N VAL B 386 -38.93 19.94 -13.80
CA VAL B 386 -38.01 20.93 -13.23
C VAL B 386 -38.81 21.86 -12.31
N LEU B 387 -38.41 21.89 -11.04
CA LEU B 387 -39.01 22.74 -10.05
C LEU B 387 -38.16 23.97 -9.67
N ASP B 388 -38.84 25.08 -9.49
CA ASP B 388 -38.37 26.38 -9.17
C ASP B 388 -38.96 26.90 -7.87
N ASN B 389 -38.44 28.05 -7.40
CA ASN B 389 -39.05 28.72 -6.25
C ASN B 389 -39.06 27.85 -5.01
N CYS B 390 -38.02 27.05 -4.85
CA CYS B 390 -37.95 26.00 -3.85
C CYS B 390 -37.27 26.52 -2.59
N ARG B 391 -37.60 25.93 -1.44
CA ARG B 391 -36.96 26.32 -0.20
C ARG B 391 -36.31 25.10 0.51
N ASP B 392 -35.33 25.42 1.35
CA ASP B 392 -34.68 24.41 2.17
C ASP B 392 -35.60 23.68 3.12
N ASP B 393 -36.71 24.23 3.55
CA ASP B 393 -37.64 23.49 4.40
C ASP B 393 -38.67 22.68 3.63
N MET B 394 -38.70 22.78 2.30
CA MET B 394 -39.75 22.05 1.55
C MET B 394 -39.57 20.54 1.61
N THR B 395 -40.66 19.77 1.52
CA THR B 395 -40.57 18.33 1.50
C THR B 395 -39.76 17.83 0.31
N CYS B 396 -39.88 18.46 -0.87
CA CYS B 396 -39.22 18.01 -2.07
C CYS B 396 -37.73 18.32 -2.03
N VAL B 397 -37.33 19.27 -1.18
CA VAL B 397 -35.92 19.63 -1.07
C VAL B 397 -35.22 18.79 0.02
N LYS B 398 -35.97 18.20 0.92
CA LYS B 398 -35.45 17.38 1.99
C LYS B 398 -35.49 15.88 1.72
N GLU B 399 -36.50 15.38 1.02
CA GLU B 399 -36.67 13.96 0.82
C GLU B 399 -36.18 13.42 -0.52
N GLU B 400 -35.66 12.18 -0.49
CA GLU B 400 -35.29 11.51 -1.71
C GLU B 400 -36.58 11.16 -2.50
N ILE B 401 -36.72 11.65 -3.70
CA ILE B 401 -37.93 11.44 -4.50
C ILE B 401 -37.78 10.18 -5.36
N PHE B 402 -36.64 10.00 -6.02
CA PHE B 402 -36.41 8.85 -6.85
C PHE B 402 -37.35 8.79 -8.06
N GLY B 403 -37.50 9.91 -8.72
CA GLY B 403 -38.10 10.09 -10.02
C GLY B 403 -37.43 11.30 -10.66
N PRO B 404 -37.84 11.67 -11.88
CA PRO B 404 -37.19 12.74 -12.61
C PRO B 404 -37.67 14.13 -12.21
N VAL B 405 -37.22 14.61 -11.04
CA VAL B 405 -37.66 15.88 -10.48
C VAL B 405 -36.43 16.65 -9.98
N MET B 406 -35.95 17.61 -10.73
CA MET B 406 -34.89 18.51 -10.35
C MET B 406 -35.40 19.69 -9.50
N SER B 407 -34.83 19.91 -8.30
CA SER B 407 -35.18 21.10 -7.54
C SER B 407 -34.05 22.14 -7.63
N VAL B 408 -34.34 23.33 -8.11
CA VAL B 408 -33.35 24.35 -8.38
C VAL B 408 -33.52 25.47 -7.36
N LEU B 409 -32.39 25.94 -6.79
CA LEU B 409 -32.41 26.98 -5.76
C LEU B 409 -31.27 27.97 -5.97
N PRO B 410 -31.51 29.23 -5.68
CA PRO B 410 -30.49 30.28 -5.90
C PRO B 410 -29.52 30.29 -4.73
N PHE B 411 -28.32 30.83 -4.91
CA PHE B 411 -27.47 31.12 -3.73
C PHE B 411 -26.64 32.36 -3.98
N ASP B 412 -26.12 32.98 -2.93
CA ASP B 412 -25.26 34.14 -3.19
C ASP B 412 -23.79 33.85 -2.95
N THR B 413 -23.42 33.11 -1.92
CA THR B 413 -22.01 33.00 -1.54
C THR B 413 -21.60 31.52 -1.33
N GLU B 414 -20.30 31.27 -1.41
CA GLU B 414 -19.73 29.95 -1.17
C GLU B 414 -19.91 29.44 0.25
N GLU B 415 -19.69 30.31 1.22
CA GLU B 415 -19.92 29.95 2.62
C GLU B 415 -21.39 29.59 2.84
N GLU B 416 -22.29 30.41 2.28
CA GLU B 416 -23.71 30.11 2.40
C GLU B 416 -24.08 28.77 1.77
N VAL B 417 -23.72 28.52 0.51
CA VAL B 417 -24.18 27.31 -0.17
C VAL B 417 -23.62 26.07 0.55
N LEU B 418 -22.36 26.15 0.96
CA LEU B 418 -21.74 24.99 1.64
C LEU B 418 -22.50 24.63 2.90
N GLN B 419 -23.02 25.60 3.67
CA GLN B 419 -23.81 25.20 4.83
C GLN B 419 -25.17 24.61 4.45
N ARG B 420 -25.81 25.14 3.40
CA ARG B 420 -27.10 24.57 2.98
C ARG B 420 -26.90 23.21 2.35
N ALA B 421 -25.85 23.03 1.55
CA ALA B 421 -25.58 21.71 0.95
C ALA B 421 -25.34 20.62 2.00
N ASN B 422 -24.61 20.92 3.08
CA ASN B 422 -24.27 19.96 4.14
C ASN B 422 -25.29 19.78 5.24
N ASN B 423 -26.30 20.64 5.32
CA ASN B 423 -27.37 20.60 6.30
C ASN B 423 -28.41 19.55 5.97
N THR B 424 -28.03 18.29 6.18
CA THR B 424 -28.80 17.13 5.83
C THR B 424 -28.13 15.93 6.54
N THR B 425 -28.91 14.86 6.63
CA THR B 425 -28.41 13.63 7.24
C THR B 425 -27.87 12.65 6.18
N PHE B 426 -28.16 13.00 4.91
CA PHE B 426 -27.72 12.25 3.80
C PHE B 426 -26.28 12.68 3.48
N GLY B 427 -25.57 11.87 2.69
CA GLY B 427 -24.23 12.25 2.29
C GLY B 427 -23.64 11.27 1.28
N LEU B 428 -24.40 10.97 0.22
CA LEU B 428 -23.88 10.04 -0.78
C LEU B 428 -22.94 10.73 -1.76
N ALA B 429 -23.44 11.66 -2.55
CA ALA B 429 -22.64 12.32 -3.57
C ALA B 429 -22.84 13.84 -3.58
N SER B 430 -22.19 14.55 -4.49
CA SER B 430 -22.34 16.00 -4.63
C SER B 430 -21.64 16.43 -5.91
N GLY B 431 -21.60 17.69 -6.28
CA GLY B 431 -20.83 18.13 -7.45
C GLY B 431 -20.55 19.64 -7.39
N VAL B 432 -19.61 20.08 -8.22
CA VAL B 432 -19.34 21.52 -8.30
C VAL B 432 -18.91 21.90 -9.70
N PHE B 433 -19.57 22.92 -10.29
CA PHE B 433 -19.05 23.51 -11.52
C PHE B 433 -18.45 24.88 -11.26
N THR B 434 -17.19 25.03 -11.62
CA THR B 434 -16.45 26.28 -11.46
C THR B 434 -15.15 26.18 -12.24
N ARG B 435 -14.56 27.29 -12.65
CA ARG B 435 -13.27 27.24 -13.33
C ARG B 435 -12.07 27.56 -12.45
N ASP B 436 -12.22 28.19 -11.31
CA ASP B 436 -11.09 28.51 -10.43
C ASP B 436 -10.56 27.24 -9.77
N ILE B 437 -9.26 27.00 -9.92
CA ILE B 437 -8.62 25.83 -9.29
C ILE B 437 -8.75 25.71 -7.79
N SER B 438 -8.52 26.75 -7.03
CA SER B 438 -8.72 26.65 -5.56
C SER B 438 -10.16 26.38 -5.21
N ARG B 439 -11.08 27.12 -5.83
CA ARG B 439 -12.48 27.01 -5.45
C ARG B 439 -12.93 25.55 -5.69
N ALA B 440 -12.57 25.02 -6.86
CA ALA B 440 -12.97 23.64 -7.14
C ALA B 440 -12.48 22.66 -6.09
N HIS B 441 -11.22 22.69 -5.66
CA HIS B 441 -10.77 21.67 -4.67
C HIS B 441 -11.23 21.98 -3.26
N ARG B 442 -11.35 23.27 -2.93
CA ARG B 442 -11.86 23.70 -1.64
C ARG B 442 -13.27 23.23 -1.41
N VAL B 443 -14.15 23.54 -2.40
CA VAL B 443 -15.54 23.12 -2.26
C VAL B 443 -15.66 21.60 -2.17
N ALA B 444 -14.93 20.84 -3.00
CA ALA B 444 -14.93 19.38 -2.90
C ALA B 444 -14.49 18.92 -1.51
N ALA B 445 -13.46 19.58 -0.95
CA ALA B 445 -13.02 19.20 0.40
C ALA B 445 -14.06 19.51 1.46
N ASN B 446 -14.83 20.57 1.35
CA ASN B 446 -15.77 20.98 2.40
C ASN B 446 -17.15 20.34 2.32
N LEU B 447 -17.45 19.77 1.15
CA LEU B 447 -18.74 19.05 0.97
C LEU B 447 -18.73 17.74 1.73
N GLU B 448 -19.69 17.39 2.57
CA GLU B 448 -19.70 16.20 3.39
C GLU B 448 -20.32 15.01 2.66
N ALA B 449 -19.63 14.42 1.68
CA ALA B 449 -20.24 13.28 1.00
C ALA B 449 -19.18 12.31 0.50
N GLY B 450 -19.54 11.06 0.22
CA GLY B 450 -18.62 10.05 -0.26
C GLY B 450 -17.95 10.33 -1.59
N THR B 451 -18.62 11.08 -2.47
CA THR B 451 -18.12 11.40 -3.80
C THR B 451 -18.38 12.87 -4.12
N CYS B 452 -17.47 13.50 -4.86
CA CYS B 452 -17.68 14.83 -5.38
C CYS B 452 -17.20 14.88 -6.84
N TYR B 453 -18.08 15.26 -7.75
CA TYR B 453 -17.72 15.40 -9.17
C TYR B 453 -17.31 16.83 -9.48
N ILE B 454 -16.19 17.09 -10.10
CA ILE B 454 -15.76 18.43 -10.44
C ILE B 454 -15.90 18.64 -11.93
N ASN B 455 -16.80 19.53 -12.33
CA ASN B 455 -17.09 19.89 -13.71
C ASN B 455 -17.62 18.71 -14.53
N THR B 456 -18.47 17.90 -13.92
CA THR B 456 -19.14 16.78 -14.56
C THR B 456 -20.13 16.23 -13.56
N TYR B 457 -20.78 15.10 -13.86
CA TYR B 457 -21.66 14.45 -12.92
C TYR B 457 -21.88 13.01 -13.37
N SER B 458 -22.15 12.09 -12.46
CA SER B 458 -22.56 10.73 -12.78
C SER B 458 -21.51 9.85 -13.42
N ILE B 459 -20.21 10.11 -13.31
CA ILE B 459 -19.20 9.16 -13.79
C ILE B 459 -19.11 8.00 -12.81
N SER B 460 -18.89 6.77 -13.24
CA SER B 460 -18.75 5.64 -12.31
C SER B 460 -17.57 4.74 -12.68
N PRO B 461 -16.36 5.19 -12.43
CA PRO B 461 -15.16 4.43 -12.81
C PRO B 461 -14.99 3.20 -11.97
N VAL B 462 -14.66 2.02 -12.47
CA VAL B 462 -14.42 0.88 -11.61
C VAL B 462 -13.15 1.04 -10.74
N GLU B 463 -12.19 1.83 -11.22
CA GLU B 463 -10.91 2.03 -10.62
C GLU B 463 -10.92 2.72 -9.25
N VAL B 464 -12.00 3.39 -8.85
CA VAL B 464 -12.06 4.13 -7.60
C VAL B 464 -13.24 3.70 -6.74
N PRO B 465 -13.15 3.86 -5.42
CA PRO B 465 -14.20 3.38 -4.50
C PRO B 465 -15.46 4.24 -4.56
N PHE B 466 -16.58 3.70 -4.12
CA PHE B 466 -17.85 4.40 -4.08
C PHE B 466 -18.66 4.01 -2.85
N GLY B 467 -19.15 4.97 -2.08
CA GLY B 467 -20.03 4.69 -0.94
C GLY B 467 -20.38 5.95 -0.17
N GLY B 468 -21.17 5.82 0.89
CA GLY B 468 -21.83 6.97 1.52
C GLY B 468 -21.07 7.46 2.74
N TYR B 469 -21.38 8.68 3.10
CA TYR B 469 -21.06 9.27 4.39
C TYR B 469 -22.38 9.36 5.16
N LYS B 470 -22.28 9.65 6.44
CA LYS B 470 -23.41 9.82 7.34
C LYS B 470 -24.48 8.78 7.15
N MET B 471 -25.76 9.21 7.13
CA MET B 471 -26.86 8.28 6.97
C MET B 471 -27.05 7.75 5.57
N SER B 472 -26.16 8.00 4.62
CA SER B 472 -26.21 7.35 3.30
C SER B 472 -25.50 6.00 3.31
N GLY B 473 -25.01 5.52 4.46
CA GLY B 473 -24.44 4.21 4.61
C GLY B 473 -22.92 4.19 4.81
N PHE B 474 -22.35 3.00 4.86
CA PHE B 474 -20.92 2.81 5.04
C PHE B 474 -20.48 1.56 4.30
N GLY B 475 -19.21 1.48 3.96
CA GLY B 475 -18.70 0.38 3.14
C GLY B 475 -18.47 1.01 1.75
N ARG B 476 -17.70 0.34 0.90
CA ARG B 476 -17.44 0.81 -0.45
C ARG B 476 -17.68 -0.32 -1.45
N GLU B 477 -17.90 0.03 -2.71
CA GLU B 477 -17.90 -0.79 -3.91
C GLU B 477 -17.00 -0.21 -4.98
N ASN B 478 -16.36 -1.02 -5.81
CA ASN B 478 -15.36 -0.57 -6.78
C ASN B 478 -14.07 -0.10 -6.12
N GLY B 479 -13.02 0.09 -6.90
CA GLY B 479 -11.70 0.46 -6.45
C GLY B 479 -10.96 -0.62 -5.63
N GLN B 480 -9.84 -0.21 -5.04
CA GLN B 480 -9.08 -1.15 -4.20
C GLN B 480 -9.56 -1.28 -2.76
N ALA B 481 -10.15 -0.24 -2.16
CA ALA B 481 -10.65 -0.28 -0.79
C ALA B 481 -11.68 -1.36 -0.50
N THR B 482 -12.52 -1.63 -1.49
CA THR B 482 -13.60 -2.59 -1.39
C THR B 482 -13.14 -3.98 -1.01
N VAL B 483 -11.93 -4.42 -1.40
CA VAL B 483 -11.47 -5.74 -0.95
C VAL B 483 -11.48 -5.93 0.58
N ASP B 484 -11.28 -4.90 1.38
CA ASP B 484 -11.23 -4.97 2.81
C ASP B 484 -12.61 -5.20 3.44
N TYR B 485 -13.70 -4.99 2.68
CA TYR B 485 -15.04 -5.34 3.19
C TYR B 485 -15.44 -6.75 2.81
N TYR B 486 -14.64 -7.52 2.06
CA TYR B 486 -14.96 -8.89 1.71
C TYR B 486 -13.85 -9.88 2.10
N SER B 487 -12.90 -9.41 2.89
CA SER B 487 -11.84 -10.24 3.47
C SER B 487 -11.45 -9.73 4.85
N GLN B 488 -10.74 -10.54 5.63
CA GLN B 488 -10.40 -10.16 7.01
C GLN B 488 -8.94 -10.60 7.28
N LEU B 489 -8.24 -9.87 8.14
CA LEU B 489 -6.86 -10.15 8.46
C LEU B 489 -6.73 -11.04 9.68
N LYS B 490 -5.99 -12.15 9.55
CA LYS B 490 -5.67 -12.93 10.75
C LYS B 490 -4.21 -12.60 11.13
N THR B 491 -3.96 -12.23 12.39
CA THR B 491 -2.60 -11.88 12.84
C THR B 491 -1.89 -13.08 13.42
N VAL B 492 -0.80 -13.56 12.82
CA VAL B 492 -0.06 -14.72 13.31
C VAL B 492 1.30 -14.25 13.86
N ILE B 493 1.53 -14.54 15.14
CA ILE B 493 2.73 -14.06 15.87
C ILE B 493 3.67 -15.22 16.17
N VAL B 494 4.90 -15.19 15.63
CA VAL B 494 5.73 -16.38 15.81
C VAL B 494 6.93 -16.04 16.70
N GLU B 495 6.92 -16.61 17.90
CA GLU B 495 8.06 -16.64 18.83
C GLU B 495 9.19 -17.54 18.36
N MET B 496 10.34 -16.96 18.10
CA MET B 496 11.46 -17.71 17.51
C MET B 496 12.38 -18.37 18.54
N GLY B 497 12.19 -18.03 19.82
CA GLY B 497 13.00 -18.61 20.91
C GLY B 497 12.13 -19.23 21.99
N ASP B 498 12.47 -18.89 23.24
CA ASP B 498 11.76 -19.45 24.38
C ASP B 498 10.70 -18.47 24.89
N VAL B 499 9.74 -18.99 25.65
CA VAL B 499 8.61 -18.11 26.02
C VAL B 499 8.94 -17.23 27.19
N ASP B 500 8.63 -15.94 27.09
CA ASP B 500 8.75 -15.03 28.22
C ASP B 500 7.53 -15.15 29.13
N SER B 501 7.79 -15.55 30.38
CA SER B 501 6.75 -15.96 31.29
C SER B 501 6.93 -15.38 32.68
N LEU B 502 5.81 -14.99 33.27
CA LEU B 502 5.82 -14.48 34.63
C LEU B 502 5.53 -15.64 35.60
N PHE B 503 5.22 -16.83 35.08
CA PHE B 503 4.78 -17.95 35.92
C PHE B 503 5.61 -19.19 35.69
N ALA C 1 30.93 21.10 19.23
CA ALA C 1 29.80 21.05 20.21
C ALA C 1 29.86 22.24 21.20
N GLN C 2 31.09 22.53 21.62
CA GLN C 2 31.39 23.74 22.37
C GLN C 2 31.30 24.93 21.43
N LEU C 3 31.72 24.80 20.17
CA LEU C 3 31.50 25.83 19.17
C LEU C 3 30.02 26.12 18.94
N VAL C 4 29.22 25.04 18.86
CA VAL C 4 27.77 25.22 18.66
C VAL C 4 27.17 25.96 19.85
N ASP C 5 27.56 25.54 21.08
CA ASP C 5 27.08 26.24 22.27
C ASP C 5 27.53 27.69 22.38
N SER C 6 28.62 28.10 21.76
CA SER C 6 29.08 29.47 21.72
C SER C 6 28.46 30.37 20.66
N MET C 7 27.48 29.89 19.91
CA MET C 7 26.89 30.63 18.81
C MET C 7 26.10 31.87 19.17
N PRO C 8 25.36 31.88 20.26
CA PRO C 8 24.59 33.03 20.69
C PRO C 8 25.37 34.34 20.77
N SER C 9 26.65 34.28 21.09
CA SER C 9 27.53 35.42 21.14
C SER C 9 28.42 35.56 19.91
N ALA C 10 28.18 34.75 18.85
CA ALA C 10 29.01 34.86 17.66
C ALA C 10 28.36 35.81 16.65
N SER C 11 29.20 36.25 15.69
CA SER C 11 28.73 37.17 14.68
C SER C 11 29.58 37.04 13.43
N THR C 12 29.16 37.67 12.34
CA THR C 12 29.94 37.53 11.08
C THR C 12 31.33 38.11 11.30
N GLY C 13 32.33 37.43 10.78
CA GLY C 13 33.72 37.80 10.91
C GLY C 13 34.39 37.41 12.22
N SER C 14 33.69 36.82 13.18
CA SER C 14 34.27 36.55 14.49
C SER C 14 34.72 35.11 14.69
N VAL C 15 34.21 34.16 13.94
CA VAL C 15 34.45 32.76 14.23
C VAL C 15 35.70 32.18 13.59
N VAL C 16 36.33 31.26 14.30
CA VAL C 16 37.39 30.38 13.78
C VAL C 16 37.02 28.95 14.18
N VAL C 17 37.23 27.96 13.30
CA VAL C 17 36.85 26.60 13.67
C VAL C 17 38.11 25.80 14.03
N THR C 18 38.17 25.19 15.21
CA THR C 18 39.39 24.52 15.64
C THR C 18 39.18 23.03 15.90
N ASP C 19 38.01 22.50 15.60
CA ASP C 19 37.73 21.08 15.83
C ASP C 19 38.30 20.19 14.74
N ASP C 20 38.58 18.92 15.06
CA ASP C 20 38.90 17.96 14.01
C ASP C 20 37.57 17.63 13.29
N LEU C 21 37.63 17.57 11.95
CA LEU C 21 36.40 17.34 11.18
C LEU C 21 36.19 15.94 10.61
N ASN C 22 37.14 15.02 10.79
CA ASN C 22 36.92 13.62 10.41
C ASN C 22 36.31 12.89 11.60
N TYR C 23 35.40 11.96 11.37
CA TYR C 23 34.65 11.38 12.49
C TYR C 23 34.21 9.95 12.23
N TRP C 24 34.82 8.99 12.92
CA TRP C 24 34.34 7.62 12.89
C TRP C 24 34.68 6.89 14.18
N GLY C 25 33.96 5.80 14.46
CA GLY C 25 34.13 5.09 15.74
C GLY C 25 33.55 5.93 16.86
N GLY C 26 32.59 6.81 16.58
CA GLY C 26 32.02 7.65 17.60
C GLY C 26 32.98 8.71 18.13
N ARG C 27 33.93 9.21 17.32
CA ARG C 27 34.79 10.29 17.79
C ARG C 27 35.53 11.03 16.69
N ARG C 28 35.88 12.28 16.98
CA ARG C 28 36.60 13.12 16.01
C ARG C 28 38.04 12.61 15.87
N ILE C 29 38.54 12.54 14.67
CA ILE C 29 39.85 11.97 14.36
C ILE C 29 40.93 13.03 14.19
N LYS C 30 41.98 12.93 14.99
CA LYS C 30 43.13 13.84 14.85
C LYS C 30 43.88 13.62 13.55
N SER C 31 43.90 14.63 12.69
CA SER C 31 44.58 14.56 11.42
C SER C 31 46.08 14.35 11.61
N LYS C 32 46.68 13.79 10.57
CA LYS C 32 48.12 13.50 10.58
C LYS C 32 48.53 13.24 9.15
N ASP C 33 49.77 12.79 8.93
CA ASP C 33 50.29 12.53 7.58
C ASP C 33 50.79 13.80 6.92
N GLY C 34 50.31 14.95 7.37
CA GLY C 34 50.49 16.25 6.79
C GLY C 34 49.86 16.24 5.38
N ALA C 35 48.69 15.64 5.23
CA ALA C 35 48.10 15.57 3.90
C ALA C 35 47.86 17.01 3.44
N THR C 36 47.98 17.25 2.13
CA THR C 36 47.76 18.62 1.66
C THR C 36 46.36 19.04 2.09
N THR C 37 46.23 20.08 2.90
CA THR C 37 44.92 20.57 3.30
C THR C 37 44.34 21.59 2.32
N GLU C 38 43.10 22.01 2.55
CA GLU C 38 42.43 23.00 1.73
C GLU C 38 41.68 24.00 2.61
N PRO C 39 41.66 25.26 2.23
CA PRO C 39 41.03 26.29 3.03
C PRO C 39 39.50 26.23 2.96
N VAL C 40 38.85 26.56 4.07
CA VAL C 40 37.40 26.62 4.14
C VAL C 40 37.04 28.05 4.54
N PHE C 41 36.16 28.66 3.75
CA PHE C 41 35.88 30.09 3.85
C PHE C 41 34.55 30.48 4.45
N GLU C 42 34.49 31.71 4.97
CA GLU C 42 33.27 32.37 5.35
C GLU C 42 32.87 33.27 4.18
N PRO C 43 31.75 32.95 3.51
CA PRO C 43 31.38 33.63 2.27
C PRO C 43 31.08 35.12 2.42
N ALA C 44 30.55 35.58 3.53
CA ALA C 44 30.25 36.97 3.77
C ALA C 44 31.47 37.88 3.91
N THR C 45 32.64 37.34 4.25
CA THR C 45 33.82 38.12 4.58
C THR C 45 35.07 37.68 3.83
N GLY C 46 35.13 36.44 3.38
CA GLY C 46 36.35 35.97 2.67
C GLY C 46 37.36 35.38 3.63
N ARG C 47 37.08 35.33 4.92
CA ARG C 47 38.05 34.87 5.89
C ARG C 47 38.20 33.34 5.81
N VAL C 48 39.36 32.84 6.24
CA VAL C 48 39.57 31.41 6.33
C VAL C 48 39.07 30.96 7.71
N LEU C 49 38.13 30.00 7.74
CA LEU C 49 37.61 29.50 9.01
C LEU C 49 38.48 28.39 9.60
N CYS C 50 39.08 27.61 8.70
CA CYS C 50 39.90 26.48 9.08
C CYS C 50 40.43 25.79 7.82
N GLN C 51 41.22 24.75 7.95
CA GLN C 51 41.69 23.99 6.82
C GLN C 51 40.99 22.63 6.83
N MET C 52 40.63 22.10 5.67
CA MET C 52 40.00 20.78 5.63
C MET C 52 41.10 19.75 5.34
N VAL C 53 41.08 18.63 6.04
CA VAL C 53 42.09 17.59 5.78
C VAL C 53 41.40 16.34 5.23
N PRO C 54 41.62 16.12 3.93
CA PRO C 54 40.97 15.08 3.17
C PRO C 54 41.38 13.65 3.50
N CYS C 55 40.48 12.69 3.29
CA CYS C 55 40.74 11.31 3.62
C CYS C 55 41.26 10.52 2.43
N GLY C 56 42.21 9.64 2.65
CA GLY C 56 42.78 8.75 1.65
C GLY C 56 42.16 7.37 1.85
N ALA C 57 42.70 6.38 1.19
CA ALA C 57 42.14 5.03 1.18
C ALA C 57 42.01 4.38 2.55
N GLU C 58 43.02 4.52 3.39
CA GLU C 58 43.12 4.00 4.73
C GLU C 58 42.05 4.58 5.63
N GLU C 59 41.82 5.89 5.45
CA GLU C 59 40.82 6.57 6.28
C GLU C 59 39.39 6.14 5.94
N VAL C 60 39.10 6.09 4.65
CA VAL C 60 37.78 5.66 4.17
C VAL C 60 37.48 4.23 4.63
N ASP C 61 38.52 3.37 4.59
CA ASP C 61 38.32 1.98 4.98
C ASP C 61 38.02 1.87 6.47
N GLN C 62 38.64 2.71 7.31
CA GLN C 62 38.36 2.72 8.74
C GLN C 62 36.92 3.15 9.02
N ALA C 63 36.46 4.20 8.33
CA ALA C 63 35.10 4.70 8.40
C ALA C 63 34.07 3.63 8.05
N VAL C 64 34.29 2.89 6.98
CA VAL C 64 33.43 1.83 6.52
C VAL C 64 33.39 0.64 7.49
N GLN C 65 34.57 0.29 8.00
CA GLN C 65 34.66 -0.77 9.02
C GLN C 65 33.86 -0.40 10.27
N SER C 66 33.95 0.81 10.75
CA SER C 66 33.19 1.27 11.91
C SER C 66 31.68 1.19 11.63
N ALA C 67 31.29 1.69 10.47
CA ALA C 67 29.92 1.57 9.98
C ALA C 67 29.39 0.15 9.93
N GLN C 68 30.20 -0.81 9.45
CA GLN C 68 29.82 -2.21 9.36
C GLN C 68 29.57 -2.85 10.71
N ALA C 69 30.39 -2.56 11.73
CA ALA C 69 30.17 -3.16 13.04
C ALA C 69 28.90 -2.60 13.67
N ALA C 70 28.60 -1.31 13.52
CA ALA C 70 27.37 -0.75 14.13
C ALA C 70 26.13 -1.27 13.38
N TYR C 71 26.27 -1.45 12.07
CA TYR C 71 25.21 -2.05 11.25
C TYR C 71 24.79 -3.43 11.79
N LEU C 72 25.77 -4.25 12.23
CA LEU C 72 25.43 -5.57 12.76
C LEU C 72 24.48 -5.44 13.94
N LYS C 73 24.66 -4.42 14.76
CA LYS C 73 23.78 -4.18 15.90
C LYS C 73 22.46 -3.52 15.55
N TRP C 74 22.48 -2.41 14.85
CA TRP C 74 21.30 -1.61 14.50
C TRP C 74 20.30 -2.37 13.66
N SER C 75 20.75 -3.18 12.68
CA SER C 75 19.87 -3.97 11.84
C SER C 75 19.17 -5.05 12.62
N LYS C 76 19.62 -5.39 13.83
CA LYS C 76 18.91 -6.32 14.70
C LYS C 76 17.90 -5.65 15.61
N MET C 77 17.82 -4.33 15.59
CA MET C 77 16.79 -3.63 16.37
C MET C 77 15.56 -3.45 15.47
N ALA C 78 14.39 -3.73 16.05
CA ALA C 78 13.14 -3.58 15.31
C ALA C 78 12.79 -2.12 15.04
N GLY C 79 11.82 -1.86 14.16
CA GLY C 79 11.49 -0.50 13.74
C GLY C 79 11.11 0.39 14.92
N ILE C 80 10.33 -0.18 15.81
CA ILE C 80 9.93 0.51 17.03
C ILE C 80 11.08 0.81 17.99
N GLU C 81 12.15 0.01 18.00
CA GLU C 81 13.37 0.35 18.72
C GLU C 81 14.25 1.37 17.97
N ARG C 82 14.33 1.38 16.66
CA ARG C 82 15.06 2.40 15.95
C ARG C 82 14.37 3.76 16.09
N SER C 83 13.05 3.71 15.95
CA SER C 83 12.22 4.91 16.02
C SER C 83 12.51 5.75 17.26
N ARG C 84 12.43 5.14 18.44
CA ARG C 84 12.69 5.80 19.73
C ARG C 84 14.02 6.56 19.74
N VAL C 85 15.09 6.02 19.21
CA VAL C 85 16.39 6.69 19.12
C VAL C 85 16.32 7.86 18.15
N MET C 86 15.72 7.66 16.98
CA MET C 86 15.64 8.72 15.98
C MET C 86 14.81 9.89 16.47
N LEU C 87 13.77 9.66 17.23
CA LEU C 87 12.96 10.73 17.81
C LEU C 87 13.73 11.58 18.82
N GLU C 88 14.56 10.92 19.68
CA GLU C 88 15.47 11.66 20.53
C GLU C 88 16.47 12.47 19.73
N ALA C 89 16.98 11.97 18.60
CA ALA C 89 17.87 12.81 17.79
C ALA C 89 17.17 14.06 17.32
N ALA C 90 15.92 13.88 16.81
CA ALA C 90 15.18 15.07 16.33
C ALA C 90 14.94 16.05 17.48
N ARG C 91 14.61 15.57 18.66
CA ARG C 91 14.44 16.40 19.84
C ARG C 91 15.69 17.24 20.14
N ILE C 92 16.87 16.66 20.05
CA ILE C 92 18.10 17.40 20.31
C ILE C 92 18.31 18.49 19.27
N ILE C 93 18.05 18.18 17.99
CA ILE C 93 18.29 19.24 16.96
C ILE C 93 17.31 20.40 17.14
N ARG C 94 16.07 20.05 17.53
CA ARG C 94 15.08 21.08 17.87
C ARG C 94 15.61 22.01 18.96
N GLU C 95 16.11 21.45 20.05
CA GLU C 95 16.60 22.23 21.18
C GLU C 95 17.76 23.13 20.79
N ARG C 96 18.63 22.75 19.88
CA ARG C 96 19.81 23.50 19.48
C ARG C 96 19.70 24.14 18.11
N ARG C 97 18.47 24.33 17.66
CA ARG C 97 18.08 24.78 16.34
C ARG C 97 18.77 26.09 15.97
N ASP C 98 18.56 27.10 16.82
CA ASP C 98 19.12 28.42 16.53
C ASP C 98 20.63 28.38 16.47
N ASN C 99 21.29 27.63 17.34
CA ASN C 99 22.77 27.65 17.34
C ASN C 99 23.32 26.98 16.08
N ILE C 100 22.71 25.85 15.71
CA ILE C 100 23.10 25.15 14.50
C ILE C 100 22.82 25.95 13.23
N ALA C 101 21.67 26.64 13.17
CA ALA C 101 21.40 27.50 12.03
C ALA C 101 22.46 28.55 11.87
N LYS C 102 22.82 29.23 12.96
CA LYS C 102 23.87 30.26 12.93
C LYS C 102 25.16 29.72 12.33
N LEU C 103 25.68 28.61 12.87
CA LEU C 103 26.95 28.07 12.34
C LEU C 103 26.82 27.72 10.87
N GLU C 104 25.63 27.15 10.51
CA GLU C 104 25.37 26.85 9.09
C GLU C 104 25.56 28.11 8.25
N VAL C 105 24.97 29.23 8.66
CA VAL C 105 25.13 30.48 7.89
C VAL C 105 26.60 30.86 7.72
N ILE C 106 27.37 30.76 8.84
CA ILE C 106 28.77 31.19 8.80
C ILE C 106 29.56 30.48 7.72
N ASN C 107 29.44 29.16 7.62
CA ASN C 107 30.18 28.44 6.56
C ASN C 107 29.57 28.53 5.17
N ASN C 108 28.22 28.51 5.08
CA ASN C 108 27.58 28.39 3.77
C ASN C 108 27.21 29.74 3.15
N GLY C 109 26.86 30.75 3.93
CA GLY C 109 26.64 32.08 3.39
C GLY C 109 25.18 32.48 3.22
N LYS C 110 24.25 31.54 3.34
CA LYS C 110 22.84 31.88 3.16
C LYS C 110 22.35 32.64 4.38
N THR C 111 21.25 33.36 4.32
CA THR C 111 20.70 34.10 5.43
C THR C 111 20.21 33.23 6.56
N ILE C 112 20.14 33.74 7.80
CA ILE C 112 19.58 33.00 8.92
C ILE C 112 18.07 32.81 8.67
N THR C 113 17.42 33.78 7.98
CA THR C 113 15.99 33.56 7.67
C THR C 113 15.79 32.23 6.95
N GLU C 114 16.62 31.95 5.93
CA GLU C 114 16.52 30.65 5.27
C GLU C 114 17.12 29.52 6.10
N ALA C 115 18.19 29.75 6.88
CA ALA C 115 18.83 28.66 7.58
C ALA C 115 17.95 28.03 8.65
N GLU C 116 17.13 28.83 9.35
CA GLU C 116 16.21 28.30 10.32
C GLU C 116 15.22 27.33 9.66
N TYR C 117 14.75 27.62 8.45
CA TYR C 117 13.90 26.65 7.74
C TYR C 117 14.66 25.38 7.37
N ASP C 118 15.93 25.49 6.93
CA ASP C 118 16.72 24.32 6.61
C ASP C 118 16.89 23.38 7.82
N ILE C 119 17.14 23.97 8.99
CA ILE C 119 17.41 23.16 10.18
C ILE C 119 16.14 22.53 10.72
N ASP C 120 15.03 23.26 10.61
CA ASP C 120 13.71 22.68 10.90
C ASP C 120 13.39 21.54 9.93
N ALA C 121 13.65 21.72 8.64
CA ALA C 121 13.48 20.60 7.69
C ALA C 121 14.28 19.37 8.09
N ALA C 122 15.52 19.55 8.52
CA ALA C 122 16.39 18.47 8.96
C ALA C 122 15.80 17.67 10.12
N TRP C 123 15.33 18.34 11.19
CA TRP C 123 14.73 17.52 12.28
C TRP C 123 13.40 16.93 11.86
N GLN C 124 12.56 17.62 11.08
CA GLN C 124 11.26 17.06 10.69
C GLN C 124 11.47 15.83 9.80
N CYS C 125 12.45 15.83 8.91
CA CYS C 125 12.74 14.64 8.13
C CYS C 125 13.15 13.46 9.02
N ILE C 126 13.99 13.68 10.05
CA ILE C 126 14.35 12.60 10.97
C ILE C 126 13.15 12.14 11.76
N GLU C 127 12.28 13.06 12.18
CA GLU C 127 11.05 12.63 12.87
C GLU C 127 10.07 11.87 11.97
N TYR C 128 10.00 12.22 10.68
CA TYR C 128 9.15 11.58 9.69
C TYR C 128 9.57 10.16 9.37
N TYR C 129 10.87 9.87 9.30
CA TYR C 129 11.35 8.51 9.01
C TYR C 129 11.37 7.59 10.22
N ALA C 130 11.55 8.17 11.41
CA ALA C 130 11.30 7.53 12.69
C ALA C 130 9.88 6.96 12.74
N GLY C 131 8.92 7.81 12.36
CA GLY C 131 7.51 7.47 12.32
C GLY C 131 7.20 6.32 11.36
N LEU C 132 7.88 6.27 10.23
CA LEU C 132 7.80 5.20 9.26
C LEU C 132 8.46 3.89 9.68
N ALA C 133 9.45 3.90 10.58
CA ALA C 133 10.23 2.72 10.89
C ALA C 133 9.44 1.54 11.39
N PRO C 134 8.51 1.69 12.31
CA PRO C 134 7.67 0.58 12.80
C PRO C 134 6.61 0.11 11.83
N THR C 135 6.48 0.79 10.69
CA THR C 135 5.54 0.55 9.61
C THR C 135 6.13 -0.31 8.53
N LEU C 136 7.48 -0.30 8.44
CA LEU C 136 8.20 -1.05 7.40
C LEU C 136 7.80 -2.50 7.29
N SER C 137 7.49 -3.00 6.09
CA SER C 137 7.06 -4.39 6.02
C SER C 137 7.03 -4.94 4.60
N GLY C 138 7.00 -6.27 4.49
CA GLY C 138 6.81 -6.95 3.21
C GLY C 138 5.41 -7.49 3.15
N GLN C 139 5.17 -8.52 2.32
CA GLN C 139 3.84 -9.09 2.13
C GLN C 139 3.71 -10.51 2.63
N HIS C 140 2.48 -10.99 2.74
CA HIS C 140 2.22 -12.43 2.91
C HIS C 140 1.21 -12.84 1.80
N ILE C 141 1.53 -13.77 0.95
CA ILE C 141 0.68 -14.10 -0.19
C ILE C 141 0.38 -15.59 -0.25
N GLN C 142 -0.88 -15.96 -0.45
CA GLN C 142 -1.26 -17.36 -0.54
C GLN C 142 -1.12 -17.89 -1.97
N LEU C 143 -0.48 -19.06 -2.13
CA LEU C 143 -0.10 -19.54 -3.47
C LEU C 143 -0.88 -20.80 -3.80
N PRO C 144 -0.95 -21.18 -5.06
CA PRO C 144 -1.72 -22.33 -5.49
C PRO C 144 -1.28 -23.60 -4.79
N GLY C 145 -2.24 -24.39 -4.31
CA GLY C 145 -2.02 -25.71 -3.77
C GLY C 145 -1.42 -25.68 -2.36
N GLY C 146 -1.78 -24.69 -1.55
CA GLY C 146 -1.35 -24.63 -0.17
C GLY C 146 -0.02 -23.97 0.14
N ALA C 147 0.90 -23.80 -0.80
CA ALA C 147 2.15 -23.12 -0.49
C ALA C 147 1.85 -21.67 -0.10
N PHE C 148 2.80 -20.97 0.52
CA PHE C 148 2.66 -19.51 0.65
C PHE C 148 4.01 -18.84 0.52
N ALA C 149 4.04 -17.56 0.18
CA ALA C 149 5.29 -16.79 0.16
C ALA C 149 5.17 -15.56 1.09
N TYR C 150 6.34 -15.07 1.58
CA TYR C 150 6.37 -13.83 2.34
C TYR C 150 7.58 -13.04 1.87
N THR C 151 7.51 -11.70 1.92
CA THR C 151 8.72 -10.96 1.58
C THR C 151 9.20 -10.30 2.89
N ARG C 152 10.53 -10.22 3.08
CA ARG C 152 11.06 -9.56 4.26
C ARG C 152 11.64 -8.24 3.75
N ARG C 153 11.35 -7.11 4.39
CA ARG C 153 11.95 -5.85 3.96
C ARG C 153 13.25 -5.66 4.76
N GLU C 154 14.38 -5.80 4.11
CA GLU C 154 15.68 -5.77 4.80
C GLU C 154 16.46 -4.51 4.48
N PRO C 155 17.42 -4.18 5.33
CA PRO C 155 18.40 -3.15 5.07
C PRO C 155 19.40 -3.51 3.99
N LEU C 156 20.17 -2.55 3.53
CA LEU C 156 21.19 -2.80 2.51
C LEU C 156 22.55 -3.12 3.14
N GLY C 157 22.96 -2.32 4.11
CA GLY C 157 24.25 -2.47 4.74
C GLY C 157 24.87 -1.11 5.06
N VAL C 158 26.05 -0.85 4.50
CA VAL C 158 26.68 0.45 4.65
C VAL C 158 26.33 1.31 3.45
N CYS C 159 25.66 2.44 3.69
CA CYS C 159 25.31 3.36 2.62
C CYS C 159 26.24 4.57 2.62
N ALA C 160 26.73 5.01 1.47
CA ALA C 160 27.58 6.17 1.36
C ALA C 160 26.73 7.33 0.78
N GLY C 161 26.96 8.54 1.32
CA GLY C 161 26.29 9.71 0.76
C GLY C 161 27.34 10.77 0.45
N ILE C 162 27.35 11.22 -0.81
CA ILE C 162 28.19 12.27 -1.28
C ILE C 162 27.36 13.57 -1.45
N LEU C 163 27.67 14.60 -0.67
CA LEU C 163 26.79 15.73 -0.49
C LEU C 163 27.25 16.98 -1.21
N ALA C 164 26.35 17.92 -1.42
CA ALA C 164 26.64 19.23 -1.98
C ALA C 164 26.77 20.27 -0.85
N TRP C 165 27.15 21.47 -1.22
CA TRP C 165 27.43 22.56 -0.32
C TRP C 165 26.30 23.57 -0.17
N ASN C 166 25.23 23.40 -0.94
CA ASN C 166 24.20 24.47 -0.86
C ASN C 166 23.25 24.29 0.30
N TYR C 167 23.00 23.10 0.82
CA TYR C 167 22.16 22.84 1.99
C TYR C 167 22.83 21.81 2.89
N PRO C 168 23.99 22.12 3.47
CA PRO C 168 24.86 21.14 4.11
C PRO C 168 24.22 20.31 5.21
N PHE C 169 23.63 20.93 6.21
CA PHE C 169 23.08 20.16 7.33
C PHE C 169 21.82 19.41 6.91
N MET C 170 20.97 20.11 6.14
CA MET C 170 19.71 19.54 5.69
C MET C 170 19.92 18.33 4.79
N ILE C 171 20.83 18.41 3.82
CA ILE C 171 21.05 17.27 2.94
C ILE C 171 21.72 16.10 3.64
N ALA C 172 22.60 16.37 4.65
CA ALA C 172 23.12 15.26 5.43
C ALA C 172 21.97 14.50 6.07
N ALA C 173 21.04 15.22 6.68
CA ALA C 173 19.86 14.64 7.33
C ALA C 173 18.91 13.93 6.34
N TRP C 174 18.63 14.55 5.21
CA TRP C 174 17.85 13.85 4.17
C TRP C 174 18.44 12.52 3.75
N LYS C 175 19.75 12.30 3.71
CA LYS C 175 20.25 10.94 3.42
C LYS C 175 20.34 10.08 4.67
N CYS C 176 20.67 10.67 5.84
CA CYS C 176 20.73 9.83 7.05
C CYS C 176 19.39 9.28 7.51
N ALA C 177 18.31 10.06 7.38
CA ALA C 177 17.04 9.70 7.98
C ALA C 177 16.40 8.43 7.42
N PRO C 178 16.21 8.32 6.11
CA PRO C 178 15.71 7.11 5.50
C PRO C 178 16.67 5.93 5.60
N ALA C 179 17.97 6.11 5.44
CA ALA C 179 18.97 5.04 5.59
C ALA C 179 18.88 4.43 6.98
N LEU C 180 18.88 5.23 8.02
CA LEU C 180 18.75 4.77 9.40
C LEU C 180 17.42 4.13 9.75
N ALA C 181 16.31 4.74 9.32
CA ALA C 181 15.01 4.15 9.62
C ALA C 181 14.90 2.73 9.05
N CYS C 182 15.49 2.50 7.90
CA CYS C 182 15.49 1.20 7.25
C CYS C 182 16.53 0.23 7.78
N GLY C 183 17.34 0.62 8.77
CA GLY C 183 18.28 -0.27 9.44
C GLY C 183 19.68 -0.30 8.91
N ASN C 184 20.08 0.64 8.06
CA ASN C 184 21.42 0.71 7.54
C ASN C 184 22.40 1.52 8.42
N ALA C 185 23.68 1.44 8.10
CA ALA C 185 24.70 2.28 8.74
C ALA C 185 25.10 3.30 7.66
N VAL C 186 25.73 4.41 8.04
CA VAL C 186 26.01 5.47 7.07
C VAL C 186 27.43 6.03 7.21
N VAL C 187 28.08 6.24 6.07
CA VAL C 187 29.27 7.03 5.92
C VAL C 187 28.95 8.16 4.91
N PHE C 188 29.06 9.41 5.31
CA PHE C 188 28.90 10.51 4.35
C PHE C 188 30.13 11.42 4.26
N LYS C 189 30.18 12.16 3.17
CA LYS C 189 31.23 13.06 2.79
C LYS C 189 30.67 14.45 2.43
N PRO C 190 30.83 15.43 3.31
CA PRO C 190 30.39 16.78 3.03
C PRO C 190 31.15 17.37 1.85
N SER C 191 30.54 18.31 1.13
CA SER C 191 31.38 19.13 0.25
C SER C 191 32.58 19.63 1.04
N PRO C 192 33.77 19.70 0.48
CA PRO C 192 34.96 20.18 1.17
C PRO C 192 34.89 21.69 1.42
N MET C 193 33.91 22.39 0.87
CA MET C 193 33.71 23.81 1.10
C MET C 193 32.86 24.06 2.33
N THR C 194 32.10 23.00 2.70
CA THR C 194 31.18 23.08 3.84
C THR C 194 31.25 21.86 4.76
N PRO C 195 32.38 21.62 5.41
CA PRO C 195 32.60 20.38 6.15
C PRO C 195 32.13 20.38 7.58
N VAL C 196 31.84 21.57 8.17
CA VAL C 196 31.67 21.59 9.62
C VAL C 196 30.37 21.14 10.20
N THR C 197 29.19 21.59 9.75
CA THR C 197 27.94 21.20 10.43
C THR C 197 27.61 19.73 10.32
N GLY C 198 28.12 19.07 9.28
CA GLY C 198 27.92 17.63 9.11
C GLY C 198 28.33 16.79 10.31
N VAL C 199 29.42 17.14 11.00
CA VAL C 199 29.86 16.25 12.09
C VAL C 199 29.02 16.54 13.32
N ILE C 200 28.35 17.69 13.44
CA ILE C 200 27.38 17.88 14.51
C ILE C 200 26.26 16.85 14.39
N LEU C 201 25.70 16.67 13.20
CA LEU C 201 24.62 15.72 13.00
C LEU C 201 25.05 14.33 13.47
N ALA C 202 26.22 13.90 13.01
CA ALA C 202 26.75 12.62 13.47
C ALA C 202 26.96 12.47 14.97
N GLU C 203 27.39 13.51 15.68
CA GLU C 203 27.50 13.49 17.13
C GLU C 203 26.14 13.45 17.81
N ILE C 204 25.15 14.16 17.22
CA ILE C 204 23.81 14.12 17.80
C ILE C 204 23.20 12.72 17.73
N PHE C 205 23.39 11.96 16.62
CA PHE C 205 22.84 10.62 16.59
C PHE C 205 23.43 9.73 17.69
N HIS C 206 24.74 9.90 17.97
CA HIS C 206 25.41 9.14 19.04
C HIS C 206 24.85 9.56 20.40
N GLU C 207 24.63 10.85 20.62
CA GLU C 207 24.00 11.28 21.87
C GLU C 207 22.64 10.61 22.04
N ALA C 208 21.90 10.51 20.91
CA ALA C 208 20.57 9.96 20.97
C ALA C 208 20.54 8.47 21.18
N GLY C 209 21.64 7.71 21.01
CA GLY C 209 21.60 6.30 21.38
C GLY C 209 21.96 5.33 20.28
N VAL C 210 22.46 5.80 19.12
CA VAL C 210 22.83 4.91 18.01
C VAL C 210 24.04 4.09 18.41
N PRO C 211 24.05 2.80 18.11
CA PRO C 211 25.22 1.95 18.27
C PRO C 211 26.46 2.63 17.73
N VAL C 212 27.51 2.71 18.56
CA VAL C 212 28.72 3.41 18.16
C VAL C 212 29.23 3.02 16.80
N GLY C 213 29.52 4.07 16.04
CA GLY C 213 30.02 3.98 14.68
C GLY C 213 28.89 3.94 13.65
N LEU C 214 27.60 4.03 14.04
CA LEU C 214 26.53 3.98 13.03
C LEU C 214 26.60 5.09 11.98
N VAL C 215 26.91 6.32 12.32
CA VAL C 215 26.98 7.44 11.37
C VAL C 215 28.39 8.02 11.40
N ASN C 216 29.08 8.06 10.28
CA ASN C 216 30.47 8.44 10.15
C ASN C 216 30.66 9.55 9.15
N VAL C 217 31.68 10.39 9.29
CA VAL C 217 31.93 11.48 8.35
C VAL C 217 33.38 11.44 7.86
N VAL C 218 33.59 11.40 6.54
CA VAL C 218 34.91 11.51 5.95
C VAL C 218 34.90 12.77 5.06
N GLN C 219 35.92 13.61 5.30
CA GLN C 219 36.03 14.85 4.52
C GLN C 219 36.96 14.62 3.33
N GLY C 220 36.86 15.44 2.28
CA GLY C 220 37.76 15.29 1.11
C GLY C 220 37.00 15.73 -0.16
N GLY C 221 37.67 15.69 -1.30
CA GLY C 221 37.08 16.00 -2.58
C GLY C 221 36.85 14.77 -3.46
N ALA C 222 37.26 14.87 -4.72
CA ALA C 222 36.93 13.89 -5.74
C ALA C 222 37.49 12.50 -5.44
N GLU C 223 38.78 12.47 -5.10
CA GLU C 223 39.44 11.25 -4.67
C GLU C 223 38.76 10.58 -3.50
N THR C 224 38.36 11.32 -2.46
CA THR C 224 37.76 10.69 -1.28
C THR C 224 36.41 10.12 -1.70
N GLY C 225 35.67 10.89 -2.51
CA GLY C 225 34.39 10.45 -3.08
C GLY C 225 34.52 9.21 -3.96
N SER C 226 35.58 9.12 -4.75
CA SER C 226 35.87 7.94 -5.57
C SER C 226 36.18 6.71 -4.74
N LEU C 227 36.92 6.86 -3.63
CA LEU C 227 37.17 5.68 -2.77
C LEU C 227 35.90 5.05 -2.23
N LEU C 228 34.95 5.88 -1.82
CA LEU C 228 33.64 5.43 -1.39
C LEU C 228 32.89 4.67 -2.48
N CYS C 229 32.92 5.19 -3.73
CA CYS C 229 32.29 4.53 -4.85
C CYS C 229 32.91 3.18 -5.18
N HIS C 230 34.20 3.00 -4.89
CA HIS C 230 34.96 1.83 -5.23
C HIS C 230 35.02 0.84 -4.08
N HIS C 231 34.65 1.25 -2.87
CA HIS C 231 34.87 0.39 -1.72
C HIS C 231 33.96 -0.83 -1.82
N PRO C 232 34.60 -2.00 -1.64
CA PRO C 232 33.93 -3.28 -1.80
C PRO C 232 32.90 -3.55 -0.75
N ASN C 233 32.95 -2.93 0.43
CA ASN C 233 31.98 -3.22 1.47
C ASN C 233 30.90 -2.14 1.64
N VAL C 234 30.79 -1.21 0.71
CA VAL C 234 29.71 -0.24 0.64
C VAL C 234 28.62 -0.79 -0.28
N ALA C 235 27.37 -0.89 0.21
CA ALA C 235 26.28 -1.48 -0.58
C ALA C 235 25.57 -0.52 -1.51
N LYS C 236 25.65 0.79 -1.24
CA LYS C 236 24.86 1.79 -1.94
C LYS C 236 25.55 3.16 -1.86
N VAL C 237 25.54 3.90 -2.95
CA VAL C 237 25.98 5.28 -2.94
C VAL C 237 24.79 6.19 -3.27
N SER C 238 24.66 7.33 -2.57
CA SER C 238 23.67 8.32 -2.91
C SER C 238 24.40 9.62 -3.19
N PHE C 239 24.22 10.18 -4.40
CA PHE C 239 25.04 11.35 -4.78
C PHE C 239 24.17 12.58 -5.02
N THR C 240 24.64 13.76 -4.71
CA THR C 240 23.92 14.99 -5.04
C THR C 240 25.00 15.93 -5.61
N GLY C 241 24.75 16.50 -6.78
CA GLY C 241 25.73 17.32 -7.45
C GLY C 241 25.43 17.51 -8.93
N SER C 242 26.48 17.69 -9.71
CA SER C 242 26.40 18.00 -11.12
C SER C 242 26.28 16.76 -12.03
N VAL C 243 25.81 17.01 -13.27
CA VAL C 243 25.55 15.95 -14.23
C VAL C 243 26.80 15.15 -14.55
N PRO C 244 27.86 15.86 -14.90
CA PRO C 244 29.12 15.24 -15.25
C PRO C 244 29.74 14.44 -14.12
N THR C 245 29.66 14.91 -12.87
CA THR C 245 30.16 14.09 -11.78
C THR C 245 29.23 12.91 -11.48
N GLY C 246 27.91 13.11 -11.58
CA GLY C 246 26.97 12.02 -11.32
C GLY C 246 27.17 10.86 -12.30
N LYS C 247 27.40 11.18 -13.58
CA LYS C 247 27.79 10.18 -14.58
C LYS C 247 28.98 9.34 -14.17
N LYS C 248 30.06 10.01 -13.73
CA LYS C 248 31.23 9.30 -13.24
C LYS C 248 30.99 8.42 -12.02
N VAL C 249 30.20 8.90 -11.06
CA VAL C 249 29.79 8.12 -9.90
C VAL C 249 29.15 6.81 -10.35
N MET C 250 28.22 6.95 -11.31
CA MET C 250 27.46 5.78 -11.77
C MET C 250 28.39 4.72 -12.36
N GLU C 251 29.31 5.15 -13.20
CA GLU C 251 30.36 4.36 -13.77
C GLU C 251 31.31 3.71 -12.78
N MET C 252 31.82 4.46 -11.80
CA MET C 252 32.65 3.82 -10.77
C MET C 252 31.85 2.82 -9.95
N SER C 253 30.56 3.11 -9.68
CA SER C 253 29.71 2.21 -8.91
C SER C 253 29.38 0.92 -9.65
N ALA C 254 29.49 0.90 -10.96
CA ALA C 254 29.26 -0.27 -11.77
C ALA C 254 30.25 -1.40 -11.56
N LYS C 255 31.45 -1.10 -11.08
CA LYS C 255 32.45 -2.12 -10.81
C LYS C 255 32.05 -3.10 -9.72
N THR C 256 31.27 -2.67 -8.75
CA THR C 256 30.80 -3.56 -7.69
C THR C 256 29.30 -3.74 -7.71
N VAL C 257 28.66 -3.34 -8.83
CA VAL C 257 27.20 -3.51 -8.98
C VAL C 257 26.39 -2.88 -7.84
N LYS C 258 26.82 -1.70 -7.41
CA LYS C 258 26.24 -0.98 -6.29
C LYS C 258 24.87 -0.38 -6.58
N HIS C 259 24.01 -0.30 -5.60
CA HIS C 259 22.82 0.53 -5.66
C HIS C 259 23.22 2.00 -5.76
N VAL C 260 22.65 2.74 -6.70
CA VAL C 260 22.94 4.15 -6.92
C VAL C 260 21.68 5.01 -6.98
N THR C 261 21.69 6.19 -6.36
CA THR C 261 20.63 7.18 -6.61
C THR C 261 21.36 8.49 -6.92
N LEU C 262 20.86 9.29 -7.85
CA LEU C 262 21.53 10.49 -8.31
C LEU C 262 20.50 11.64 -8.34
N GLU C 263 20.89 12.75 -7.76
CA GLU C 263 20.05 13.96 -7.70
C GLU C 263 20.91 15.05 -8.35
N LEU C 264 20.69 15.30 -9.64
CA LEU C 264 21.60 16.12 -10.42
C LEU C 264 20.98 17.50 -10.59
N GLY C 265 21.50 18.38 -11.44
CA GLY C 265 20.90 19.74 -11.31
C GLY C 265 19.69 19.87 -12.24
N GLY C 266 19.45 21.10 -12.70
CA GLY C 266 18.34 21.33 -13.62
C GLY C 266 18.49 22.62 -14.44
N LYS C 267 17.47 22.82 -15.24
CA LYS C 267 17.21 24.05 -15.96
C LYS C 267 15.68 24.21 -16.01
N SER C 268 15.07 24.16 -14.85
CA SER C 268 13.63 24.06 -14.70
C SER C 268 12.84 25.25 -15.21
N PRO C 269 11.79 24.97 -15.97
CA PRO C 269 10.92 25.99 -16.54
C PRO C 269 9.71 26.41 -15.70
N LEU C 270 9.47 27.72 -15.65
CA LEU C 270 8.30 28.25 -14.95
C LEU C 270 7.33 28.86 -15.95
N LEU C 271 6.10 28.37 -16.04
CA LEU C 271 5.19 28.90 -17.09
C LEU C 271 4.09 29.78 -16.49
N ILE C 272 4.06 31.04 -16.94
CA ILE C 272 3.18 32.06 -16.40
C ILE C 272 2.16 32.51 -17.45
N PHE C 273 0.93 32.05 -17.29
CA PHE C 273 -0.11 32.33 -18.31
C PHE C 273 -0.79 33.65 -18.05
N LYS C 274 -1.40 34.25 -19.08
CA LYS C 274 -2.02 35.54 -18.94
C LYS C 274 -3.18 35.59 -17.97
N ASP C 275 -3.80 34.46 -17.62
CA ASP C 275 -4.91 34.49 -16.66
C ASP C 275 -4.39 34.29 -15.24
N CYS C 276 -3.07 34.34 -14.95
CA CYS C 276 -2.65 34.16 -13.56
C CYS C 276 -3.01 35.32 -12.64
N GLU C 277 -2.82 35.19 -11.32
CA GLU C 277 -2.81 36.37 -10.44
C GLU C 277 -1.40 36.95 -10.37
N LEU C 278 -1.17 38.07 -11.05
CA LEU C 278 0.17 38.58 -11.33
C LEU C 278 1.10 38.67 -10.13
N GLU C 279 0.64 39.17 -8.99
CA GLU C 279 1.48 39.30 -7.79
C GLU C 279 1.92 37.93 -7.28
N ASN C 280 1.06 36.91 -7.37
CA ASN C 280 1.49 35.56 -6.93
C ASN C 280 2.52 35.01 -7.90
N ALA C 281 2.34 35.22 -9.20
CA ALA C 281 3.35 34.83 -10.18
C ALA C 281 4.65 35.59 -9.93
N VAL C 282 4.60 36.88 -9.59
CA VAL C 282 5.82 37.64 -9.30
C VAL C 282 6.54 36.99 -8.13
N ARG C 283 5.83 36.77 -7.02
CA ARG C 283 6.39 36.01 -5.88
C ARG C 283 6.96 34.66 -6.34
N GLY C 284 6.20 33.89 -7.11
CA GLY C 284 6.69 32.59 -7.60
C GLY C 284 8.01 32.68 -8.33
N ALA C 285 8.16 33.61 -9.27
CA ALA C 285 9.39 33.72 -10.04
C ALA C 285 10.59 34.12 -9.16
N LEU C 286 10.36 35.01 -8.21
CA LEU C 286 11.37 35.45 -7.26
C LEU C 286 11.78 34.27 -6.39
N MET C 287 10.81 33.52 -5.85
CA MET C 287 11.09 32.37 -5.00
C MET C 287 11.67 31.21 -5.81
N ALA C 288 11.57 31.25 -7.14
CA ALA C 288 12.11 30.21 -7.99
C ALA C 288 13.54 30.54 -8.40
N ASN C 289 14.00 31.77 -8.13
CA ASN C 289 15.34 32.09 -8.63
C ASN C 289 16.38 32.56 -7.62
N PHE C 290 15.95 33.20 -6.53
CA PHE C 290 16.88 33.81 -5.59
C PHE C 290 17.02 33.30 -4.17
N LEU C 291 16.51 32.15 -3.79
CA LEU C 291 16.82 31.60 -2.47
C LEU C 291 18.26 31.14 -2.44
N THR C 292 18.92 31.26 -1.27
CA THR C 292 20.30 30.76 -1.19
C THR C 292 21.18 31.23 -2.31
N GLN C 293 21.16 32.54 -2.60
CA GLN C 293 22.01 33.20 -3.60
C GLN C 293 21.83 32.63 -5.00
N GLY C 294 20.70 32.02 -5.34
CA GLY C 294 20.49 31.41 -6.63
C GLY C 294 21.16 30.05 -6.75
N GLN C 295 21.64 29.44 -5.65
CA GLN C 295 22.40 28.20 -5.74
C GLN C 295 21.53 27.00 -5.32
N VAL C 296 20.43 26.77 -6.05
CA VAL C 296 19.39 25.81 -5.72
C VAL C 296 19.04 24.97 -6.96
N CYS C 297 19.10 23.64 -6.80
CA CYS C 297 18.90 22.69 -7.86
C CYS C 297 17.57 22.78 -8.62
N THR C 298 16.46 23.02 -7.94
CA THR C 298 15.17 23.10 -8.57
C THR C 298 14.77 24.43 -9.20
N ASN C 299 15.63 25.44 -9.11
CA ASN C 299 15.23 26.80 -9.46
C ASN C 299 14.61 26.88 -10.85
N GLY C 300 13.50 27.59 -10.96
CA GLY C 300 12.87 27.82 -12.29
C GLY C 300 13.57 28.96 -13.01
N THR C 301 14.66 28.63 -13.70
CA THR C 301 15.60 29.64 -14.17
C THR C 301 15.29 30.06 -15.61
N ARG C 302 14.37 29.36 -16.23
CA ARG C 302 13.79 29.78 -17.51
C ARG C 302 12.34 30.21 -17.28
N VAL C 303 12.09 31.50 -17.17
CA VAL C 303 10.74 31.99 -16.88
C VAL C 303 10.00 32.34 -18.16
N PHE C 304 8.98 31.53 -18.49
CA PHE C 304 8.28 31.77 -19.77
C PHE C 304 7.02 32.56 -19.48
N VAL C 305 6.90 33.75 -20.09
CA VAL C 305 5.77 34.60 -19.68
C VAL C 305 4.90 34.93 -20.89
N GLN C 306 3.59 34.70 -20.82
CA GLN C 306 2.75 34.89 -22.01
C GLN C 306 2.81 36.35 -22.47
N ARG C 307 3.08 36.55 -23.75
CA ARG C 307 3.40 37.83 -24.35
C ARG C 307 2.60 39.02 -23.86
N GLU C 308 1.30 38.95 -23.72
CA GLU C 308 0.45 40.03 -23.27
C GLU C 308 0.77 40.62 -21.90
N ILE C 309 1.24 39.81 -20.95
CA ILE C 309 1.48 40.32 -19.60
C ILE C 309 2.96 40.48 -19.31
N MET C 310 3.80 40.25 -20.32
CA MET C 310 5.24 40.34 -20.16
C MET C 310 5.75 41.68 -19.67
N PRO C 311 5.26 42.79 -20.21
CA PRO C 311 5.66 44.13 -19.76
C PRO C 311 5.37 44.35 -18.28
N GLN C 312 4.13 44.09 -17.84
CA GLN C 312 3.85 44.32 -16.43
C GLN C 312 4.59 43.33 -15.53
N PHE C 313 4.82 42.11 -15.98
CA PHE C 313 5.53 41.10 -15.19
C PHE C 313 6.96 41.60 -14.93
N LEU C 314 7.63 41.99 -15.99
CA LEU C 314 8.98 42.51 -15.98
C LEU C 314 9.17 43.75 -15.12
N GLU C 315 8.25 44.72 -15.21
CA GLU C 315 8.30 45.93 -14.43
C GLU C 315 8.39 45.57 -12.95
N GLU C 316 7.44 44.75 -12.49
CA GLU C 316 7.41 44.46 -11.06
C GLU C 316 8.55 43.52 -10.68
N VAL C 317 8.96 42.63 -11.58
CA VAL C 317 9.97 41.65 -11.15
C VAL C 317 11.35 42.28 -11.02
N VAL C 318 11.63 43.28 -11.85
CA VAL C 318 12.88 44.01 -11.76
C VAL C 318 12.94 44.91 -10.54
N LYS C 319 11.82 45.54 -10.17
CA LYS C 319 11.81 46.40 -8.99
C LYS C 319 12.00 45.60 -7.70
N ARG C 320 11.34 44.44 -7.65
CA ARG C 320 11.49 43.52 -6.52
C ARG C 320 12.89 42.91 -6.45
N THR C 321 13.57 42.59 -7.53
CA THR C 321 14.91 42.06 -7.49
C THR C 321 15.94 43.08 -7.03
N LYS C 322 15.86 44.30 -7.58
CA LYS C 322 16.70 45.41 -7.09
C LYS C 322 16.47 45.72 -5.62
N ALA C 323 15.26 45.51 -5.09
CA ALA C 323 15.00 45.78 -3.69
C ALA C 323 15.60 44.72 -2.77
N ILE C 324 16.05 43.58 -3.25
CA ILE C 324 16.60 42.53 -2.39
C ILE C 324 17.80 43.04 -1.59
N VAL C 325 17.76 42.99 -0.26
CA VAL C 325 18.88 43.44 0.59
C VAL C 325 19.99 42.38 0.62
N VAL C 326 21.13 42.75 0.10
CA VAL C 326 22.33 41.93 0.01
C VAL C 326 23.36 42.44 1.04
N GLY C 327 23.69 41.61 2.00
CA GLY C 327 24.70 41.98 3.00
C GLY C 327 24.90 40.87 4.02
N ASP C 328 24.94 41.24 5.29
CA ASP C 328 25.34 40.28 6.33
C ASP C 328 24.21 39.30 6.55
N PRO C 329 24.44 38.00 6.33
CA PRO C 329 23.40 36.99 6.40
C PRO C 329 22.84 36.75 7.78
N LEU C 330 23.58 37.12 8.81
CA LEU C 330 23.17 37.02 10.22
C LEU C 330 22.19 38.11 10.61
N LEU C 331 21.94 39.12 9.76
CA LEU C 331 20.82 40.03 10.09
C LEU C 331 19.49 39.42 9.62
N THR C 332 18.41 39.61 10.37
CA THR C 332 17.09 39.10 10.00
C THR C 332 16.49 39.78 8.77
N GLU C 333 16.95 40.99 8.41
CA GLU C 333 16.38 41.65 7.24
C GLU C 333 17.21 41.44 5.99
N THR C 334 18.40 40.86 6.06
CA THR C 334 19.12 40.52 4.83
C THR C 334 18.36 39.46 4.04
N ARG C 335 18.46 39.51 2.71
CA ARG C 335 17.73 38.51 1.92
C ARG C 335 18.61 37.77 0.93
N MET C 336 19.88 38.14 0.80
CA MET C 336 20.90 37.49 0.00
C MET C 336 22.28 37.74 0.64
N GLY C 337 23.03 36.66 0.80
CA GLY C 337 24.39 36.72 1.33
C GLY C 337 25.40 36.61 0.22
N GLY C 338 26.62 36.17 0.50
CA GLY C 338 27.61 35.98 -0.56
C GLY C 338 27.50 34.55 -1.13
N LEU C 339 27.97 34.39 -2.38
CA LEU C 339 27.91 33.06 -2.95
C LEU C 339 29.04 32.25 -2.27
N ILE C 340 29.00 30.94 -2.51
CA ILE C 340 29.84 30.03 -1.73
C ILE C 340 31.34 30.22 -1.81
N SER C 341 31.90 30.65 -2.94
CA SER C 341 33.33 30.73 -3.13
C SER C 341 33.64 31.75 -4.23
N LYS C 342 34.91 32.08 -4.40
CA LYS C 342 35.34 33.08 -5.36
C LYS C 342 35.25 32.53 -6.77
N PRO C 343 35.71 31.31 -7.01
CA PRO C 343 35.61 30.69 -8.31
C PRO C 343 34.15 30.52 -8.76
N GLN C 344 33.20 30.26 -7.88
CA GLN C 344 31.79 30.16 -8.18
C GLN C 344 31.24 31.55 -8.55
N LEU C 345 31.59 32.58 -7.78
CA LEU C 345 31.18 33.94 -8.11
C LEU C 345 31.69 34.31 -9.50
N ASP C 346 32.97 34.04 -9.78
CA ASP C 346 33.55 34.36 -11.06
C ASP C 346 32.89 33.63 -12.21
N LYS C 347 32.61 32.34 -12.04
CA LYS C 347 31.90 31.58 -13.08
C LYS C 347 30.51 32.16 -13.30
N VAL C 348 29.79 32.46 -12.22
CA VAL C 348 28.45 33.04 -12.39
C VAL C 348 28.57 34.39 -13.12
N LEU C 349 29.53 35.24 -12.75
CA LEU C 349 29.73 36.51 -13.43
C LEU C 349 30.17 36.32 -14.87
N GLY C 350 30.99 35.34 -15.17
CA GLY C 350 31.31 34.92 -16.53
C GLY C 350 30.08 34.57 -17.35
N PHE C 351 29.08 33.89 -16.81
CA PHE C 351 27.86 33.61 -17.56
C PHE C 351 27.17 34.93 -17.96
N VAL C 352 27.02 35.88 -17.05
CA VAL C 352 26.29 37.11 -17.38
C VAL C 352 27.05 37.91 -18.44
N ALA C 353 28.39 37.92 -18.40
CA ALA C 353 29.15 38.61 -19.45
C ALA C 353 28.97 37.89 -20.79
N GLN C 354 29.02 36.55 -20.78
CA GLN C 354 28.79 35.79 -22.00
C GLN C 354 27.40 35.98 -22.59
N ALA C 355 26.37 36.09 -21.73
CA ALA C 355 25.02 36.32 -22.18
C ALA C 355 24.93 37.67 -22.90
N LYS C 356 25.52 38.73 -22.34
CA LYS C 356 25.45 40.03 -23.04
C LYS C 356 26.17 39.91 -24.38
N LYS C 357 27.23 39.13 -24.50
CA LYS C 357 27.92 38.93 -25.78
C LYS C 357 27.08 38.17 -26.79
N GLU C 358 26.17 37.31 -26.37
CA GLU C 358 25.31 36.54 -27.26
C GLU C 358 24.07 37.35 -27.61
N GLY C 359 23.85 38.51 -27.02
CA GLY C 359 22.68 39.31 -27.32
C GLY C 359 21.71 39.54 -26.17
N ALA C 360 21.94 38.93 -25.00
CA ALA C 360 20.98 39.11 -23.90
C ALA C 360 20.99 40.57 -23.42
N ARG C 361 19.88 40.95 -22.81
CA ARG C 361 19.72 42.24 -22.17
C ARG C 361 19.66 42.17 -20.65
N VAL C 362 20.62 42.79 -19.98
CA VAL C 362 20.60 42.87 -18.52
C VAL C 362 19.62 43.93 -18.06
N LEU C 363 18.57 43.54 -17.36
CA LEU C 363 17.60 44.50 -16.83
C LEU C 363 18.01 44.96 -15.45
N CYS C 364 18.85 44.22 -14.75
CA CYS C 364 19.38 44.60 -13.46
C CYS C 364 20.45 43.60 -12.99
N GLY C 365 21.31 44.10 -12.10
CA GLY C 365 22.29 43.28 -11.43
C GLY C 365 23.22 42.60 -12.43
N GLY C 366 23.80 41.47 -12.04
CA GLY C 366 24.76 40.78 -12.90
C GLY C 366 26.15 41.34 -12.71
N GLU C 367 26.42 42.00 -11.58
CA GLU C 367 27.76 42.58 -11.38
C GLU C 367 28.30 42.31 -9.98
N PRO C 368 29.62 42.43 -9.84
CA PRO C 368 30.26 42.35 -8.53
C PRO C 368 29.66 43.42 -7.63
N LEU C 369 29.58 43.20 -6.32
CA LEU C 369 29.02 44.19 -5.40
C LEU C 369 29.81 44.25 -4.10
N THR C 370 30.02 45.46 -3.58
CA THR C 370 30.71 45.65 -2.31
C THR C 370 29.73 46.35 -1.38
N PRO C 371 29.20 45.60 -0.43
CA PRO C 371 28.28 46.16 0.56
C PRO C 371 28.92 47.30 1.35
N SER C 372 28.07 48.14 1.93
CA SER C 372 28.58 49.24 2.76
C SER C 372 29.46 48.76 3.91
N ASP C 373 28.96 47.78 4.65
CA ASP C 373 29.63 47.32 5.87
C ASP C 373 31.03 46.85 5.53
N PRO C 374 32.04 47.49 6.11
CA PRO C 374 33.43 47.20 5.90
C PRO C 374 33.87 45.76 6.15
N LYS C 375 33.26 45.00 7.07
CA LYS C 375 33.80 43.67 7.38
C LYS C 375 33.43 42.67 6.28
N LEU C 376 32.56 43.08 5.38
CA LEU C 376 32.02 42.32 4.27
C LEU C 376 32.74 42.59 2.96
N LYS C 377 33.75 43.46 2.96
CA LYS C 377 34.38 43.92 1.75
C LYS C 377 35.02 42.86 0.87
N ASN C 378 35.54 41.78 1.46
CA ASN C 378 36.14 40.72 0.66
C ASN C 378 35.18 39.54 0.47
N GLY C 379 33.90 39.73 0.81
CA GLY C 379 32.95 38.63 0.68
C GLY C 379 32.62 38.34 -0.77
N TYR C 380 31.95 37.21 -1.06
CA TYR C 380 31.73 36.85 -2.46
C TYR C 380 30.40 37.36 -2.98
N PHE C 381 30.20 38.68 -3.09
CA PHE C 381 28.91 39.29 -3.35
C PHE C 381 28.72 39.69 -4.81
N MET C 382 27.47 39.57 -5.26
CA MET C 382 27.00 40.10 -6.55
C MET C 382 25.55 40.59 -6.41
N SER C 383 25.10 41.39 -7.36
CA SER C 383 23.70 41.84 -7.38
C SER C 383 22.85 40.84 -8.18
N PRO C 384 21.71 40.49 -7.62
CA PRO C 384 20.82 39.51 -8.23
C PRO C 384 20.37 40.00 -9.62
N CYS C 385 20.34 39.13 -10.60
CA CYS C 385 20.25 39.54 -12.02
C CYS C 385 18.97 39.04 -12.69
N VAL C 386 18.41 39.91 -13.53
CA VAL C 386 17.30 39.55 -14.42
C VAL C 386 17.70 39.86 -15.87
N LEU C 387 17.57 38.84 -16.70
CA LEU C 387 17.92 38.91 -18.11
C LEU C 387 16.62 38.87 -18.95
N ASP C 388 16.72 39.66 -20.00
CA ASP C 388 15.74 39.83 -21.03
C ASP C 388 16.25 39.57 -22.43
N ASN C 389 15.37 39.55 -23.42
CA ASN C 389 15.80 39.36 -24.80
C ASN C 389 16.55 38.06 -25.03
N CYS C 390 16.08 37.00 -24.41
CA CYS C 390 16.83 35.74 -24.36
C CYS C 390 16.37 34.82 -25.48
N ARG C 391 17.17 33.85 -25.85
CA ARG C 391 16.71 32.87 -26.84
C ARG C 391 16.94 31.45 -26.37
N ASP C 392 16.21 30.50 -26.92
CA ASP C 392 16.39 29.10 -26.59
C ASP C 392 17.76 28.54 -26.93
N ASP C 393 18.47 29.15 -27.87
CA ASP C 393 19.80 28.67 -28.23
C ASP C 393 20.92 29.34 -27.44
N MET C 394 20.61 30.31 -26.59
CA MET C 394 21.66 30.95 -25.79
C MET C 394 22.25 30.05 -24.71
N THR C 395 23.53 30.24 -24.41
CA THR C 395 24.22 29.49 -23.36
C THR C 395 23.56 29.64 -21.98
N CYS C 396 23.07 30.86 -21.68
CA CYS C 396 22.41 31.09 -20.41
C CYS C 396 21.03 30.48 -20.28
N VAL C 397 20.35 30.22 -21.39
CA VAL C 397 19.06 29.52 -21.38
C VAL C 397 19.19 28.00 -21.36
N LYS C 398 20.29 27.44 -21.83
CA LYS C 398 20.54 26.00 -21.85
C LYS C 398 21.29 25.45 -20.64
N GLU C 399 22.23 26.18 -20.07
CA GLU C 399 23.08 25.64 -19.01
C GLU C 399 22.67 26.02 -17.59
N GLU C 400 22.90 25.11 -16.64
CA GLU C 400 22.63 25.45 -15.24
C GLU C 400 23.70 26.47 -14.78
N ILE C 401 23.29 27.66 -14.35
CA ILE C 401 24.21 28.69 -13.90
C ILE C 401 24.54 28.57 -12.42
N PHE C 402 23.53 28.34 -11.59
CA PHE C 402 23.77 28.14 -10.16
C PHE C 402 24.28 29.42 -9.52
N GLY C 403 23.69 30.54 -9.93
CA GLY C 403 23.79 31.86 -9.29
C GLY C 403 22.45 32.57 -9.51
N PRO C 404 22.30 33.79 -8.99
CA PRO C 404 21.03 34.51 -9.07
C PRO C 404 20.81 35.22 -10.39
N VAL C 405 20.41 34.46 -11.41
CA VAL C 405 20.30 34.94 -12.77
C VAL C 405 18.99 34.38 -13.40
N MET C 406 17.94 35.19 -13.44
CA MET C 406 16.68 34.80 -14.05
C MET C 406 16.65 35.08 -15.53
N SER C 407 16.41 34.08 -16.39
CA SER C 407 16.25 34.32 -17.81
C SER C 407 14.75 34.30 -18.16
N VAL C 408 14.29 35.39 -18.79
CA VAL C 408 12.87 35.59 -19.02
C VAL C 408 12.60 35.64 -20.52
N LEU C 409 11.57 34.91 -20.98
CA LEU C 409 11.30 34.69 -22.38
C LEU C 409 9.78 34.72 -22.63
N PRO C 410 9.40 35.30 -23.77
CA PRO C 410 7.98 35.42 -24.09
C PRO C 410 7.47 34.12 -24.70
N PHE C 411 6.15 33.90 -24.64
CA PHE C 411 5.59 32.76 -25.39
C PHE C 411 4.21 33.15 -25.90
N ASP C 412 3.69 32.47 -26.92
CA ASP C 412 2.33 32.80 -27.37
C ASP C 412 1.30 31.72 -27.08
N THR C 413 1.58 30.44 -27.24
CA THR C 413 0.62 29.38 -27.00
C THR C 413 1.09 28.29 -26.05
N GLU C 414 0.14 27.52 -25.52
CA GLU C 414 0.39 26.45 -24.57
C GLU C 414 1.17 25.33 -25.26
N GLU C 415 0.74 24.95 -26.45
CA GLU C 415 1.46 23.91 -27.19
C GLU C 415 2.88 24.37 -27.49
N GLU C 416 3.08 25.61 -27.91
CA GLU C 416 4.43 26.15 -28.08
C GLU C 416 5.30 26.08 -26.81
N VAL C 417 4.85 26.73 -25.70
CA VAL C 417 5.67 26.76 -24.52
C VAL C 417 5.99 25.33 -24.05
N LEU C 418 5.01 24.45 -24.04
CA LEU C 418 5.26 23.07 -23.62
C LEU C 418 6.41 22.43 -24.38
N GLN C 419 6.54 22.67 -25.68
CA GLN C 419 7.66 22.03 -26.40
C GLN C 419 8.99 22.68 -26.07
N ARG C 420 9.03 23.99 -25.86
CA ARG C 420 10.30 24.65 -25.53
C ARG C 420 10.67 24.39 -24.07
N ALA C 421 9.69 24.25 -23.18
CA ALA C 421 10.04 23.83 -21.80
C ALA C 421 10.60 22.44 -21.74
N ASN C 422 10.11 21.50 -22.58
CA ASN C 422 10.53 20.09 -22.48
C ASN C 422 11.74 19.76 -23.37
N ASN C 423 12.15 20.71 -24.20
CA ASN C 423 13.27 20.49 -25.12
C ASN C 423 14.60 20.67 -24.40
N THR C 424 14.91 19.78 -23.46
CA THR C 424 16.12 19.82 -22.68
C THR C 424 16.39 18.40 -22.19
N THR C 425 17.62 18.19 -21.75
CA THR C 425 17.95 16.85 -21.22
C THR C 425 17.79 16.81 -19.72
N PHE C 426 17.64 17.98 -19.12
CA PHE C 426 17.37 18.11 -17.70
C PHE C 426 15.90 17.74 -17.45
N GLY C 427 15.52 17.50 -16.21
CA GLY C 427 14.12 17.27 -15.88
C GLY C 427 13.88 17.25 -14.39
N LEU C 428 14.43 18.21 -13.63
CA LEU C 428 14.25 18.16 -12.19
C LEU C 428 12.89 18.68 -11.74
N ALA C 429 12.64 19.96 -11.98
CA ALA C 429 11.38 20.55 -11.53
C ALA C 429 10.75 21.40 -12.62
N SER C 430 9.68 22.12 -12.30
CA SER C 430 8.99 23.01 -13.22
C SER C 430 7.88 23.74 -12.44
N GLY C 431 7.16 24.70 -13.02
CA GLY C 431 6.08 25.37 -12.37
C GLY C 431 5.02 25.87 -13.37
N VAL C 432 3.81 26.19 -12.89
CA VAL C 432 2.82 26.81 -13.76
C VAL C 432 1.92 27.74 -12.98
N PHE C 433 1.76 28.98 -13.47
CA PHE C 433 0.81 29.91 -12.87
C PHE C 433 -0.35 30.13 -13.85
N THR C 434 -1.54 29.74 -13.40
CA THR C 434 -2.75 29.89 -14.19
C THR C 434 -3.95 29.67 -13.28
N ARG C 435 -5.11 30.24 -13.61
CA ARG C 435 -6.28 30.01 -12.76
C ARG C 435 -7.21 28.94 -13.29
N ASP C 436 -7.26 28.67 -14.59
CA ASP C 436 -8.11 27.61 -15.14
C ASP C 436 -7.76 26.22 -14.60
N ILE C 437 -8.69 25.50 -13.99
CA ILE C 437 -8.44 24.16 -13.46
C ILE C 437 -7.91 23.14 -14.44
N SER C 438 -8.42 22.98 -15.65
CA SER C 438 -7.91 22.02 -16.60
C SER C 438 -6.52 22.45 -17.04
N ARG C 439 -6.33 23.71 -17.31
CA ARG C 439 -5.01 24.12 -17.81
C ARG C 439 -3.94 23.78 -16.78
N ALA C 440 -4.20 24.06 -15.50
CA ALA C 440 -3.21 23.78 -14.47
C ALA C 440 -2.82 22.31 -14.49
N HIS C 441 -3.76 21.37 -14.35
CA HIS C 441 -3.43 19.97 -14.28
C HIS C 441 -2.87 19.42 -15.60
N ARG C 442 -3.32 19.96 -16.73
CA ARG C 442 -2.93 19.47 -18.05
C ARG C 442 -1.47 19.84 -18.29
N VAL C 443 -1.15 21.10 -18.00
CA VAL C 443 0.24 21.55 -18.13
C VAL C 443 1.17 20.80 -17.18
N ALA C 444 0.78 20.52 -15.94
CA ALA C 444 1.57 19.74 -15.00
C ALA C 444 1.78 18.34 -15.53
N ALA C 445 0.71 17.75 -16.13
CA ALA C 445 0.87 16.40 -16.68
C ALA C 445 1.85 16.37 -17.86
N ASN C 446 1.87 17.38 -18.72
CA ASN C 446 2.66 17.34 -19.95
C ASN C 446 4.10 17.82 -19.78
N LEU C 447 4.41 18.38 -18.60
CA LEU C 447 5.77 18.86 -18.33
C LEU C 447 6.59 17.63 -17.95
N GLU C 448 7.78 17.49 -18.52
CA GLU C 448 8.61 16.29 -18.28
C GLU C 448 9.59 16.50 -17.14
N ALA C 449 9.12 16.41 -15.90
CA ALA C 449 10.05 16.68 -14.79
C ALA C 449 9.55 15.98 -13.55
N GLY C 450 10.41 15.75 -12.55
CA GLY C 450 9.98 15.03 -11.34
C GLY C 450 8.97 15.79 -10.49
N THR C 451 9.00 17.12 -10.54
CA THR C 451 8.14 17.94 -9.68
C THR C 451 7.49 19.02 -10.53
N CYS C 452 6.19 19.27 -10.24
CA CYS C 452 5.59 20.51 -10.77
C CYS C 452 4.91 21.27 -9.64
N TYR C 453 5.23 22.56 -9.53
CA TYR C 453 4.46 23.39 -8.57
C TYR C 453 3.30 24.09 -9.30
N ILE C 454 2.12 24.05 -8.73
CA ILE C 454 0.99 24.78 -9.34
C ILE C 454 0.70 26.00 -8.49
N ASN C 455 0.93 27.18 -9.04
CA ASN C 455 0.58 28.44 -8.34
C ASN C 455 1.43 28.71 -7.09
N THR C 456 2.67 28.26 -7.14
CA THR C 456 3.66 28.52 -6.08
C THR C 456 5.01 28.06 -6.63
N TYR C 457 6.07 28.09 -5.84
CA TYR C 457 7.33 27.55 -6.27
C TYR C 457 8.22 27.24 -5.05
N SER C 458 9.07 26.23 -5.11
CA SER C 458 10.04 25.94 -4.04
C SER C 458 9.45 25.43 -2.73
N ILE C 459 8.28 24.86 -2.64
CA ILE C 459 7.85 24.18 -1.42
C ILE C 459 8.60 22.84 -1.33
N SER C 460 8.95 22.36 -0.15
CA SER C 460 9.62 21.07 0.00
C SER C 460 9.05 20.24 1.13
N PRO C 461 7.86 19.69 0.97
CA PRO C 461 7.20 18.95 2.04
C PRO C 461 7.93 17.64 2.33
N VAL C 462 8.12 17.22 3.59
CA VAL C 462 8.72 15.92 3.82
C VAL C 462 7.75 14.80 3.44
N GLU C 463 6.45 15.04 3.43
CA GLU C 463 5.43 14.05 3.19
C GLU C 463 5.42 13.42 1.79
N VAL C 464 6.09 14.02 0.83
CA VAL C 464 6.04 13.64 -0.57
C VAL C 464 7.44 13.40 -1.15
N PRO C 465 7.56 12.54 -2.16
CA PRO C 465 8.85 12.26 -2.76
C PRO C 465 9.44 13.41 -3.57
N PHE C 466 10.74 13.41 -3.74
CA PHE C 466 11.46 14.38 -4.55
C PHE C 466 12.62 13.75 -5.34
N GLY C 467 12.73 14.05 -6.64
CA GLY C 467 13.85 13.60 -7.44
C GLY C 467 13.70 13.92 -8.92
N GLY C 468 14.69 13.57 -9.74
CA GLY C 468 14.75 13.94 -11.14
C GLY C 468 14.08 12.95 -12.11
N TYR C 469 13.87 13.46 -13.30
CA TYR C 469 13.57 12.76 -14.53
C TYR C 469 14.78 12.95 -15.47
N LYS C 470 14.85 12.10 -16.48
CA LYS C 470 15.87 12.18 -17.51
C LYS C 470 17.30 12.34 -16.95
N MET C 471 18.05 13.32 -17.43
CA MET C 471 19.41 13.52 -17.01
C MET C 471 19.53 14.29 -15.70
N SER C 472 18.43 14.57 -15.00
CA SER C 472 18.51 15.21 -13.69
C SER C 472 18.66 14.13 -12.58
N GLY C 473 18.76 12.85 -12.94
CA GLY C 473 18.96 11.78 -11.99
C GLY C 473 17.80 10.82 -11.79
N PHE C 474 17.97 9.85 -10.89
CA PHE C 474 16.90 8.92 -10.51
C PHE C 474 16.98 8.57 -9.03
N GLY C 475 16.01 7.88 -8.46
CA GLY C 475 15.87 7.74 -7.02
C GLY C 475 15.09 8.94 -6.48
N ARG C 476 14.63 8.84 -5.24
CA ARG C 476 13.85 9.89 -4.58
C ARG C 476 14.37 10.07 -3.14
N GLU C 477 14.05 11.18 -2.52
CA GLU C 477 14.24 11.57 -1.13
C GLU C 477 12.92 12.14 -0.56
N ASN C 478 12.65 11.95 0.72
CA ASN C 478 11.38 12.38 1.31
C ASN C 478 10.23 11.49 0.84
N GLY C 479 9.12 11.56 1.56
CA GLY C 479 7.92 10.77 1.26
C GLY C 479 8.09 9.28 1.51
N GLN C 480 7.08 8.50 1.12
CA GLN C 480 7.09 7.07 1.40
C GLN C 480 7.87 6.27 0.36
N ALA C 481 8.01 6.75 -0.87
CA ALA C 481 8.71 6.00 -1.91
C ALA C 481 10.18 5.76 -1.57
N THR C 482 10.82 6.74 -0.93
CA THR C 482 12.22 6.75 -0.57
C THR C 482 12.65 5.54 0.25
N VAL C 483 11.78 4.89 1.02
CA VAL C 483 12.15 3.73 1.76
C VAL C 483 12.58 2.57 0.85
N ASP C 484 12.08 2.49 -0.38
CA ASP C 484 12.44 1.44 -1.31
C ASP C 484 13.84 1.59 -1.89
N TYR C 485 14.48 2.75 -1.80
CA TYR C 485 15.86 2.95 -2.22
C TYR C 485 16.83 2.73 -1.05
N TYR C 486 16.36 2.40 0.15
CA TYR C 486 17.27 2.13 1.28
C TYR C 486 16.97 0.78 1.94
N SER C 487 16.07 0.00 1.32
CA SER C 487 15.78 -1.36 1.74
C SER C 487 15.56 -2.22 0.49
N GLN C 488 15.52 -3.54 0.68
CA GLN C 488 15.37 -4.46 -0.46
C GLN C 488 14.52 -5.63 0.04
N LEU C 489 13.74 -6.22 -0.84
CA LEU C 489 12.87 -7.32 -0.51
C LEU C 489 13.57 -8.67 -0.75
N LYS C 490 13.35 -9.55 0.20
CA LYS C 490 13.79 -10.93 0.02
C LYS C 490 12.50 -11.78 -0.06
N THR C 491 12.39 -12.58 -1.10
CA THR C 491 11.19 -13.39 -1.29
C THR C 491 11.38 -14.78 -0.69
N VAL C 492 10.55 -15.23 0.22
CA VAL C 492 10.71 -16.52 0.88
C VAL C 492 9.51 -17.39 0.52
N ILE C 493 9.78 -18.50 -0.18
CA ILE C 493 8.70 -19.36 -0.67
C ILE C 493 8.63 -20.59 0.21
N VAL C 494 7.50 -20.85 0.87
CA VAL C 494 7.39 -22.03 1.70
C VAL C 494 6.45 -23.11 1.18
N GLU C 495 7.07 -24.27 0.97
CA GLU C 495 6.34 -25.46 0.47
C GLU C 495 5.76 -26.15 1.69
N MET C 496 4.46 -26.34 1.72
CA MET C 496 3.77 -26.89 2.87
C MET C 496 3.62 -28.41 2.79
N GLY C 497 3.90 -29.03 1.64
CA GLY C 497 3.76 -30.51 1.60
C GLY C 497 5.05 -31.11 1.02
N ASP C 498 4.98 -31.98 0.03
CA ASP C 498 6.10 -32.62 -0.61
C ASP C 498 6.53 -31.85 -1.85
N VAL C 499 7.75 -32.11 -2.30
CA VAL C 499 8.27 -31.37 -3.46
C VAL C 499 7.75 -31.92 -4.78
N ASP C 500 7.37 -31.03 -5.69
CA ASP C 500 7.08 -31.41 -7.07
C ASP C 500 8.34 -31.53 -7.92
N SER C 501 8.65 -32.76 -8.34
CA SER C 501 9.91 -33.02 -9.02
C SER C 501 9.73 -33.71 -10.36
N LEU C 502 10.53 -33.31 -11.33
CA LEU C 502 10.67 -34.03 -12.57
C LEU C 502 11.74 -35.12 -12.49
N PHE C 503 12.50 -35.23 -11.39
CA PHE C 503 13.65 -36.12 -11.29
C PHE C 503 13.60 -37.07 -10.09
N ALA D 1 5.02 -17.27 -38.31
CA ALA D 1 3.57 -17.44 -37.97
C ALA D 1 2.99 -18.67 -38.69
N GLN D 2 3.37 -18.79 -39.95
CA GLN D 2 3.14 -20.01 -40.72
C GLN D 2 4.07 -21.12 -40.21
N LEU D 3 5.31 -20.75 -39.84
CA LEU D 3 6.17 -21.73 -39.16
C LEU D 3 5.53 -22.24 -37.88
N VAL D 4 4.96 -21.35 -37.08
CA VAL D 4 4.32 -21.71 -35.81
C VAL D 4 3.15 -22.64 -36.07
N ASP D 5 2.32 -22.33 -37.05
CA ASP D 5 1.18 -23.18 -37.40
C ASP D 5 1.58 -24.55 -37.96
N SER D 6 2.77 -24.69 -38.51
CA SER D 6 3.30 -25.95 -39.00
C SER D 6 3.95 -26.86 -37.96
N MET D 7 3.97 -26.48 -36.69
CA MET D 7 4.63 -27.24 -35.63
C MET D 7 4.06 -28.59 -35.30
N PRO D 8 2.74 -28.80 -35.37
CA PRO D 8 2.15 -30.10 -35.03
C PRO D 8 2.67 -31.26 -35.86
N SER D 9 3.20 -31.03 -37.04
CA SER D 9 3.80 -32.04 -37.87
C SER D 9 5.32 -31.95 -37.90
N ALA D 10 5.89 -31.09 -37.04
CA ALA D 10 7.35 -30.96 -37.02
C ALA D 10 7.98 -31.92 -36.02
N SER D 11 9.28 -32.10 -36.18
CA SER D 11 10.01 -33.03 -35.29
C SER D 11 11.47 -32.64 -35.24
N THR D 12 12.21 -33.31 -34.32
CA THR D 12 13.63 -32.90 -34.20
C THR D 12 14.33 -33.25 -35.51
N GLY D 13 15.13 -32.34 -36.04
CA GLY D 13 15.90 -32.58 -37.25
C GLY D 13 15.15 -32.19 -38.52
N SER D 14 13.89 -31.77 -38.43
CA SER D 14 13.11 -31.48 -39.63
C SER D 14 13.04 -30.02 -40.02
N VAL D 15 13.13 -29.09 -39.07
CA VAL D 15 12.87 -27.69 -39.32
C VAL D 15 14.01 -26.91 -39.92
N VAL D 16 13.64 -25.94 -40.77
CA VAL D 16 14.51 -24.88 -41.24
C VAL D 16 13.79 -23.54 -41.05
N VAL D 17 14.44 -22.46 -40.64
CA VAL D 17 13.73 -21.20 -40.38
C VAL D 17 13.99 -20.25 -41.53
N THR D 18 12.96 -19.74 -42.23
CA THR D 18 13.24 -18.92 -43.43
C THR D 18 12.72 -17.50 -43.28
N ASP D 19 12.26 -17.12 -42.10
CA ASP D 19 11.66 -15.80 -41.91
C ASP D 19 12.74 -14.76 -41.69
N ASP D 20 12.43 -13.50 -42.01
CA ASP D 20 13.29 -12.39 -41.56
C ASP D 20 13.04 -12.19 -40.05
N LEU D 21 14.11 -11.99 -39.29
CA LEU D 21 14.00 -11.97 -37.83
C LEU D 21 14.15 -10.60 -37.19
N ASN D 22 14.43 -9.55 -37.98
CA ASN D 22 14.37 -8.17 -37.48
C ASN D 22 12.94 -7.66 -37.61
N TYR D 23 12.46 -6.88 -36.66
CA TYR D 23 11.06 -6.50 -36.61
C TYR D 23 10.83 -5.14 -35.99
N TRP D 24 10.40 -4.19 -36.81
CA TRP D 24 9.98 -2.89 -36.30
C TRP D 24 9.00 -2.23 -37.28
N GLY D 25 8.20 -1.31 -36.78
CA GLY D 25 7.14 -0.70 -37.59
C GLY D 25 6.03 -1.72 -37.85
N GLY D 26 5.92 -2.75 -36.99
CA GLY D 26 4.80 -3.69 -37.15
C GLY D 26 5.09 -4.69 -38.25
N ARG D 27 6.34 -4.88 -38.69
CA ARG D 27 6.64 -5.85 -39.72
C ARG D 27 8.08 -6.35 -39.79
N ARG D 28 8.23 -7.58 -40.31
CA ARG D 28 9.56 -8.22 -40.42
C ARG D 28 10.41 -7.50 -41.45
N ILE D 29 11.64 -7.17 -41.14
CA ILE D 29 12.50 -6.39 -42.01
C ILE D 29 13.47 -7.25 -42.83
N LYS D 30 13.45 -7.05 -44.14
CA LYS D 30 14.31 -7.80 -45.05
C LYS D 30 15.74 -7.34 -44.87
N SER D 31 16.59 -8.26 -44.39
CA SER D 31 18.01 -7.96 -44.23
C SER D 31 18.67 -7.46 -45.52
N LYS D 32 19.71 -6.65 -45.34
CA LYS D 32 20.48 -6.08 -46.44
C LYS D 32 21.83 -5.63 -45.91
N ASP D 33 22.67 -5.07 -46.79
CA ASP D 33 24.04 -4.66 -46.48
C ASP D 33 25.03 -5.81 -46.59
N GLY D 34 24.50 -7.03 -46.54
CA GLY D 34 25.19 -8.27 -46.37
C GLY D 34 26.13 -8.23 -45.16
N ALA D 35 25.54 -7.83 -44.06
CA ALA D 35 26.32 -7.76 -42.82
C ALA D 35 26.74 -9.21 -42.50
N THR D 36 27.89 -9.33 -41.87
CA THR D 36 28.38 -10.67 -41.55
C THR D 36 27.34 -11.39 -40.69
N THR D 37 26.79 -12.50 -41.15
CA THR D 37 25.76 -13.19 -40.39
C THR D 37 26.39 -14.22 -39.47
N GLU D 38 25.59 -14.81 -38.58
CA GLU D 38 26.03 -15.89 -37.70
C GLU D 38 25.02 -17.05 -37.74
N PRO D 39 25.49 -18.28 -37.64
CA PRO D 39 24.66 -19.45 -37.62
C PRO D 39 23.85 -19.61 -36.33
N VAL D 40 22.64 -20.14 -36.48
CA VAL D 40 21.77 -20.42 -35.36
C VAL D 40 21.43 -21.89 -35.41
N PHE D 41 21.64 -22.58 -34.28
CA PHE D 41 21.68 -24.04 -34.28
C PHE D 41 20.50 -24.67 -33.57
N GLU D 42 20.21 -25.91 -33.88
CA GLU D 42 19.31 -26.80 -33.17
C GLU D 42 20.15 -27.70 -32.25
N PRO D 43 20.06 -27.49 -30.93
CA PRO D 43 20.93 -28.12 -29.97
C PRO D 43 20.90 -29.64 -29.96
N ALA D 44 19.76 -30.28 -30.18
CA ALA D 44 19.66 -31.72 -30.20
C ALA D 44 20.35 -32.41 -31.37
N THR D 45 20.75 -31.70 -32.41
CA THR D 45 21.22 -32.30 -33.65
C THR D 45 22.44 -31.61 -34.24
N GLY D 46 22.67 -30.35 -33.86
CA GLY D 46 23.83 -29.63 -34.42
C GLY D 46 23.54 -29.00 -35.77
N ARG D 47 22.33 -29.09 -36.29
CA ARG D 47 22.02 -28.53 -37.60
C ARG D 47 21.97 -27.01 -37.52
N VAL D 48 22.18 -26.34 -38.65
CA VAL D 48 21.96 -24.92 -38.79
C VAL D 48 20.50 -24.67 -39.11
N LEU D 49 19.80 -23.86 -38.31
CA LEU D 49 18.40 -23.58 -38.55
C LEU D 49 18.22 -22.39 -39.51
N CYS D 50 19.16 -21.45 -39.48
CA CYS D 50 19.12 -20.22 -40.23
C CYS D 50 20.33 -19.35 -39.88
N GLN D 51 20.52 -18.21 -40.52
CA GLN D 51 21.58 -17.28 -40.16
C GLN D 51 20.97 -16.07 -39.45
N MET D 52 21.62 -15.54 -38.42
CA MET D 52 21.12 -14.33 -37.74
C MET D 52 21.83 -13.11 -38.33
N VAL D 53 21.09 -12.05 -38.66
CA VAL D 53 21.67 -10.88 -39.33
C VAL D 53 21.55 -9.69 -38.37
N PRO D 54 22.69 -9.32 -37.79
CA PRO D 54 22.77 -8.34 -36.73
C PRO D 54 22.52 -6.90 -37.12
N CYS D 55 22.01 -6.09 -36.18
CA CYS D 55 21.65 -4.72 -36.49
C CYS D 55 22.78 -3.76 -36.18
N GLY D 56 23.00 -2.79 -37.04
CA GLY D 56 23.99 -1.74 -36.81
C GLY D 56 23.22 -0.51 -36.34
N ALA D 57 23.89 0.63 -36.29
CA ALA D 57 23.42 1.85 -35.68
C ALA D 57 22.14 2.41 -36.27
N GLU D 58 22.07 2.36 -37.59
CA GLU D 58 20.96 2.79 -38.43
C GLU D 58 19.69 1.96 -38.16
N GLU D 59 19.87 0.66 -37.95
CA GLU D 59 18.77 -0.23 -37.71
C GLU D 59 18.17 -0.04 -36.31
N VAL D 60 19.05 0.05 -35.32
CA VAL D 60 18.64 0.26 -33.94
C VAL D 60 17.86 1.58 -33.81
N ASP D 61 18.34 2.61 -34.52
CA ASP D 61 17.70 3.92 -34.49
C ASP D 61 16.31 3.86 -35.12
N GLN D 62 16.16 3.04 -36.16
CA GLN D 62 14.85 2.88 -36.78
C GLN D 62 13.87 2.21 -35.82
N ALA D 63 14.36 1.16 -35.14
CA ALA D 63 13.55 0.46 -34.16
C ALA D 63 13.09 1.39 -33.05
N VAL D 64 13.98 2.22 -32.52
CA VAL D 64 13.71 3.14 -31.42
C VAL D 64 12.74 4.23 -31.86
N GLN D 65 12.96 4.83 -33.02
CA GLN D 65 11.99 5.76 -33.59
C GLN D 65 10.59 5.14 -33.75
N SER D 66 10.47 3.92 -34.21
CA SER D 66 9.17 3.26 -34.30
C SER D 66 8.54 3.12 -32.91
N ALA D 67 9.31 2.66 -31.94
CA ALA D 67 8.86 2.58 -30.55
C ALA D 67 8.36 3.92 -30.00
N GLN D 68 9.07 5.00 -30.26
CA GLN D 68 8.69 6.34 -29.81
C GLN D 68 7.34 6.81 -30.33
N ALA D 69 7.08 6.56 -31.62
CA ALA D 69 5.77 6.97 -32.18
C ALA D 69 4.65 6.13 -31.59
N ALA D 70 4.84 4.81 -31.38
CA ALA D 70 3.77 4.07 -30.69
C ALA D 70 3.56 4.51 -29.26
N TYR D 71 4.63 4.85 -28.54
CA TYR D 71 4.62 5.31 -27.15
C TYR D 71 3.75 6.54 -26.97
N LEU D 72 3.84 7.47 -27.91
CA LEU D 72 2.98 8.66 -27.90
C LEU D 72 1.50 8.33 -27.85
N LYS D 73 1.08 7.22 -28.48
CA LYS D 73 -0.29 6.75 -28.43
C LYS D 73 -0.63 5.92 -27.22
N TRP D 74 0.18 4.89 -26.90
CA TRP D 74 -0.11 3.95 -25.80
C TRP D 74 -0.06 4.59 -24.43
N SER D 75 0.81 5.59 -24.28
CA SER D 75 0.90 6.30 -22.99
C SER D 75 -0.29 7.21 -22.76
N LYS D 76 -1.14 7.45 -23.75
CA LYS D 76 -2.35 8.23 -23.58
C LYS D 76 -3.55 7.32 -23.34
N MET D 77 -3.40 6.01 -23.45
CA MET D 77 -4.45 5.10 -23.06
C MET D 77 -4.39 4.83 -21.55
N ALA D 78 -5.55 4.74 -20.92
CA ALA D 78 -5.61 4.52 -19.48
C ALA D 78 -5.32 3.07 -19.14
N GLY D 79 -5.17 2.71 -17.87
CA GLY D 79 -4.87 1.37 -17.44
C GLY D 79 -5.84 0.33 -17.99
N ILE D 80 -7.11 0.61 -17.84
CA ILE D 80 -8.23 -0.18 -18.31
C ILE D 80 -8.27 -0.36 -19.81
N GLU D 81 -7.74 0.58 -20.59
CA GLU D 81 -7.64 0.41 -22.03
C GLU D 81 -6.40 -0.39 -22.39
N ARG D 82 -5.27 -0.24 -21.68
CA ARG D 82 -4.12 -1.09 -21.99
C ARG D 82 -4.38 -2.53 -21.59
N SER D 83 -5.02 -2.75 -20.45
CA SER D 83 -5.39 -4.05 -19.96
C SER D 83 -6.09 -4.91 -21.02
N ARG D 84 -7.13 -4.35 -21.67
CA ARG D 84 -7.98 -5.10 -22.59
C ARG D 84 -7.13 -5.69 -23.71
N VAL D 85 -6.18 -4.91 -24.24
CA VAL D 85 -5.29 -5.35 -25.30
C VAL D 85 -4.31 -6.43 -24.79
N MET D 86 -3.74 -6.19 -23.60
CA MET D 86 -2.85 -7.19 -23.01
C MET D 86 -3.55 -8.51 -22.73
N LEU D 87 -4.80 -8.50 -22.28
CA LEU D 87 -5.56 -9.73 -22.06
C LEU D 87 -5.79 -10.53 -23.35
N GLU D 88 -5.99 -9.83 -24.45
CA GLU D 88 -6.13 -10.46 -25.76
C GLU D 88 -4.79 -11.07 -26.20
N ALA D 89 -3.67 -10.39 -25.91
CA ALA D 89 -2.36 -11.02 -26.21
C ALA D 89 -2.17 -12.33 -25.43
N ALA D 90 -2.54 -12.37 -24.17
CA ALA D 90 -2.45 -13.58 -23.37
C ALA D 90 -3.36 -14.69 -23.91
N ARG D 91 -4.59 -14.34 -24.29
CA ARG D 91 -5.49 -15.30 -24.93
C ARG D 91 -4.85 -15.94 -26.17
N ILE D 92 -4.22 -15.19 -27.05
CA ILE D 92 -3.63 -15.70 -28.26
C ILE D 92 -2.44 -16.62 -28.01
N ILE D 93 -1.61 -16.32 -27.00
CA ILE D 93 -0.51 -17.23 -26.64
C ILE D 93 -1.10 -18.51 -26.07
N ARG D 94 -2.13 -18.43 -25.24
CA ARG D 94 -2.77 -19.59 -24.69
C ARG D 94 -3.22 -20.57 -25.80
N GLU D 95 -3.88 -20.00 -26.82
CA GLU D 95 -4.41 -20.80 -27.92
C GLU D 95 -3.29 -21.45 -28.72
N ARG D 96 -2.14 -20.80 -28.87
CA ARG D 96 -1.04 -21.34 -29.65
C ARG D 96 0.09 -21.92 -28.77
N ARG D 97 -0.24 -22.26 -27.53
CA ARG D 97 0.69 -22.71 -26.52
C ARG D 97 1.59 -23.87 -26.94
N ASP D 98 0.99 -24.98 -27.34
CA ASP D 98 1.74 -26.15 -27.77
C ASP D 98 2.59 -25.87 -29.01
N ASN D 99 2.16 -25.09 -29.98
CA ASN D 99 2.99 -24.86 -31.15
C ASN D 99 4.19 -24.00 -30.81
N ILE D 100 3.95 -22.96 -30.00
CA ILE D 100 5.03 -22.08 -29.57
C ILE D 100 6.04 -22.84 -28.70
N ALA D 101 5.62 -23.68 -27.78
CA ALA D 101 6.49 -24.51 -26.97
C ALA D 101 7.41 -25.40 -27.82
N LYS D 102 6.85 -26.03 -28.85
CA LYS D 102 7.65 -26.88 -29.73
C LYS D 102 8.75 -26.06 -30.38
N LEU D 103 8.36 -24.93 -31.01
CA LEU D 103 9.37 -24.14 -31.69
C LEU D 103 10.47 -23.66 -30.71
N GLU D 104 10.11 -23.41 -29.47
CA GLU D 104 11.02 -22.98 -28.43
C GLU D 104 12.00 -24.09 -28.14
N VAL D 105 11.53 -25.35 -28.05
CA VAL D 105 12.39 -26.49 -27.88
C VAL D 105 13.42 -26.62 -28.99
N ILE D 106 12.97 -26.45 -30.23
CA ILE D 106 13.86 -26.69 -31.37
C ILE D 106 15.04 -25.74 -31.35
N ASN D 107 14.83 -24.46 -31.04
CA ASN D 107 15.97 -23.53 -31.02
C ASN D 107 16.81 -23.62 -29.73
N ASN D 108 16.16 -23.79 -28.59
CA ASN D 108 16.84 -23.69 -27.30
C ASN D 108 17.36 -25.03 -26.77
N GLY D 109 16.67 -26.14 -27.02
CA GLY D 109 17.17 -27.47 -26.66
C GLY D 109 16.52 -28.07 -25.43
N LYS D 110 15.75 -27.30 -24.63
CA LYS D 110 15.17 -27.84 -23.40
C LYS D 110 13.95 -28.73 -23.73
N THR D 111 13.52 -29.56 -22.80
CA THR D 111 12.49 -30.54 -23.07
C THR D 111 11.12 -29.90 -23.25
N ILE D 112 10.20 -30.53 -24.00
CA ILE D 112 8.87 -29.97 -24.15
C ILE D 112 8.21 -30.00 -22.77
N THR D 113 8.49 -31.02 -21.95
CA THR D 113 7.90 -30.99 -20.60
C THR D 113 8.16 -29.65 -19.88
N GLU D 114 9.39 -29.14 -19.94
CA GLU D 114 9.70 -27.86 -19.34
C GLU D 114 9.16 -26.73 -20.21
N ALA D 115 9.24 -26.80 -21.53
CA ALA D 115 8.88 -25.67 -22.36
C ALA D 115 7.43 -25.28 -22.19
N GLU D 116 6.52 -26.22 -22.02
CA GLU D 116 5.12 -25.96 -21.80
C GLU D 116 4.94 -25.09 -20.56
N TYR D 117 5.65 -25.36 -19.46
CA TYR D 117 5.62 -24.50 -18.29
C TYR D 117 6.16 -23.12 -18.62
N ASP D 118 7.19 -22.98 -19.46
CA ASP D 118 7.74 -21.68 -19.80
C ASP D 118 6.67 -20.83 -20.52
N ILE D 119 5.92 -21.50 -21.42
CA ILE D 119 5.02 -20.74 -22.29
C ILE D 119 3.76 -20.36 -21.54
N ASP D 120 3.36 -21.20 -20.59
CA ASP D 120 2.30 -20.88 -19.64
C ASP D 120 2.72 -19.74 -18.73
N ALA D 121 3.93 -19.76 -18.17
CA ALA D 121 4.40 -18.63 -17.39
C ALA D 121 4.33 -17.34 -18.24
N ALA D 122 4.70 -17.40 -19.53
CA ALA D 122 4.72 -16.17 -20.31
C ALA D 122 3.29 -15.57 -20.44
N TRP D 123 2.30 -16.41 -20.75
CA TRP D 123 0.95 -15.80 -20.85
C TRP D 123 0.44 -15.41 -19.46
N GLN D 124 0.69 -16.13 -18.40
CA GLN D 124 0.26 -15.75 -17.06
C GLN D 124 0.89 -14.44 -16.61
N CYS D 125 2.12 -14.14 -17.00
CA CYS D 125 2.77 -12.89 -16.61
C CYS D 125 2.12 -11.72 -17.35
N ILE D 126 1.78 -11.88 -18.61
CA ILE D 126 1.05 -10.86 -19.38
C ILE D 126 -0.36 -10.63 -18.80
N GLU D 127 -1.04 -11.70 -18.45
CA GLU D 127 -2.32 -11.57 -17.80
C GLU D 127 -2.23 -10.95 -16.41
N TYR D 128 -1.16 -11.19 -15.65
CA TYR D 128 -0.99 -10.61 -14.30
C TYR D 128 -0.77 -9.11 -14.37
N TYR D 129 0.03 -8.64 -15.33
CA TYR D 129 0.34 -7.22 -15.45
C TYR D 129 -0.80 -6.43 -16.10
N ALA D 130 -1.55 -7.08 -16.97
CA ALA D 130 -2.82 -6.54 -17.47
C ALA D 130 -3.76 -6.21 -16.31
N GLY D 131 -3.88 -7.16 -15.39
CA GLY D 131 -4.68 -7.01 -14.19
C GLY D 131 -4.21 -5.88 -13.29
N LEU D 132 -2.91 -5.60 -13.26
CA LEU D 132 -2.38 -4.50 -12.45
C LEU D 132 -2.56 -3.14 -13.10
N ALA D 133 -2.58 -3.05 -14.44
CA ALA D 133 -2.67 -1.75 -15.13
C ALA D 133 -3.75 -0.81 -14.67
N PRO D 134 -5.01 -1.16 -14.47
CA PRO D 134 -6.04 -0.28 -13.92
C PRO D 134 -5.97 0.07 -12.43
N THR D 135 -4.99 -0.50 -11.76
CA THR D 135 -4.71 -0.37 -10.31
C THR D 135 -3.62 0.65 -10.11
N LEU D 136 -2.79 0.89 -11.12
CA LEU D 136 -1.68 1.81 -11.07
C LEU D 136 -2.11 3.17 -10.55
N SER D 137 -1.37 3.71 -9.56
CA SER D 137 -1.71 5.05 -9.08
C SER D 137 -0.63 5.70 -8.21
N GLY D 138 -0.76 6.99 -8.01
CA GLY D 138 0.07 7.80 -7.11
C GLY D 138 -0.74 8.03 -5.82
N GLN D 139 -0.40 9.08 -5.08
CA GLN D 139 -1.07 9.44 -3.85
C GLN D 139 -1.77 10.79 -3.91
N HIS D 140 -2.58 11.07 -2.89
CA HIS D 140 -3.11 12.40 -2.61
C HIS D 140 -2.81 12.71 -1.13
N ILE D 141 -2.11 13.79 -0.84
CA ILE D 141 -1.71 14.07 0.53
C ILE D 141 -2.05 15.51 0.96
N GLN D 142 -2.69 15.63 2.13
CA GLN D 142 -3.06 16.99 2.58
C GLN D 142 -1.90 17.67 3.29
N LEU D 143 -1.54 18.89 2.95
CA LEU D 143 -0.35 19.53 3.50
C LEU D 143 -0.76 20.68 4.43
N PRO D 144 0.16 21.18 5.25
CA PRO D 144 -0.09 22.27 6.17
C PRO D 144 -0.59 23.54 5.51
N GLY D 145 -1.67 24.09 6.09
CA GLY D 145 -2.20 25.38 5.66
C GLY D 145 -3.01 25.32 4.38
N GLY D 146 -3.74 24.23 4.18
CA GLY D 146 -4.59 24.08 3.01
C GLY D 146 -3.99 23.66 1.70
N ALA D 147 -2.69 23.67 1.50
CA ALA D 147 -2.08 23.20 0.26
C ALA D 147 -2.29 21.69 0.15
N PHE D 148 -2.10 21.08 -1.01
CA PHE D 148 -2.16 19.61 -1.09
C PHE D 148 -1.22 19.18 -2.20
N ALA D 149 -0.70 17.94 -2.14
CA ALA D 149 0.12 17.44 -3.24
C ALA D 149 -0.47 16.14 -3.79
N TYR D 150 -0.10 15.75 -5.00
CA TYR D 150 -0.55 14.47 -5.56
C TYR D 150 0.64 13.95 -6.36
N THR D 151 0.81 12.62 -6.43
CA THR D 151 1.82 12.12 -7.38
C THR D 151 1.14 11.41 -8.56
N ARG D 152 1.60 11.60 -9.78
CA ARG D 152 1.13 10.86 -10.95
C ARG D 152 2.17 9.74 -11.20
N ARG D 153 1.63 8.54 -11.39
CA ARG D 153 2.50 7.43 -11.78
C ARG D 153 2.62 7.36 -13.31
N GLU D 154 3.75 7.81 -13.87
CA GLU D 154 3.91 7.95 -15.30
C GLU D 154 4.85 6.90 -15.88
N PRO D 155 4.71 6.60 -17.17
CA PRO D 155 5.63 5.76 -17.91
C PRO D 155 7.00 6.38 -18.05
N LEU D 156 7.96 5.59 -18.50
CA LEU D 156 9.33 6.07 -18.70
C LEU D 156 9.52 6.56 -20.12
N GLY D 157 9.16 5.73 -21.10
CA GLY D 157 9.42 6.08 -22.51
C GLY D 157 9.71 4.83 -23.31
N VAL D 158 10.81 4.80 -24.05
CA VAL D 158 11.21 3.60 -24.78
C VAL D 158 12.13 2.75 -23.90
N CYS D 159 11.74 1.58 -23.50
CA CYS D 159 12.55 0.71 -22.67
C CYS D 159 13.25 -0.33 -23.52
N ALA D 160 14.53 -0.59 -23.29
CA ALA D 160 15.26 -1.60 -24.02
C ALA D 160 15.51 -2.83 -23.16
N GLY D 161 15.26 -4.04 -23.69
CA GLY D 161 15.56 -5.26 -22.94
C GLY D 161 16.63 -6.03 -23.70
N ILE D 162 17.66 -6.48 -22.98
CA ILE D 162 18.70 -7.33 -23.55
C ILE D 162 18.64 -8.71 -22.87
N LEU D 163 18.28 -9.74 -23.64
CA LEU D 163 17.81 -11.01 -23.10
C LEU D 163 18.87 -12.11 -23.18
N ALA D 164 18.59 -13.20 -22.46
CA ALA D 164 19.44 -14.36 -22.44
C ALA D 164 18.81 -15.49 -23.24
N TRP D 165 19.58 -16.59 -23.41
CA TRP D 165 19.14 -17.65 -24.32
C TRP D 165 18.54 -18.83 -23.59
N ASN D 166 18.56 -18.77 -22.26
CA ASN D 166 18.07 -19.99 -21.54
C ASN D 166 16.56 -20.09 -21.47
N TYR D 167 15.80 -18.99 -21.48
CA TYR D 167 14.33 -18.96 -21.39
C TYR D 167 13.80 -17.89 -22.36
N PRO D 168 14.08 -18.05 -23.65
CA PRO D 168 13.88 -17.04 -24.64
C PRO D 168 12.50 -16.40 -24.68
N PHE D 169 11.45 -17.20 -24.80
CA PHE D 169 10.12 -16.60 -24.97
C PHE D 169 9.65 -16.02 -23.63
N MET D 170 9.85 -16.80 -22.57
CA MET D 170 9.44 -16.39 -21.24
C MET D 170 10.10 -15.09 -20.79
N ILE D 171 11.40 -14.94 -20.93
CA ILE D 171 12.10 -13.74 -20.52
C ILE D 171 11.70 -12.56 -21.41
N ALA D 172 11.43 -12.71 -22.71
CA ALA D 172 10.92 -11.57 -23.50
C ALA D 172 9.57 -11.04 -22.93
N ALA D 173 8.70 -11.94 -22.52
CA ALA D 173 7.44 -11.68 -21.88
C ALA D 173 7.60 -11.05 -20.50
N TRP D 174 8.44 -11.62 -19.66
CA TRP D 174 8.74 -10.99 -18.38
C TRP D 174 9.23 -9.55 -18.48
N LYS D 175 9.88 -9.10 -19.52
CA LYS D 175 10.22 -7.69 -19.64
C LYS D 175 9.18 -6.88 -20.41
N CYS D 176 8.49 -7.49 -21.38
CA CYS D 176 7.41 -6.76 -22.08
C CYS D 176 6.21 -6.48 -21.18
N ALA D 177 5.80 -7.40 -20.31
CA ALA D 177 4.55 -7.30 -19.59
C ALA D 177 4.46 -6.13 -18.65
N PRO D 178 5.35 -5.96 -17.67
CA PRO D 178 5.40 -4.81 -16.80
C PRO D 178 5.68 -3.53 -17.55
N ALA D 179 6.49 -3.53 -18.62
CA ALA D 179 6.74 -2.30 -19.36
C ALA D 179 5.49 -1.78 -20.04
N LEU D 180 4.78 -2.69 -20.70
CA LEU D 180 3.54 -2.36 -21.40
C LEU D 180 2.39 -1.97 -20.46
N ALA D 181 2.18 -2.71 -19.39
CA ALA D 181 1.19 -2.33 -18.39
C ALA D 181 1.39 -0.89 -17.89
N CYS D 182 2.64 -0.49 -17.62
CA CYS D 182 2.97 0.85 -17.16
C CYS D 182 2.97 1.92 -18.23
N GLY D 183 2.68 1.61 -19.51
CA GLY D 183 2.49 2.59 -20.55
C GLY D 183 3.70 2.84 -21.44
N ASN D 184 4.77 2.03 -21.31
CA ASN D 184 5.96 2.23 -22.13
C ASN D 184 5.85 1.54 -23.49
N ALA D 185 6.80 1.85 -24.38
CA ALA D 185 7.05 1.13 -25.62
C ALA D 185 8.32 0.30 -25.44
N VAL D 186 8.55 -0.75 -26.23
CA VAL D 186 9.68 -1.64 -25.96
C VAL D 186 10.45 -2.03 -27.21
N VAL D 187 11.79 -2.05 -27.13
CA VAL D 187 12.69 -2.56 -28.13
C VAL D 187 13.52 -3.65 -27.42
N PHE D 188 13.46 -4.91 -27.83
CA PHE D 188 14.27 -5.93 -27.15
C PHE D 188 15.16 -6.64 -28.19
N LYS D 189 16.23 -7.25 -27.70
CA LYS D 189 17.27 -7.92 -28.43
C LYS D 189 17.50 -9.32 -27.91
N PRO D 190 16.99 -10.34 -28.58
CA PRO D 190 17.17 -11.72 -28.14
C PRO D 190 18.67 -12.01 -28.08
N SER D 191 19.06 -13.04 -27.33
CA SER D 191 20.36 -13.63 -27.57
C SER D 191 20.44 -14.03 -29.04
N PRO D 192 21.59 -13.84 -29.67
CA PRO D 192 21.82 -14.20 -31.07
C PRO D 192 21.82 -15.69 -31.31
N MET D 193 21.89 -16.51 -30.28
CA MET D 193 21.74 -17.95 -30.36
C MET D 193 20.28 -18.39 -30.40
N THR D 194 19.37 -17.56 -29.88
CA THR D 194 17.94 -17.86 -29.82
C THR D 194 17.05 -16.69 -30.30
N PRO D 195 17.12 -16.35 -31.58
CA PRO D 195 16.48 -15.16 -32.10
C PRO D 195 15.03 -15.38 -32.55
N VAL D 196 14.57 -16.63 -32.66
CA VAL D 196 13.31 -16.77 -33.43
C VAL D 196 12.01 -16.68 -32.65
N THR D 197 11.81 -17.17 -31.45
CA THR D 197 10.49 -17.10 -30.83
C THR D 197 10.14 -15.69 -30.35
N GLY D 198 11.15 -14.89 -30.08
CA GLY D 198 10.93 -13.50 -29.66
C GLY D 198 10.09 -12.70 -30.66
N VAL D 199 10.30 -12.87 -31.97
CA VAL D 199 9.48 -12.08 -32.91
C VAL D 199 8.07 -12.61 -33.00
N ILE D 200 7.74 -13.82 -32.62
CA ILE D 200 6.36 -14.28 -32.47
C ILE D 200 5.64 -13.50 -31.37
N LEU D 201 6.28 -13.33 -30.19
CA LEU D 201 5.64 -12.51 -29.14
C LEU D 201 5.29 -11.13 -29.71
N ALA D 202 6.26 -10.49 -30.39
CA ALA D 202 6.04 -9.15 -30.88
C ALA D 202 4.94 -9.08 -31.94
N GLU D 203 4.84 -10.09 -32.80
CA GLU D 203 3.66 -10.18 -33.69
C GLU D 203 2.34 -10.38 -32.95
N ILE D 204 2.30 -11.22 -31.91
CA ILE D 204 1.07 -11.42 -31.15
C ILE D 204 0.61 -10.16 -30.46
N PHE D 205 1.49 -9.30 -29.94
CA PHE D 205 0.99 -8.02 -29.35
C PHE D 205 0.27 -7.17 -30.41
N HIS D 206 0.83 -7.15 -31.63
CA HIS D 206 0.24 -6.41 -32.75
C HIS D 206 -1.11 -6.99 -33.17
N GLU D 207 -1.20 -8.32 -33.17
CA GLU D 207 -2.48 -8.96 -33.43
C GLU D 207 -3.52 -8.56 -32.37
N ALA D 208 -3.09 -8.44 -31.13
CA ALA D 208 -3.93 -8.11 -30.00
C ALA D 208 -4.37 -6.66 -30.08
N GLY D 209 -3.73 -5.77 -30.83
CA GLY D 209 -4.22 -4.42 -31.01
C GLY D 209 -3.34 -3.31 -30.49
N VAL D 210 -2.08 -3.59 -30.22
CA VAL D 210 -1.13 -2.56 -29.71
C VAL D 210 -0.90 -1.56 -30.85
N PRO D 211 -0.77 -0.28 -30.53
CA PRO D 211 -0.39 0.74 -31.49
C PRO D 211 0.84 0.30 -32.26
N VAL D 212 0.76 0.35 -33.58
CA VAL D 212 1.83 -0.10 -34.47
C VAL D 212 3.19 0.41 -34.06
N GLY D 213 4.10 -0.57 -33.91
CA GLY D 213 5.48 -0.29 -33.52
C GLY D 213 5.71 -0.28 -32.01
N LEU D 214 4.76 -0.68 -31.17
CA LEU D 214 4.93 -0.64 -29.73
C LEU D 214 6.02 -1.60 -29.25
N VAL D 215 6.05 -2.82 -29.80
CA VAL D 215 7.03 -3.85 -29.41
C VAL D 215 7.89 -4.15 -30.63
N ASN D 216 9.18 -3.90 -30.57
CA ASN D 216 10.15 -4.09 -31.62
C ASN D 216 11.27 -5.07 -31.29
N VAL D 217 11.84 -5.70 -32.33
CA VAL D 217 12.90 -6.70 -32.10
C VAL D 217 14.12 -6.38 -32.94
N VAL D 218 15.29 -6.23 -32.33
CA VAL D 218 16.52 -6.05 -33.08
C VAL D 218 17.44 -7.20 -32.67
N GLN D 219 17.98 -7.89 -33.68
CA GLN D 219 18.84 -9.02 -33.41
C GLN D 219 20.31 -8.55 -33.41
N GLY D 220 21.20 -9.31 -32.79
CA GLY D 220 22.64 -9.02 -32.89
C GLY D 220 23.31 -9.41 -31.57
N GLY D 221 24.60 -9.10 -31.46
CA GLY D 221 25.42 -9.47 -30.31
C GLY D 221 25.78 -8.26 -29.47
N ALA D 222 27.02 -8.23 -28.97
CA ALA D 222 27.47 -7.17 -28.07
C ALA D 222 27.36 -5.77 -28.66
N GLU D 223 27.79 -5.58 -29.90
CA GLU D 223 27.67 -4.30 -30.57
C GLU D 223 26.24 -3.79 -30.73
N THR D 224 25.29 -4.68 -31.03
CA THR D 224 23.89 -4.29 -31.13
C THR D 224 23.38 -3.91 -29.73
N GLY D 225 23.78 -4.66 -28.72
CA GLY D 225 23.47 -4.38 -27.33
C GLY D 225 24.02 -3.05 -26.82
N SER D 226 25.21 -2.70 -27.29
CA SER D 226 25.85 -1.45 -26.93
C SER D 226 25.12 -0.27 -27.53
N LEU D 227 24.71 -0.41 -28.79
CA LEU D 227 23.95 0.67 -29.41
C LEU D 227 22.67 1.04 -28.67
N LEU D 228 21.96 0.07 -28.12
CA LEU D 228 20.80 0.30 -27.28
C LEU D 228 21.17 1.03 -26.00
N CYS D 229 22.26 0.59 -25.35
CA CYS D 229 22.71 1.22 -24.13
C CYS D 229 23.09 2.68 -24.31
N HIS D 230 23.59 3.03 -25.49
CA HIS D 230 24.11 4.34 -25.80
C HIS D 230 23.03 5.21 -26.45
N HIS D 231 21.94 4.62 -26.91
CA HIS D 231 20.98 5.43 -27.67
C HIS D 231 20.41 6.54 -26.79
N PRO D 232 20.44 7.78 -27.27
CA PRO D 232 19.96 8.94 -26.55
C PRO D 232 18.48 9.01 -26.31
N ASN D 233 17.64 8.28 -27.05
CA ASN D 233 16.20 8.34 -26.85
C ASN D 233 15.65 7.05 -26.24
N VAL D 234 16.50 6.23 -25.64
CA VAL D 234 16.05 5.10 -24.83
C VAL D 234 16.04 5.56 -23.37
N ALA D 235 14.94 5.41 -22.63
CA ALA D 235 14.93 5.86 -21.24
C ALA D 235 15.50 4.84 -20.25
N LYS D 236 15.44 3.55 -20.56
CA LYS D 236 15.77 2.54 -19.55
C LYS D 236 16.31 1.30 -20.25
N VAL D 237 17.27 0.62 -19.61
CA VAL D 237 17.73 -0.66 -20.12
C VAL D 237 17.46 -1.73 -19.06
N SER D 238 16.93 -2.88 -19.45
CA SER D 238 16.86 -4.00 -18.51
C SER D 238 17.67 -5.16 -19.05
N PHE D 239 18.67 -5.63 -18.30
CA PHE D 239 19.60 -6.65 -18.83
C PHE D 239 19.51 -7.98 -18.09
N THR D 240 19.62 -9.10 -18.78
CA THR D 240 19.76 -10.41 -18.14
C THR D 240 21.00 -11.06 -18.78
N GLY D 241 21.86 -11.66 -17.95
CA GLY D 241 23.12 -12.21 -18.38
C GLY D 241 24.17 -12.30 -17.28
N SER D 242 25.43 -12.32 -17.70
CA SER D 242 26.57 -12.47 -16.81
C SER D 242 26.97 -11.18 -16.08
N VAL D 243 27.79 -11.36 -15.04
CA VAL D 243 28.28 -10.29 -14.19
C VAL D 243 29.13 -9.31 -14.97
N PRO D 244 30.13 -9.82 -15.67
CA PRO D 244 31.02 -8.97 -16.43
C PRO D 244 30.28 -8.16 -17.49
N THR D 245 29.30 -8.74 -18.16
CA THR D 245 28.58 -7.97 -19.18
C THR D 245 27.61 -7.00 -18.54
N GLY D 246 26.98 -7.37 -17.43
CA GLY D 246 26.14 -6.48 -16.66
C GLY D 246 26.86 -5.23 -16.21
N LYS D 247 28.10 -5.36 -15.76
CA LYS D 247 28.92 -4.24 -15.33
C LYS D 247 29.13 -3.27 -16.47
N LYS D 248 29.44 -3.79 -17.66
CA LYS D 248 29.63 -2.95 -18.82
C LYS D 248 28.36 -2.18 -19.25
N VAL D 249 27.23 -2.88 -19.22
CA VAL D 249 25.93 -2.28 -19.46
C VAL D 249 25.67 -1.09 -18.52
N MET D 250 25.91 -1.27 -17.22
CA MET D 250 25.74 -0.17 -16.29
C MET D 250 26.59 1.07 -16.65
N GLU D 251 27.86 0.84 -16.92
CA GLU D 251 28.82 1.82 -17.36
C GLU D 251 28.40 2.52 -18.65
N MET D 252 28.00 1.78 -19.67
CA MET D 252 27.56 2.42 -20.92
C MET D 252 26.29 3.24 -20.70
N SER D 253 25.43 2.74 -19.81
CA SER D 253 24.20 3.42 -19.45
C SER D 253 24.36 4.71 -18.67
N ALA D 254 25.49 4.88 -18.02
CA ALA D 254 25.80 6.07 -17.23
C ALA D 254 25.94 7.31 -18.11
N LYS D 255 26.35 7.18 -19.37
CA LYS D 255 26.55 8.30 -20.27
C LYS D 255 25.31 9.13 -20.55
N THR D 256 24.13 8.53 -20.51
CA THR D 256 22.87 9.25 -20.62
C THR D 256 22.02 9.15 -19.37
N VAL D 257 22.63 8.78 -18.22
CA VAL D 257 21.91 8.69 -16.95
C VAL D 257 20.66 7.83 -17.05
N LYS D 258 20.68 6.71 -17.76
CA LYS D 258 19.56 5.81 -17.96
C LYS D 258 19.15 5.07 -16.69
N HIS D 259 17.88 4.72 -16.58
CA HIS D 259 17.41 3.73 -15.63
C HIS D 259 17.96 2.37 -16.00
N VAL D 260 18.48 1.59 -15.05
CA VAL D 260 19.06 0.28 -15.29
C VAL D 260 18.57 -0.76 -14.31
N THR D 261 18.21 -1.96 -14.75
CA THR D 261 17.99 -3.07 -13.84
C THR D 261 18.83 -4.24 -14.36
N LEU D 262 19.44 -5.01 -13.46
CA LEU D 262 20.40 -6.05 -13.82
C LEU D 262 20.02 -7.35 -13.09
N GLU D 263 19.91 -8.42 -13.88
CA GLU D 263 19.61 -9.75 -13.33
C GLU D 263 20.80 -10.61 -13.77
N LEU D 264 21.74 -10.80 -12.84
CA LEU D 264 23.02 -11.44 -13.20
C LEU D 264 23.05 -12.89 -12.73
N GLY D 265 24.15 -13.60 -12.73
CA GLY D 265 23.98 -15.05 -12.46
C GLY D 265 23.99 -15.29 -10.94
N GLY D 266 24.53 -16.45 -10.55
CA GLY D 266 24.65 -16.76 -9.14
C GLY D 266 25.51 -18.00 -8.93
N LYS D 267 25.65 -18.31 -7.64
CA LYS D 267 26.28 -19.51 -7.13
C LYS D 267 25.49 -19.88 -5.87
N SER D 268 24.18 -20.01 -6.06
CA SER D 268 23.27 -20.15 -4.93
C SER D 268 23.51 -21.40 -4.09
N PRO D 269 23.36 -21.24 -2.78
CA PRO D 269 23.55 -22.33 -1.83
C PRO D 269 22.26 -22.98 -1.34
N LEU D 270 22.26 -24.32 -1.21
CA LEU D 270 21.10 -25.08 -0.74
C LEU D 270 21.51 -25.79 0.53
N LEU D 271 20.84 -25.57 1.65
CA LEU D 271 21.26 -26.08 2.92
C LEU D 271 20.32 -27.18 3.39
N ILE D 272 20.87 -28.37 3.53
CA ILE D 272 20.08 -29.55 3.92
C ILE D 272 20.46 -29.98 5.33
N PHE D 273 19.59 -29.83 6.30
CA PHE D 273 19.85 -30.24 7.65
C PHE D 273 19.41 -31.67 7.93
N LYS D 274 19.97 -32.21 9.02
CA LYS D 274 19.79 -33.64 9.29
C LYS D 274 18.38 -33.98 9.73
N ASP D 275 17.58 -33.00 10.18
CA ASP D 275 16.18 -33.28 10.46
C ASP D 275 15.28 -33.12 9.24
N CYS D 276 15.74 -32.93 8.01
CA CYS D 276 14.87 -32.81 6.84
C CYS D 276 14.09 -34.10 6.53
N GLU D 277 13.11 -34.06 5.62
CA GLU D 277 12.57 -35.27 4.99
C GLU D 277 13.43 -35.57 3.77
N LEU D 278 14.25 -36.63 3.87
CA LEU D 278 15.30 -36.87 2.87
C LEU D 278 14.82 -36.91 1.43
N GLU D 279 13.74 -37.61 1.11
CA GLU D 279 13.24 -37.68 -0.27
C GLU D 279 12.89 -36.31 -0.80
N ASN D 280 12.30 -35.44 0.04
CA ASN D 280 11.99 -34.07 -0.42
C ASN D 280 13.24 -33.26 -0.67
N ALA D 281 14.24 -33.41 0.20
CA ALA D 281 15.55 -32.80 -0.04
C ALA D 281 16.24 -33.37 -1.27
N VAL D 282 16.13 -34.66 -1.60
CA VAL D 282 16.72 -35.17 -2.85
C VAL D 282 16.05 -34.53 -4.05
N ARG D 283 14.73 -34.51 -4.07
CA ARG D 283 13.95 -33.80 -5.11
C ARG D 283 14.38 -32.34 -5.22
N GLY D 284 14.48 -31.66 -4.05
CA GLY D 284 14.98 -30.28 -4.04
C GLY D 284 16.31 -30.11 -4.75
N ALA D 285 17.32 -30.92 -4.34
CA ALA D 285 18.64 -30.77 -4.95
C ALA D 285 18.63 -31.04 -6.44
N LEU D 286 17.86 -32.04 -6.89
CA LEU D 286 17.73 -32.37 -8.31
C LEU D 286 17.07 -31.23 -9.08
N MET D 287 15.97 -30.70 -8.56
CA MET D 287 15.29 -29.56 -9.18
C MET D 287 16.10 -28.29 -9.06
N ALA D 288 17.03 -28.20 -8.08
CA ALA D 288 17.92 -27.04 -8.01
C ALA D 288 19.09 -27.12 -8.98
N ASN D 289 19.36 -28.27 -9.62
CA ASN D 289 20.55 -28.32 -10.48
C ASN D 289 20.38 -28.62 -11.95
N PHE D 290 19.34 -29.40 -12.29
CA PHE D 290 19.24 -30.02 -13.61
C PHE D 290 18.06 -29.63 -14.48
N LEU D 291 17.32 -28.55 -14.21
CA LEU D 291 16.34 -28.08 -15.20
C LEU D 291 17.02 -27.36 -16.34
N THR D 292 16.44 -27.43 -17.55
CA THR D 292 17.08 -26.73 -18.68
C THR D 292 18.58 -26.95 -18.78
N GLN D 293 19.02 -28.23 -18.73
CA GLN D 293 20.38 -28.70 -18.89
C GLN D 293 21.35 -28.05 -17.89
N GLY D 294 20.91 -27.68 -16.69
CA GLY D 294 21.72 -26.95 -15.73
C GLY D 294 21.94 -25.47 -16.12
N GLN D 295 21.21 -24.92 -17.12
CA GLN D 295 21.50 -23.58 -17.60
C GLN D 295 20.46 -22.61 -17.02
N VAL D 296 20.44 -22.45 -15.71
CA VAL D 296 19.47 -21.69 -14.94
C VAL D 296 20.15 -20.83 -13.87
N CYS D 297 19.84 -19.54 -13.86
CA CYS D 297 20.48 -18.54 -13.04
C CYS D 297 20.33 -18.78 -11.56
N THR D 298 19.19 -19.20 -11.04
CA THR D 298 19.05 -19.46 -9.61
C THR D 298 19.51 -20.80 -9.06
N ASN D 299 20.06 -21.67 -9.91
CA ASN D 299 20.32 -23.05 -9.47
C ASN D 299 21.11 -23.10 -8.17
N GLY D 300 20.71 -23.95 -7.22
CA GLY D 300 21.49 -24.21 -6.02
C GLY D 300 22.63 -25.20 -6.32
N THR D 301 23.72 -24.65 -6.82
CA THR D 301 24.83 -25.40 -7.35
C THR D 301 25.90 -25.71 -6.30
N ARG D 302 25.67 -25.23 -5.08
CA ARG D 302 26.48 -25.55 -3.94
C ARG D 302 25.54 -26.19 -2.92
N VAL D 303 25.56 -27.51 -2.90
CA VAL D 303 24.66 -28.24 -1.99
C VAL D 303 25.41 -28.61 -0.69
N PHE D 304 25.00 -27.99 0.40
CA PHE D 304 25.57 -28.20 1.70
C PHE D 304 24.76 -29.22 2.48
N VAL D 305 25.35 -30.35 2.86
CA VAL D 305 24.56 -31.44 3.43
C VAL D 305 25.10 -31.79 4.80
N GLN D 306 24.31 -31.81 5.85
CA GLN D 306 24.82 -31.99 7.19
C GLN D 306 25.48 -33.38 7.29
N ARG D 307 26.66 -33.42 7.92
CA ARG D 307 27.54 -34.59 7.86
C ARG D 307 26.89 -35.93 8.10
N GLU D 308 26.03 -36.06 9.10
CA GLU D 308 25.36 -37.30 9.42
C GLU D 308 24.53 -37.94 8.31
N ILE D 309 23.90 -37.17 7.42
CA ILE D 309 23.00 -37.74 6.44
C ILE D 309 23.61 -37.70 5.05
N MET D 310 24.85 -37.23 4.95
CA MET D 310 25.56 -37.15 3.69
C MET D 310 25.62 -38.45 2.88
N PRO D 311 25.96 -39.57 3.51
CA PRO D 311 26.04 -40.85 2.83
C PRO D 311 24.72 -41.23 2.18
N GLN D 312 23.62 -41.21 2.95
CA GLN D 312 22.34 -41.56 2.34
C GLN D 312 21.86 -40.52 1.33
N PHE D 313 22.15 -39.23 1.52
CA PHE D 313 21.80 -38.21 0.53
C PHE D 313 22.47 -38.54 -0.81
N LEU D 314 23.77 -38.73 -0.78
CA LEU D 314 24.60 -39.01 -1.94
C LEU D 314 24.20 -40.27 -2.70
N GLU D 315 23.86 -41.33 -1.95
CA GLU D 315 23.45 -42.59 -2.54
C GLU D 315 22.24 -42.38 -3.45
N GLU D 316 21.19 -41.78 -2.88
CA GLU D 316 19.97 -41.51 -3.66
C GLU D 316 20.18 -40.44 -4.72
N VAL D 317 20.99 -39.42 -4.46
CA VAL D 317 21.11 -38.35 -5.44
C VAL D 317 21.88 -38.78 -6.68
N VAL D 318 22.88 -39.66 -6.48
CA VAL D 318 23.64 -40.17 -7.62
C VAL D 318 22.80 -41.08 -8.50
N LYS D 319 22.00 -41.95 -7.90
CA LYS D 319 21.18 -42.91 -8.64
C LYS D 319 20.12 -42.18 -9.47
N ARG D 320 19.49 -41.19 -8.82
CA ARG D 320 18.53 -40.32 -9.52
C ARG D 320 19.16 -39.52 -10.63
N THR D 321 20.36 -38.97 -10.53
CA THR D 321 21.01 -38.25 -11.63
C THR D 321 21.38 -39.14 -12.79
N LYS D 322 21.91 -40.32 -12.51
CA LYS D 322 22.17 -41.33 -13.55
C LYS D 322 20.92 -41.80 -14.29
N ALA D 323 19.79 -41.85 -13.61
CA ALA D 323 18.53 -42.23 -14.24
C ALA D 323 17.95 -41.16 -15.14
N ILE D 324 18.39 -39.91 -15.13
CA ILE D 324 17.83 -38.86 -16.01
C ILE D 324 17.94 -39.23 -17.47
N VAL D 325 16.83 -39.28 -18.21
CA VAL D 325 16.86 -39.61 -19.64
C VAL D 325 17.30 -38.43 -20.48
N VAL D 326 18.41 -38.55 -21.20
CA VAL D 326 19.01 -37.56 -22.03
C VAL D 326 18.86 -37.95 -23.50
N GLY D 327 18.26 -37.09 -24.30
CA GLY D 327 17.92 -37.44 -25.67
C GLY D 327 17.09 -36.39 -26.39
N ASP D 328 16.13 -36.81 -27.18
CA ASP D 328 15.31 -35.93 -27.99
C ASP D 328 14.37 -35.18 -27.04
N PRO D 329 14.54 -33.87 -26.96
CA PRO D 329 13.70 -33.01 -26.12
C PRO D 329 12.23 -33.03 -26.47
N LEU D 330 11.88 -33.34 -27.72
CA LEU D 330 10.49 -33.40 -28.17
C LEU D 330 9.79 -34.68 -27.74
N LEU D 331 10.43 -35.63 -27.06
CA LEU D 331 9.72 -36.75 -26.46
C LEU D 331 9.30 -36.38 -25.04
N THR D 332 8.10 -36.77 -24.62
CA THR D 332 7.58 -36.44 -23.31
C THR D 332 8.32 -37.08 -22.14
N GLU D 333 9.05 -38.17 -22.37
CA GLU D 333 9.79 -38.81 -21.29
C GLU D 333 11.24 -38.37 -21.24
N THR D 334 11.74 -37.61 -22.18
CA THR D 334 13.11 -37.08 -22.07
C THR D 334 13.15 -36.06 -20.91
N ARG D 335 14.26 -35.98 -20.20
CA ARG D 335 14.38 -35.09 -19.05
C ARG D 335 15.58 -34.15 -19.16
N MET D 336 16.40 -34.32 -20.20
CA MET D 336 17.50 -33.43 -20.48
C MET D 336 17.80 -33.47 -21.97
N GLY D 337 18.02 -32.30 -22.56
CA GLY D 337 18.33 -32.21 -23.98
C GLY D 337 19.78 -31.82 -24.20
N GLY D 338 20.15 -31.25 -25.32
CA GLY D 338 21.49 -30.78 -25.55
C GLY D 338 21.71 -29.37 -24.96
N LEU D 339 22.96 -29.03 -24.62
CA LEU D 339 23.22 -27.70 -24.09
C LEU D 339 23.16 -26.77 -25.30
N ILE D 340 23.23 -25.46 -25.07
CA ILE D 340 22.83 -24.49 -26.11
C ILE D 340 23.72 -24.42 -27.31
N SER D 341 25.02 -24.59 -27.20
CA SER D 341 26.02 -24.45 -28.21
C SER D 341 27.23 -25.36 -27.91
N LYS D 342 28.11 -25.51 -28.87
CA LYS D 342 29.31 -26.31 -28.74
C LYS D 342 30.32 -25.68 -27.79
N PRO D 343 30.55 -24.37 -27.93
CA PRO D 343 31.45 -23.66 -27.03
C PRO D 343 30.95 -23.72 -25.59
N GLN D 344 29.65 -23.68 -25.38
CA GLN D 344 29.12 -23.80 -24.03
C GLN D 344 29.40 -25.22 -23.52
N LEU D 345 29.07 -26.22 -24.32
CA LEU D 345 29.32 -27.60 -23.89
C LEU D 345 30.79 -27.81 -23.54
N ASP D 346 31.70 -27.31 -24.37
CA ASP D 346 33.13 -27.41 -24.11
C ASP D 346 33.58 -26.69 -22.85
N LYS D 347 32.99 -25.51 -22.58
CA LYS D 347 33.38 -24.79 -21.37
C LYS D 347 32.87 -25.56 -20.17
N VAL D 348 31.65 -26.08 -20.24
CA VAL D 348 31.12 -26.88 -19.14
C VAL D 348 31.98 -28.12 -18.85
N LEU D 349 32.35 -28.84 -19.90
CA LEU D 349 33.25 -29.99 -19.81
C LEU D 349 34.63 -29.60 -19.30
N GLY D 350 35.15 -28.48 -19.76
CA GLY D 350 36.35 -27.87 -19.16
C GLY D 350 36.28 -27.68 -17.64
N PHE D 351 35.20 -27.15 -17.09
CA PHE D 351 35.04 -27.03 -15.66
C PHE D 351 35.12 -28.39 -14.93
N VAL D 352 34.41 -29.41 -15.38
CA VAL D 352 34.55 -30.72 -14.77
C VAL D 352 35.98 -31.27 -14.85
N ALA D 353 36.66 -31.15 -15.98
CA ALA D 353 38.05 -31.61 -16.09
C ALA D 353 38.95 -30.86 -15.10
N GLN D 354 38.75 -29.56 -14.99
CA GLN D 354 39.51 -28.73 -14.06
C GLN D 354 39.21 -29.12 -12.62
N ALA D 355 37.94 -29.41 -12.31
CA ALA D 355 37.59 -29.82 -10.96
C ALA D 355 38.34 -31.10 -10.56
N LYS D 356 38.45 -32.07 -11.48
CA LYS D 356 39.15 -33.30 -11.09
C LYS D 356 40.65 -33.02 -10.88
N LYS D 357 41.25 -32.11 -11.64
CA LYS D 357 42.61 -31.67 -11.40
C LYS D 357 42.81 -31.00 -10.05
N GLU D 358 41.82 -30.26 -9.54
CA GLU D 358 41.95 -29.60 -8.25
C GLU D 358 41.65 -30.54 -7.09
N GLY D 359 41.13 -31.74 -7.36
CA GLY D 359 40.94 -32.72 -6.32
C GLY D 359 39.52 -33.24 -6.21
N ALA D 360 38.64 -32.73 -7.04
CA ALA D 360 37.22 -33.09 -6.91
C ALA D 360 36.97 -34.51 -7.38
N ARG D 361 35.98 -35.13 -6.76
CA ARG D 361 35.56 -36.46 -7.08
C ARG D 361 34.30 -36.53 -7.94
N VAL D 362 34.45 -37.05 -9.15
CA VAL D 362 33.30 -37.22 -10.02
C VAL D 362 32.46 -38.44 -9.68
N LEU D 363 31.28 -38.26 -9.08
CA LEU D 363 30.45 -39.39 -8.67
C LEU D 363 29.57 -39.92 -9.80
N CYS D 364 29.36 -39.12 -10.83
CA CYS D 364 28.68 -39.51 -12.05
C CYS D 364 28.77 -38.40 -13.09
N GLY D 365 28.59 -38.78 -14.34
CA GLY D 365 28.48 -37.90 -15.47
C GLY D 365 29.71 -37.03 -15.60
N GLY D 366 29.52 -35.89 -16.28
CA GLY D 366 30.62 -34.97 -16.48
C GLY D 366 31.39 -35.27 -17.75
N GLU D 367 30.77 -36.02 -18.66
CA GLU D 367 31.43 -36.40 -19.89
C GLU D 367 30.56 -36.21 -21.13
N PRO D 368 31.20 -36.08 -22.29
CA PRO D 368 30.48 -36.02 -23.56
C PRO D 368 29.61 -37.26 -23.70
N LEU D 369 28.50 -37.14 -24.42
CA LEU D 369 27.53 -38.22 -24.54
C LEU D 369 26.93 -38.27 -25.93
N THR D 370 26.80 -39.46 -26.52
CA THR D 370 26.19 -39.63 -27.82
C THR D 370 25.02 -40.60 -27.69
N PRO D 371 23.82 -40.03 -27.77
CA PRO D 371 22.59 -40.80 -27.59
C PRO D 371 22.49 -41.90 -28.64
N SER D 372 21.68 -42.92 -28.37
CA SER D 372 21.49 -43.98 -29.34
C SER D 372 20.93 -43.51 -30.68
N ASP D 373 19.89 -42.70 -30.62
CA ASP D 373 19.21 -42.20 -31.81
C ASP D 373 20.19 -41.47 -32.70
N PRO D 374 20.39 -41.97 -33.92
CA PRO D 374 21.30 -41.42 -34.89
C PRO D 374 21.11 -40.00 -35.32
N LYS D 375 19.91 -39.40 -35.28
CA LYS D 375 19.76 -38.02 -35.74
C LYS D 375 20.24 -37.02 -34.69
N LEU D 376 20.58 -37.52 -33.50
CA LEU D 376 21.08 -36.78 -32.38
C LEU D 376 22.59 -36.83 -32.20
N LYS D 377 23.28 -37.53 -33.10
CA LYS D 377 24.72 -37.72 -32.99
C LYS D 377 25.58 -36.48 -32.87
N ASN D 378 25.23 -35.39 -33.55
CA ASN D 378 26.03 -34.17 -33.52
C ASN D 378 25.44 -33.14 -32.55
N GLY D 379 24.49 -33.54 -31.72
CA GLY D 379 23.89 -32.65 -30.74
C GLY D 379 24.89 -32.34 -29.61
N TYR D 380 24.60 -31.30 -28.82
CA TYR D 380 25.54 -30.86 -27.80
C TYR D 380 25.28 -31.53 -26.46
N PHE D 381 25.44 -32.85 -26.36
CA PHE D 381 25.02 -33.62 -25.21
C PHE D 381 26.15 -33.96 -24.24
N MET D 382 25.82 -34.09 -22.97
CA MET D 382 26.71 -34.50 -21.90
C MET D 382 25.87 -35.24 -20.85
N SER D 383 26.48 -36.02 -19.97
CA SER D 383 25.77 -36.64 -18.87
C SER D 383 25.77 -35.70 -17.67
N PRO D 384 24.62 -35.56 -17.02
CA PRO D 384 24.47 -34.71 -15.85
C PRO D 384 25.48 -35.15 -14.80
N CYS D 385 26.06 -34.22 -14.04
CA CYS D 385 27.22 -34.51 -13.20
C CYS D 385 27.06 -34.14 -11.73
N VAL D 386 27.48 -35.02 -10.85
CA VAL D 386 27.49 -34.80 -9.41
C VAL D 386 28.98 -34.87 -8.97
N LEU D 387 29.40 -33.84 -8.26
CA LEU D 387 30.76 -33.73 -7.74
C LEU D 387 30.76 -33.79 -6.20
N ASP D 388 31.77 -34.49 -5.70
CA ASP D 388 32.06 -34.77 -4.34
C ASP D 388 33.45 -34.28 -3.89
N ASN D 389 33.71 -34.32 -2.58
CA ASN D 389 35.06 -34.02 -2.13
C ASN D 389 35.50 -32.61 -2.51
N CYS D 390 34.56 -31.68 -2.39
CA CYS D 390 34.71 -30.34 -2.92
C CYS D 390 35.15 -29.39 -1.81
N ARG D 391 35.78 -28.30 -2.15
CA ARG D 391 36.19 -27.34 -1.16
C ARG D 391 35.71 -25.93 -1.55
N ASP D 392 35.60 -25.05 -0.55
CA ASP D 392 35.21 -23.68 -0.75
C ASP D 392 36.18 -22.91 -1.62
N ASP D 393 37.44 -23.31 -1.71
CA ASP D 393 38.39 -22.56 -2.51
C ASP D 393 38.45 -23.08 -3.95
N MET D 394 37.78 -24.19 -4.26
CA MET D 394 37.83 -24.73 -5.61
C MET D 394 37.16 -23.82 -6.64
N THR D 395 37.61 -23.88 -7.89
CA THR D 395 37.07 -23.12 -8.99
C THR D 395 35.61 -23.48 -9.28
N CYS D 396 35.29 -24.77 -9.14
CA CYS D 396 33.94 -25.23 -9.40
C CYS D 396 32.98 -24.82 -8.28
N VAL D 397 33.49 -24.52 -7.09
CA VAL D 397 32.63 -24.09 -5.99
C VAL D 397 32.42 -22.58 -5.99
N LYS D 398 33.31 -21.82 -6.59
CA LYS D 398 33.25 -20.37 -6.61
C LYS D 398 32.59 -19.82 -7.86
N GLU D 399 32.71 -20.45 -9.02
CA GLU D 399 32.31 -19.89 -10.28
C GLU D 399 31.00 -20.47 -10.84
N GLU D 400 30.22 -19.59 -11.49
CA GLU D 400 28.97 -20.06 -12.08
C GLU D 400 29.30 -20.91 -13.33
N ILE D 401 28.89 -22.18 -13.26
CA ILE D 401 29.24 -23.08 -14.37
C ILE D 401 28.22 -22.98 -15.51
N PHE D 402 26.93 -23.03 -15.15
CA PHE D 402 25.91 -22.95 -16.18
C PHE D 402 25.87 -24.18 -17.08
N GLY D 403 26.03 -25.34 -16.47
CA GLY D 403 25.79 -26.66 -17.01
C GLY D 403 25.30 -27.52 -15.84
N PRO D 404 24.99 -28.77 -16.09
CA PRO D 404 24.48 -29.68 -15.07
C PRO D 404 25.56 -30.29 -14.22
N VAL D 405 26.06 -29.53 -13.24
CA VAL D 405 27.15 -29.92 -12.38
C VAL D 405 26.79 -29.50 -10.96
N MET D 406 26.32 -30.43 -10.14
CA MET D 406 26.07 -30.20 -8.71
C MET D 406 27.35 -30.39 -7.89
N SER D 407 27.79 -29.37 -7.11
CA SER D 407 28.87 -29.55 -6.15
C SER D 407 28.34 -29.77 -4.74
N VAL D 408 28.65 -30.89 -4.11
CA VAL D 408 28.13 -31.27 -2.79
C VAL D 408 29.22 -31.16 -1.74
N LEU D 409 28.92 -30.54 -0.60
CA LEU D 409 29.85 -30.30 0.49
C LEU D 409 29.25 -30.61 1.84
N PRO D 410 30.04 -31.11 2.79
CA PRO D 410 29.54 -31.47 4.12
C PRO D 410 29.55 -30.27 5.03
N PHE D 411 28.78 -30.28 6.11
CA PHE D 411 28.89 -29.17 7.06
C PHE D 411 28.55 -29.73 8.45
N ASP D 412 28.99 -29.05 9.51
CA ASP D 412 28.62 -29.56 10.83
C ASP D 412 27.59 -28.71 11.55
N THR D 413 27.69 -27.39 11.51
CA THR D 413 26.78 -26.55 12.28
C THR D 413 26.11 -25.46 11.44
N GLU D 414 25.02 -24.92 11.98
CA GLU D 414 24.23 -23.87 11.33
C GLU D 414 25.02 -22.56 11.18
N GLU D 415 25.70 -22.17 12.25
CA GLU D 415 26.57 -20.99 12.21
C GLU D 415 27.70 -21.16 11.20
N GLU D 416 28.30 -22.35 11.12
CA GLU D 416 29.30 -22.61 10.08
C GLU D 416 28.71 -22.50 8.67
N VAL D 417 27.66 -23.28 8.34
CA VAL D 417 27.18 -23.29 6.96
C VAL D 417 26.78 -21.87 6.51
N LEU D 418 26.08 -21.19 7.42
CA LEU D 418 25.65 -19.81 7.06
C LEU D 418 26.81 -18.93 6.65
N GLN D 419 27.96 -19.00 7.33
CA GLN D 419 29.08 -18.19 6.86
C GLN D 419 29.63 -18.67 5.53
N ARG D 420 29.73 -19.97 5.32
CA ARG D 420 30.25 -20.42 4.02
C ARG D 420 29.24 -20.12 2.90
N ALA D 421 27.94 -20.27 3.19
CA ALA D 421 26.95 -19.92 2.15
C ALA D 421 27.01 -18.45 1.75
N ASN D 422 27.17 -17.52 2.69
CA ASN D 422 27.21 -16.09 2.42
C ASN D 422 28.56 -15.55 1.99
N ASN D 423 29.63 -16.34 2.05
CA ASN D 423 30.96 -15.88 1.68
C ASN D 423 31.17 -15.88 0.16
N THR D 424 30.48 -14.99 -0.54
CA THR D 424 30.54 -14.91 -1.98
C THR D 424 30.07 -13.50 -2.35
N THR D 425 30.33 -13.11 -3.56
CA THR D 425 29.84 -11.83 -4.06
C THR D 425 28.50 -11.95 -4.78
N PHE D 426 28.13 -13.17 -5.08
CA PHE D 426 26.85 -13.49 -5.70
C PHE D 426 25.79 -13.47 -4.59
N GLY D 427 24.53 -13.44 -5.02
CA GLY D 427 23.44 -13.42 -4.06
C GLY D 427 22.08 -13.46 -4.76
N LEU D 428 21.93 -14.35 -5.73
CA LEU D 428 20.61 -14.43 -6.40
C LEU D 428 19.60 -15.21 -5.59
N ALA D 429 19.80 -16.49 -5.36
CA ALA D 429 18.84 -17.30 -4.63
C ALA D 429 19.51 -18.21 -3.60
N SER D 430 18.72 -19.06 -2.92
CA SER D 430 19.28 -20.00 -1.95
C SER D 430 18.17 -20.96 -1.56
N GLY D 431 18.44 -21.90 -0.62
CA GLY D 431 17.31 -22.68 -0.11
C GLY D 431 17.66 -23.35 1.21
N VAL D 432 16.65 -23.88 1.91
CA VAL D 432 16.92 -24.67 3.11
C VAL D 432 15.90 -25.79 3.25
N PHE D 433 16.42 -26.99 3.60
CA PHE D 433 15.57 -28.11 4.00
C PHE D 433 15.72 -28.43 5.48
N THR D 434 14.64 -28.31 6.25
CA THR D 434 14.62 -28.58 7.66
C THR D 434 13.18 -28.60 8.19
N ARG D 435 12.92 -29.27 9.30
CA ARG D 435 11.57 -29.40 9.79
C ARG D 435 11.23 -28.48 10.94
N ASP D 436 12.24 -28.02 11.66
CA ASP D 436 12.03 -27.10 12.78
C ASP D 436 11.62 -25.71 12.32
N ILE D 437 10.51 -25.18 12.87
CA ILE D 437 9.98 -23.90 12.39
C ILE D 437 10.91 -22.71 12.56
N SER D 438 11.55 -22.61 13.73
CA SER D 438 12.48 -21.51 14.00
C SER D 438 13.72 -21.60 13.13
N ARG D 439 14.26 -22.80 12.97
CA ARG D 439 15.43 -22.96 12.11
C ARG D 439 15.11 -22.58 10.67
N ALA D 440 14.04 -23.10 10.08
CA ALA D 440 13.64 -22.63 8.74
C ALA D 440 13.58 -21.13 8.58
N HIS D 441 12.90 -20.40 9.45
CA HIS D 441 12.76 -18.94 9.26
C HIS D 441 14.01 -18.14 9.55
N ARG D 442 14.77 -18.62 10.54
CA ARG D 442 16.04 -18.00 10.94
C ARG D 442 17.11 -18.19 9.87
N VAL D 443 17.21 -19.38 9.29
CA VAL D 443 18.16 -19.57 8.19
C VAL D 443 17.80 -18.70 6.99
N ALA D 444 16.52 -18.65 6.61
CA ALA D 444 16.08 -17.82 5.48
C ALA D 444 16.43 -16.36 5.73
N ALA D 445 16.24 -15.94 6.99
CA ALA D 445 16.53 -14.54 7.34
C ALA D 445 18.00 -14.20 7.27
N ASN D 446 18.91 -15.10 7.61
CA ASN D 446 20.34 -14.87 7.60
C ASN D 446 21.05 -15.14 6.28
N LEU D 447 20.38 -15.81 5.33
CA LEU D 447 20.97 -16.04 4.00
C LEU D 447 20.95 -14.76 3.20
N GLU D 448 22.07 -14.36 2.60
CA GLU D 448 22.12 -13.07 1.90
C GLU D 448 21.77 -13.18 0.42
N ALA D 449 20.49 -13.32 0.09
CA ALA D 449 20.13 -13.48 -1.33
C ALA D 449 18.73 -12.94 -1.60
N GLY D 450 18.40 -12.62 -2.84
CA GLY D 450 17.06 -12.14 -3.19
C GLY D 450 15.93 -13.13 -2.94
N THR D 451 16.17 -14.45 -2.98
CA THR D 451 15.15 -15.45 -2.83
C THR D 451 15.64 -16.60 -1.94
N CYS D 452 14.79 -17.07 -1.04
CA CYS D 452 15.10 -18.31 -0.32
C CYS D 452 13.89 -19.25 -0.39
N TYR D 453 14.13 -20.50 -0.76
CA TYR D 453 13.10 -21.51 -0.86
C TYR D 453 13.12 -22.35 0.40
N ILE D 454 12.02 -22.57 1.06
CA ILE D 454 11.95 -23.38 2.24
C ILE D 454 11.23 -24.67 1.92
N ASN D 455 12.00 -25.77 1.92
CA ASN D 455 11.50 -27.11 1.72
C ASN D 455 11.02 -27.34 0.29
N THR D 456 11.73 -26.71 -0.65
CA THR D 456 11.44 -26.92 -2.07
C THR D 456 12.56 -26.19 -2.83
N TYR D 457 12.53 -26.07 -4.12
CA TYR D 457 13.46 -25.27 -4.88
C TYR D 457 12.86 -24.94 -6.26
N SER D 458 13.24 -23.86 -6.90
CA SER D 458 12.90 -23.58 -8.28
C SER D 458 11.45 -23.17 -8.56
N ILE D 459 10.64 -22.79 -7.59
CA ILE D 459 9.30 -22.29 -7.87
C ILE D 459 9.45 -20.86 -8.40
N SER D 460 8.64 -20.46 -9.36
CA SER D 460 8.65 -19.10 -9.91
C SER D 460 7.27 -18.48 -10.01
N PRO D 461 6.66 -18.09 -8.91
CA PRO D 461 5.29 -17.54 -8.92
C PRO D 461 5.27 -16.19 -9.59
N VAL D 462 4.35 -15.86 -10.51
CA VAL D 462 4.23 -14.48 -10.96
C VAL D 462 3.86 -13.52 -9.82
N GLU D 463 3.17 -13.96 -8.78
CA GLU D 463 2.61 -13.11 -7.75
C GLU D 463 3.62 -12.39 -6.84
N VAL D 464 4.89 -12.83 -6.80
CA VAL D 464 5.93 -12.30 -5.93
C VAL D 464 7.13 -11.85 -6.72
N PRO D 465 7.91 -10.91 -6.22
CA PRO D 465 9.03 -10.34 -6.93
C PRO D 465 10.25 -11.27 -6.99
N PHE D 466 11.11 -11.07 -7.98
CA PHE D 466 12.30 -11.86 -8.18
C PHE D 466 13.50 -11.01 -8.65
N GLY D 467 14.62 -11.09 -7.91
CA GLY D 467 15.84 -10.45 -8.41
C GLY D 467 16.99 -10.60 -7.42
N GLY D 468 18.14 -9.97 -7.70
CA GLY D 468 19.35 -10.32 -6.95
C GLY D 468 19.70 -9.35 -5.85
N TYR D 469 20.59 -9.81 -4.97
CA TYR D 469 21.30 -9.05 -3.98
C TYR D 469 22.76 -8.98 -4.46
N LYS D 470 23.52 -8.08 -3.86
CA LYS D 470 24.93 -7.88 -4.11
C LYS D 470 25.28 -7.86 -5.59
N MET D 471 26.31 -8.64 -5.99
CA MET D 471 26.71 -8.63 -7.40
C MET D 471 25.85 -9.51 -8.30
N SER D 472 24.73 -10.06 -7.83
CA SER D 472 23.79 -10.74 -8.73
C SER D 472 22.79 -9.73 -9.32
N GLY D 473 22.92 -8.44 -9.03
CA GLY D 473 22.18 -7.39 -9.72
C GLY D 473 21.21 -6.66 -8.81
N PHE D 474 20.33 -5.85 -9.44
CA PHE D 474 19.29 -5.11 -8.68
C PHE D 474 18.09 -4.89 -9.59
N GLY D 475 16.94 -4.53 -9.06
CA GLY D 475 15.69 -4.43 -9.79
C GLY D 475 14.97 -5.77 -9.59
N ARG D 476 13.66 -5.77 -9.89
CA ARG D 476 12.89 -6.99 -9.76
C ARG D 476 12.12 -7.26 -11.05
N GLU D 477 11.58 -8.45 -11.20
CA GLU D 477 10.65 -8.97 -12.16
C GLU D 477 9.57 -9.77 -11.44
N ASN D 478 8.35 -9.78 -11.95
CA ASN D 478 7.22 -10.39 -11.29
C ASN D 478 6.82 -9.66 -10.00
N GLY D 479 5.60 -9.96 -9.54
CA GLY D 479 5.10 -9.34 -8.31
C GLY D 479 4.67 -7.89 -8.51
N GLN D 480 4.26 -7.25 -7.42
CA GLN D 480 3.86 -5.84 -7.51
C GLN D 480 5.01 -4.84 -7.48
N ALA D 481 6.18 -5.22 -6.90
CA ALA D 481 7.29 -4.26 -6.79
C ALA D 481 7.83 -3.83 -8.14
N THR D 482 7.75 -4.75 -9.12
CA THR D 482 8.31 -4.53 -10.46
C THR D 482 7.71 -3.34 -11.17
N VAL D 483 6.48 -2.92 -10.87
CA VAL D 483 5.90 -1.74 -11.48
C VAL D 483 6.72 -0.48 -11.23
N ASP D 484 7.36 -0.33 -10.07
CA ASP D 484 8.21 0.81 -9.73
C ASP D 484 9.48 0.90 -10.55
N TYR D 485 9.90 -0.16 -11.23
CA TYR D 485 11.05 -0.08 -12.14
C TYR D 485 10.64 0.25 -13.57
N TYR D 486 9.35 0.34 -13.87
CA TYR D 486 8.86 0.64 -15.21
C TYR D 486 7.93 1.85 -15.19
N SER D 487 7.89 2.60 -14.11
CA SER D 487 7.14 3.86 -14.05
C SER D 487 7.85 4.77 -13.03
N GLN D 488 7.54 6.03 -12.95
CA GLN D 488 8.24 7.03 -12.16
C GLN D 488 7.15 7.98 -11.62
N LEU D 489 7.37 8.51 -10.43
CA LEU D 489 6.40 9.38 -9.79
C LEU D 489 6.72 10.84 -10.07
N LYS D 490 5.73 11.65 -10.46
CA LYS D 490 5.92 13.09 -10.59
C LYS D 490 5.16 13.72 -9.39
N THR D 491 5.82 14.56 -8.61
CA THR D 491 5.17 15.19 -7.45
C THR D 491 4.58 16.55 -7.83
N VAL D 492 3.28 16.70 -7.57
CA VAL D 492 2.62 17.94 -8.02
C VAL D 492 2.11 18.65 -6.76
N ILE D 493 2.60 19.85 -6.50
CA ILE D 493 2.27 20.58 -5.28
C ILE D 493 1.36 21.76 -5.65
N VAL D 494 0.17 21.79 -5.04
CA VAL D 494 -0.77 22.86 -5.38
C VAL D 494 -1.05 23.78 -4.19
N GLU D 495 -0.66 25.04 -4.40
CA GLU D 495 -0.88 26.12 -3.48
C GLU D 495 -2.31 26.59 -3.62
N MET D 496 -3.09 26.55 -2.54
CA MET D 496 -4.51 26.93 -2.65
C MET D 496 -4.75 28.40 -2.43
N GLY D 497 -3.76 29.14 -1.91
CA GLY D 497 -3.91 30.55 -1.59
C GLY D 497 -2.86 31.40 -2.27
N ASP D 498 -2.31 32.36 -1.53
CA ASP D 498 -1.28 33.24 -2.03
C ASP D 498 0.10 32.64 -1.78
N VAL D 499 1.09 33.11 -2.53
CA VAL D 499 2.45 32.59 -2.35
C VAL D 499 3.16 33.17 -1.13
N ASP D 500 3.78 32.33 -0.32
CA ASP D 500 4.70 32.75 0.73
C ASP D 500 6.07 33.10 0.15
N SER D 501 6.45 34.37 0.31
CA SER D 501 7.63 34.88 -0.32
C SER D 501 8.52 35.69 0.62
N LEU D 502 9.81 35.59 0.42
CA LEU D 502 10.79 36.35 1.18
C LEU D 502 11.15 37.60 0.37
N PHE D 503 10.66 37.69 -0.86
CA PHE D 503 11.08 38.73 -1.81
C PHE D 503 9.89 39.55 -2.36
#